data_2YUK
#
_entry.id   2YUK
#
_entity_poly.entity_id   1
_entity_poly.type   'polypeptide(L)'
_entity_poly.pdbx_seq_one_letter_code
;GSSGSSGNAQRSTLKWEKEEALGEMATVAPVLYTNINFPNLKEEFPDWTTRVKQIAKLWRKASSQERAPYVQKARDNRAA
LRINKVQMSN
;
_entity_poly.pdbx_strand_id   A
#
# COMPACT_ATOMS: atom_id res chain seq x y z
N GLY A 1 13.32 -16.77 8.59
CA GLY A 1 12.15 -17.13 7.84
C GLY A 1 10.97 -17.46 8.73
N SER A 2 9.80 -16.94 8.37
CA SER A 2 8.59 -17.17 9.16
C SER A 2 7.87 -18.43 8.70
N SER A 3 6.83 -18.82 9.43
CA SER A 3 6.08 -20.02 9.09
C SER A 3 4.65 -19.66 8.72
N GLY A 4 3.88 -20.67 8.31
CA GLY A 4 2.50 -20.44 7.93
C GLY A 4 2.21 -20.87 6.50
N SER A 5 1.49 -20.02 5.76
CA SER A 5 1.15 -20.31 4.37
C SER A 5 1.80 -19.30 3.43
N SER A 6 2.38 -19.80 2.35
CA SER A 6 3.04 -18.95 1.36
C SER A 6 2.29 -17.62 1.22
N GLY A 7 2.99 -16.52 1.48
CA GLY A 7 2.39 -15.20 1.38
C GLY A 7 1.37 -15.13 0.26
N ASN A 8 0.13 -14.79 0.60
CA ASN A 8 -0.94 -14.68 -0.38
C ASN A 8 -0.47 -13.92 -1.61
N ALA A 9 -0.34 -14.63 -2.73
CA ALA A 9 0.10 -14.02 -3.98
C ALA A 9 -1.08 -13.55 -4.81
N GLN A 10 -1.60 -12.37 -4.49
CA GLN A 10 -2.75 -11.82 -5.22
C GLN A 10 -3.03 -10.39 -4.76
N ARG A 11 -2.71 -9.43 -5.62
CA ARG A 11 -2.94 -8.02 -5.31
C ARG A 11 -4.41 -7.66 -5.43
N SER A 12 -4.99 -7.17 -4.34
CA SER A 12 -6.40 -6.80 -4.32
C SER A 12 -6.66 -5.71 -3.28
N THR A 13 -7.75 -4.97 -3.47
CA THR A 13 -8.12 -3.90 -2.55
C THR A 13 -8.29 -4.43 -1.12
N LEU A 14 -8.54 -5.72 -1.01
CA LEU A 14 -8.72 -6.36 0.30
C LEU A 14 -7.45 -6.22 1.15
N LYS A 15 -6.31 -6.14 0.49
CA LYS A 15 -5.04 -5.99 1.18
C LYS A 15 -4.74 -4.53 1.46
N TRP A 16 -4.90 -3.69 0.45
CA TRP A 16 -4.65 -2.26 0.58
C TRP A 16 -5.18 -1.75 1.91
N GLU A 17 -6.44 -2.06 2.21
CA GLU A 17 -7.07 -1.62 3.45
C GLU A 17 -6.13 -1.84 4.64
N LYS A 18 -5.39 -2.94 4.61
CA LYS A 18 -4.45 -3.27 5.68
C LYS A 18 -3.24 -2.34 5.65
N GLU A 19 -2.55 -2.31 4.51
CA GLU A 19 -1.38 -1.47 4.35
C GLU A 19 -1.71 0.00 4.65
N GLU A 20 -2.98 0.35 4.49
CA GLU A 20 -3.44 1.71 4.74
C GLU A 20 -3.18 2.11 6.20
N ALA A 21 -3.24 1.13 7.09
CA ALA A 21 -3.01 1.39 8.51
C ALA A 21 -1.53 1.58 8.80
N LEU A 22 -0.68 0.93 8.01
CA LEU A 22 0.76 1.03 8.18
C LEU A 22 1.28 2.37 7.67
N GLY A 23 0.43 3.07 6.92
CA GLY A 23 0.82 4.36 6.38
C GLY A 23 2.13 4.30 5.61
N GLU A 24 3.14 5.01 6.11
CA GLU A 24 4.44 5.03 5.46
C GLU A 24 5.05 3.63 5.39
N MET A 25 4.50 2.72 6.19
CA MET A 25 4.97 1.34 6.22
C MET A 25 4.22 0.48 5.19
N ALA A 26 3.31 1.11 4.45
CA ALA A 26 2.53 0.40 3.46
C ALA A 26 3.42 -0.44 2.55
N THR A 27 3.13 -1.74 2.47
CA THR A 27 3.90 -2.65 1.65
C THR A 27 3.46 -2.58 0.19
N VAL A 28 2.76 -1.51 -0.17
CA VAL A 28 2.28 -1.33 -1.54
C VAL A 28 2.80 -0.02 -2.12
N ALA A 29 2.85 0.04 -3.45
CA ALA A 29 3.33 1.22 -4.14
C ALA A 29 2.33 2.37 -4.01
N PRO A 30 1.10 2.12 -4.48
CA PRO A 30 0.01 3.12 -4.43
C PRO A 30 -0.46 3.40 -3.01
N VAL A 31 -0.78 2.33 -2.28
CA VAL A 31 -1.25 2.46 -0.91
C VAL A 31 -0.23 3.19 -0.05
N LEU A 32 0.99 3.29 -0.54
CA LEU A 32 2.06 3.98 0.19
C LEU A 32 2.13 5.44 -0.23
N TYR A 33 2.25 5.68 -1.53
CA TYR A 33 2.34 7.04 -2.07
C TYR A 33 1.31 7.95 -1.38
N THR A 34 0.05 7.54 -1.41
CA THR A 34 -1.02 8.32 -0.81
C THR A 34 -0.79 8.51 0.68
N ASN A 35 -0.42 7.43 1.36
CA ASN A 35 -0.16 7.47 2.80
C ASN A 35 0.78 8.63 3.15
N ILE A 36 1.71 8.92 2.24
CA ILE A 36 2.66 9.99 2.45
C ILE A 36 2.16 11.30 1.84
N ASN A 37 2.04 11.32 0.52
CA ASN A 37 1.56 12.51 -0.19
C ASN A 37 0.26 13.03 0.43
N PHE A 38 -0.68 12.12 0.65
CA PHE A 38 -1.97 12.48 1.24
C PHE A 38 -2.12 11.87 2.62
N PRO A 39 -1.59 12.57 3.64
CA PRO A 39 -1.66 12.11 5.03
C PRO A 39 -3.07 12.19 5.60
N ASN A 40 -3.80 13.24 5.22
CA ASN A 40 -5.16 13.43 5.70
C ASN A 40 -6.16 12.74 4.78
N LEU A 41 -5.64 11.93 3.85
CA LEU A 41 -6.48 11.21 2.91
C LEU A 41 -7.77 10.72 3.59
N LYS A 42 -7.61 9.85 4.58
CA LYS A 42 -8.74 9.30 5.31
C LYS A 42 -9.82 10.37 5.49
N GLU A 43 -9.41 11.56 5.90
CA GLU A 43 -10.35 12.66 6.11
C GLU A 43 -11.13 12.97 4.83
N GLU A 44 -10.41 13.28 3.76
CA GLU A 44 -11.03 13.60 2.48
C GLU A 44 -12.00 12.49 2.07
N PHE A 45 -11.60 11.25 2.30
CA PHE A 45 -12.44 10.10 1.95
C PHE A 45 -12.48 9.09 3.10
N PRO A 46 -13.50 9.21 3.95
CA PRO A 46 -13.68 8.31 5.10
C PRO A 46 -14.07 6.90 4.67
N ASP A 47 -15.00 6.80 3.73
CA ASP A 47 -15.45 5.51 3.23
C ASP A 47 -14.39 4.86 2.35
N TRP A 48 -13.85 3.75 2.82
CA TRP A 48 -12.83 3.02 2.08
C TRP A 48 -13.20 2.88 0.61
N THR A 49 -14.34 2.24 0.35
CA THR A 49 -14.82 2.04 -1.00
C THR A 49 -14.62 3.29 -1.85
N THR A 50 -14.60 4.45 -1.19
CA THR A 50 -14.41 5.71 -1.87
C THR A 50 -12.96 6.16 -1.82
N ARG A 51 -12.30 5.90 -0.70
CA ARG A 51 -10.90 6.28 -0.52
C ARG A 51 -10.00 5.46 -1.45
N VAL A 52 -10.16 4.14 -1.39
CA VAL A 52 -9.34 3.25 -2.23
C VAL A 52 -9.28 3.76 -3.66
N LYS A 53 -10.41 4.20 -4.19
CA LYS A 53 -10.47 4.71 -5.55
C LYS A 53 -9.55 5.90 -5.73
N GLN A 54 -9.47 6.74 -4.70
CA GLN A 54 -8.62 7.92 -4.74
C GLN A 54 -7.16 7.53 -4.82
N ILE A 55 -6.82 6.40 -4.21
CA ILE A 55 -5.44 5.91 -4.20
C ILE A 55 -5.00 5.52 -5.61
N ALA A 56 -5.92 4.96 -6.39
CA ALA A 56 -5.63 4.53 -7.75
C ALA A 56 -5.46 5.73 -8.67
N LYS A 57 -6.48 6.58 -8.74
CA LYS A 57 -6.44 7.76 -9.59
C LYS A 57 -5.17 8.57 -9.33
N LEU A 58 -4.89 8.82 -8.06
CA LEU A 58 -3.71 9.58 -7.68
C LEU A 58 -2.43 8.85 -8.09
N TRP A 59 -2.44 7.54 -7.94
CA TRP A 59 -1.29 6.71 -8.29
C TRP A 59 -1.01 6.79 -9.80
N ARG A 60 -2.05 6.61 -10.60
CA ARG A 60 -1.91 6.66 -12.05
C ARG A 60 -1.44 8.03 -12.51
N LYS A 61 -1.92 9.07 -11.83
CA LYS A 61 -1.55 10.44 -12.18
C LYS A 61 -0.04 10.61 -12.13
N ALA A 62 0.60 10.05 -11.11
CA ALA A 62 2.05 10.14 -10.97
C ALA A 62 2.76 9.43 -12.12
N SER A 63 3.96 9.89 -12.44
CA SER A 63 4.74 9.31 -13.51
C SER A 63 5.63 8.18 -12.99
N SER A 64 5.99 7.25 -13.87
CA SER A 64 6.83 6.12 -13.49
C SER A 64 8.04 6.59 -12.69
N GLN A 65 8.71 7.62 -13.19
CA GLN A 65 9.89 8.16 -12.53
C GLN A 65 9.55 8.58 -11.10
N GLU A 66 8.28 8.90 -10.86
CA GLU A 66 7.83 9.32 -9.54
C GLU A 66 7.58 8.11 -8.65
N ARG A 67 7.02 7.06 -9.24
CA ARG A 67 6.71 5.84 -8.49
C ARG A 67 7.96 4.99 -8.28
N ALA A 68 9.00 5.29 -9.06
CA ALA A 68 10.26 4.56 -8.97
C ALA A 68 10.56 4.16 -7.53
N PRO A 69 10.65 5.17 -6.64
CA PRO A 69 10.93 4.95 -5.21
C PRO A 69 9.76 4.28 -4.49
N TYR A 70 8.57 4.85 -4.66
CA TYR A 70 7.38 4.30 -4.01
C TYR A 70 7.12 2.88 -4.46
N VAL A 71 7.77 2.47 -5.55
CA VAL A 71 7.61 1.12 -6.08
C VAL A 71 8.55 0.15 -5.37
N GLN A 72 9.76 0.60 -5.09
CA GLN A 72 10.75 -0.24 -4.42
C GLN A 72 10.51 -0.26 -2.91
N LYS A 73 10.30 0.92 -2.33
CA LYS A 73 10.06 1.03 -0.90
C LYS A 73 9.01 0.03 -0.44
N ALA A 74 7.90 -0.03 -1.18
CA ALA A 74 6.81 -0.94 -0.85
C ALA A 74 7.33 -2.36 -0.68
N ARG A 75 8.21 -2.77 -1.59
CA ARG A 75 8.77 -4.12 -1.54
C ARG A 75 9.70 -4.28 -0.35
N ASP A 76 10.56 -3.29 -0.14
CA ASP A 76 11.50 -3.32 0.98
C ASP A 76 10.77 -3.28 2.31
N ASN A 77 9.62 -2.63 2.32
CA ASN A 77 8.80 -2.51 3.54
C ASN A 77 8.38 -3.88 4.03
N ARG A 78 8.20 -4.82 3.10
CA ARG A 78 7.78 -6.17 3.44
C ARG A 78 8.88 -6.90 4.20
N ALA A 79 10.13 -6.58 3.88
CA ALA A 79 11.27 -7.20 4.54
C ALA A 79 11.41 -6.72 5.98
N ALA A 80 11.38 -5.40 6.16
CA ALA A 80 11.50 -4.81 7.49
C ALA A 80 10.71 -5.60 8.52
N LEU A 81 9.51 -6.04 8.13
CA LEU A 81 8.66 -6.81 9.03
C LEU A 81 9.37 -8.08 9.50
N ARG A 82 9.72 -8.94 8.55
CA ARG A 82 10.40 -10.19 8.87
C ARG A 82 11.60 -9.94 9.78
N ILE A 83 12.42 -8.96 9.41
CA ILE A 83 13.60 -8.62 10.19
C ILE A 83 13.20 -8.01 11.54
N ASN A 84 12.74 -6.77 11.51
CA ASN A 84 12.33 -6.08 12.72
C ASN A 84 11.31 -6.90 13.50
N LYS A 85 10.87 -6.36 14.63
CA LYS A 85 9.88 -7.04 15.46
C LYS A 85 10.42 -8.37 15.97
N VAL A 86 11.70 -8.39 16.32
CA VAL A 86 12.33 -9.60 16.82
C VAL A 86 11.46 -10.30 17.85
N GLN A 87 11.12 -11.56 17.58
CA GLN A 87 10.29 -12.34 18.48
C GLN A 87 10.77 -13.77 18.58
N MET A 88 10.62 -14.37 19.75
CA MET A 88 11.05 -15.74 19.97
C MET A 88 9.86 -16.64 20.31
N SER A 89 9.62 -17.64 19.47
CA SER A 89 8.51 -18.56 19.68
C SER A 89 9.01 -20.00 19.77
N ASN A 90 8.42 -20.76 20.68
CA ASN A 90 8.80 -22.16 20.87
C ASN A 90 8.02 -23.07 19.95
N GLY A 1 8.79 -4.15 -36.77
CA GLY A 1 8.14 -2.96 -36.26
C GLY A 1 7.41 -3.20 -34.95
N SER A 2 6.69 -2.18 -34.49
CA SER A 2 5.95 -2.29 -33.23
C SER A 2 4.60 -2.96 -33.46
N SER A 3 4.58 -4.28 -33.32
CA SER A 3 3.35 -5.05 -33.51
C SER A 3 2.32 -4.71 -32.44
N GLY A 4 2.74 -4.81 -31.18
CA GLY A 4 1.84 -4.51 -30.07
C GLY A 4 2.19 -5.29 -28.82
N SER A 5 1.69 -4.82 -27.68
CA SER A 5 1.96 -5.48 -26.41
C SER A 5 0.69 -5.54 -25.56
N SER A 6 0.72 -6.38 -24.53
CA SER A 6 -0.43 -6.54 -23.64
C SER A 6 -0.08 -6.09 -22.22
N GLY A 7 -0.74 -5.03 -21.77
CA GLY A 7 -0.49 -4.52 -20.44
C GLY A 7 -1.77 -4.18 -19.69
N ASN A 8 -2.30 -5.17 -18.97
CA ASN A 8 -3.53 -4.97 -18.21
C ASN A 8 -3.22 -4.62 -16.76
N ALA A 9 -4.05 -3.73 -16.18
CA ALA A 9 -3.86 -3.31 -14.79
C ALA A 9 -4.36 -4.37 -13.83
N GLN A 10 -3.61 -4.59 -12.75
CA GLN A 10 -3.99 -5.59 -11.75
C GLN A 10 -3.65 -5.09 -10.34
N ARG A 11 -4.68 -4.78 -9.57
CA ARG A 11 -4.50 -4.29 -8.22
C ARG A 11 -5.42 -5.04 -7.24
N SER A 12 -4.90 -5.33 -6.05
CA SER A 12 -5.67 -6.03 -5.04
C SER A 12 -6.09 -5.09 -3.92
N THR A 13 -7.33 -4.61 -4.00
CA THR A 13 -7.86 -3.70 -3.00
C THR A 13 -8.01 -4.38 -1.64
N LEU A 14 -7.92 -5.71 -1.65
CA LEU A 14 -8.03 -6.49 -0.43
C LEU A 14 -6.75 -6.40 0.40
N LYS A 15 -5.67 -5.94 -0.22
CA LYS A 15 -4.39 -5.80 0.45
C LYS A 15 -4.00 -4.34 0.58
N TRP A 16 -5.00 -3.46 0.64
CA TRP A 16 -4.75 -2.03 0.76
C TRP A 16 -5.26 -1.51 2.11
N GLU A 17 -6.40 -2.02 2.54
CA GLU A 17 -6.98 -1.61 3.81
C GLU A 17 -6.04 -1.89 4.97
N LYS A 18 -5.19 -2.90 4.79
CA LYS A 18 -4.22 -3.29 5.82
C LYS A 18 -3.00 -2.37 5.78
N GLU A 19 -2.38 -2.27 4.61
CA GLU A 19 -1.20 -1.43 4.44
C GLU A 19 -1.53 0.03 4.74
N GLU A 20 -2.81 0.38 4.63
CA GLU A 20 -3.24 1.75 4.89
C GLU A 20 -2.95 2.16 6.33
N ALA A 21 -3.01 1.20 7.23
CA ALA A 21 -2.75 1.45 8.65
C ALA A 21 -1.26 1.65 8.89
N LEU A 22 -0.43 1.00 8.09
CA LEU A 22 1.02 1.11 8.22
C LEU A 22 1.51 2.46 7.70
N GLY A 23 0.65 3.14 6.95
CA GLY A 23 1.02 4.43 6.39
C GLY A 23 2.32 4.39 5.62
N GLU A 24 3.33 5.10 6.11
CA GLU A 24 4.63 5.14 5.46
C GLU A 24 5.25 3.75 5.39
N MET A 25 4.69 2.82 6.17
CA MET A 25 5.18 1.45 6.19
C MET A 25 4.42 0.58 5.20
N ALA A 26 3.48 1.18 4.48
CA ALA A 26 2.68 0.47 3.50
C ALA A 26 3.57 -0.37 2.58
N THR A 27 3.28 -1.67 2.50
CA THR A 27 4.05 -2.58 1.66
C THR A 27 3.60 -2.49 0.21
N VAL A 28 2.72 -1.54 -0.08
CA VAL A 28 2.21 -1.35 -1.43
C VAL A 28 2.76 -0.07 -2.06
N ALA A 29 2.75 -0.01 -3.38
CA ALA A 29 3.25 1.16 -4.11
C ALA A 29 2.30 2.34 -3.95
N PRO A 30 1.05 2.16 -4.40
CA PRO A 30 0.02 3.21 -4.33
C PRO A 30 -0.42 3.49 -2.90
N VAL A 31 -0.78 2.43 -2.17
CA VAL A 31 -1.22 2.55 -0.79
C VAL A 31 -0.18 3.28 0.06
N LEU A 32 1.07 3.30 -0.43
CA LEU A 32 2.15 3.96 0.28
C LEU A 32 2.28 5.41 -0.14
N TYR A 33 2.31 5.64 -1.45
CA TYR A 33 2.43 6.99 -1.99
C TYR A 33 1.44 7.94 -1.30
N THR A 34 0.16 7.60 -1.36
CA THR A 34 -0.88 8.41 -0.75
C THR A 34 -0.63 8.59 0.75
N ASN A 35 -0.38 7.49 1.44
CA ASN A 35 -0.12 7.53 2.87
C ASN A 35 0.80 8.68 3.23
N ILE A 36 1.74 8.98 2.34
CA ILE A 36 2.70 10.06 2.56
C ILE A 36 2.19 11.37 1.96
N ASN A 37 2.02 11.38 0.64
CA ASN A 37 1.54 12.57 -0.06
C ASN A 37 0.24 13.07 0.56
N PHE A 38 -0.75 12.19 0.68
CA PHE A 38 -2.04 12.54 1.25
C PHE A 38 -2.20 11.92 2.63
N PRO A 39 -1.68 12.62 3.67
CA PRO A 39 -1.76 12.15 5.05
C PRO A 39 -3.19 12.21 5.60
N ASN A 40 -3.90 13.28 5.25
CA ASN A 40 -5.28 13.46 5.71
C ASN A 40 -6.25 12.72 4.80
N LEU A 41 -5.72 11.94 3.87
CA LEU A 41 -6.54 11.18 2.93
C LEU A 41 -7.81 10.68 3.61
N LYS A 42 -7.63 9.96 4.72
CA LYS A 42 -8.76 9.41 5.46
C LYS A 42 -9.88 10.44 5.58
N GLU A 43 -9.53 11.63 6.06
CA GLU A 43 -10.51 12.70 6.22
C GLU A 43 -11.24 12.98 4.90
N GLU A 44 -10.48 13.35 3.88
CA GLU A 44 -11.05 13.65 2.57
C GLU A 44 -11.99 12.53 2.12
N PHE A 45 -11.59 11.29 2.37
CA PHE A 45 -12.40 10.14 1.99
C PHE A 45 -12.46 9.12 3.13
N PRO A 46 -13.51 9.23 3.96
CA PRO A 46 -13.71 8.33 5.10
C PRO A 46 -14.08 6.92 4.67
N ASP A 47 -15.07 6.82 3.79
CA ASP A 47 -15.51 5.52 3.29
C ASP A 47 -14.45 4.88 2.40
N TRP A 48 -13.98 3.71 2.79
CA TRP A 48 -12.96 2.99 2.04
C TRP A 48 -13.38 2.84 0.57
N THR A 49 -14.51 2.19 0.35
CA THR A 49 -15.02 1.99 -1.01
C THR A 49 -14.89 3.25 -1.84
N THR A 50 -14.83 4.40 -1.17
CA THR A 50 -14.70 5.68 -1.86
C THR A 50 -13.26 6.17 -1.84
N ARG A 51 -12.53 5.83 -0.78
CA ARG A 51 -11.14 6.23 -0.65
C ARG A 51 -10.25 5.42 -1.59
N VAL A 52 -10.38 4.11 -1.54
CA VAL A 52 -9.59 3.22 -2.39
C VAL A 52 -9.60 3.70 -3.83
N LYS A 53 -10.77 4.08 -4.32
CA LYS A 53 -10.91 4.56 -5.69
C LYS A 53 -9.97 5.72 -5.96
N GLN A 54 -9.83 6.61 -4.98
CA GLN A 54 -8.95 7.77 -5.12
C GLN A 54 -7.50 7.33 -5.29
N ILE A 55 -6.99 6.59 -4.30
CA ILE A 55 -5.61 6.11 -4.36
C ILE A 55 -5.22 5.69 -5.77
N ALA A 56 -6.18 5.12 -6.49
CA ALA A 56 -5.94 4.66 -7.85
C ALA A 56 -5.62 5.84 -8.77
N LYS A 57 -6.51 6.82 -8.82
CA LYS A 57 -6.31 7.99 -9.66
C LYS A 57 -5.03 8.71 -9.28
N LEU A 58 -4.85 8.98 -7.99
CA LEU A 58 -3.66 9.66 -7.50
C LEU A 58 -2.40 8.90 -7.88
N TRP A 59 -2.51 7.57 -7.92
CA TRP A 59 -1.37 6.73 -8.26
C TRP A 59 -1.06 6.82 -9.76
N ARG A 60 -2.08 6.58 -10.58
CA ARG A 60 -1.92 6.63 -12.02
C ARG A 60 -1.43 8.01 -12.47
N LYS A 61 -1.93 9.05 -11.80
CA LYS A 61 -1.55 10.42 -12.13
C LYS A 61 -0.04 10.58 -12.10
N ALA A 62 0.60 9.95 -11.12
CA ALA A 62 2.05 10.02 -10.97
C ALA A 62 2.76 9.29 -12.11
N SER A 63 3.92 9.79 -12.51
CA SER A 63 4.69 9.19 -13.58
C SER A 63 5.56 8.05 -13.06
N SER A 64 5.91 7.13 -13.95
CA SER A 64 6.75 5.99 -13.57
C SER A 64 7.95 6.44 -12.76
N GLN A 65 8.65 7.44 -13.26
CA GLN A 65 9.83 7.97 -12.58
C GLN A 65 9.49 8.40 -11.15
N GLU A 66 8.21 8.71 -10.93
CA GLU A 66 7.76 9.14 -9.60
C GLU A 66 7.47 7.93 -8.71
N ARG A 67 6.95 6.87 -9.31
CA ARG A 67 6.63 5.66 -8.58
C ARG A 67 7.87 4.81 -8.35
N ALA A 68 8.95 5.14 -9.06
CA ALA A 68 10.20 4.41 -8.93
C ALA A 68 10.49 4.05 -7.47
N PRO A 69 10.55 5.08 -6.62
CA PRO A 69 10.81 4.90 -5.18
C PRO A 69 9.65 4.22 -4.46
N TYR A 70 8.45 4.74 -4.68
CA TYR A 70 7.25 4.18 -4.05
C TYR A 70 7.03 2.74 -4.47
N VAL A 71 7.67 2.34 -5.57
CA VAL A 71 7.54 0.98 -6.07
C VAL A 71 8.54 0.04 -5.39
N GLN A 72 9.74 0.54 -5.15
CA GLN A 72 10.78 -0.25 -4.50
C GLN A 72 10.59 -0.27 -3.00
N LYS A 73 10.38 0.91 -2.41
CA LYS A 73 10.17 1.03 -0.98
C LYS A 73 9.12 0.04 -0.49
N ALA A 74 7.98 0.01 -1.18
CA ALA A 74 6.90 -0.90 -0.82
C ALA A 74 7.40 -2.34 -0.71
N ARG A 75 8.33 -2.70 -1.57
CA ARG A 75 8.90 -4.04 -1.57
C ARG A 75 9.82 -4.25 -0.36
N ASP A 76 10.64 -3.24 -0.08
CA ASP A 76 11.58 -3.32 1.04
C ASP A 76 10.83 -3.30 2.37
N ASN A 77 9.72 -2.57 2.41
CA ASN A 77 8.92 -2.48 3.63
C ASN A 77 8.51 -3.86 4.11
N ARG A 78 8.24 -4.76 3.17
CA ARG A 78 7.85 -6.13 3.49
C ARG A 78 8.95 -6.85 4.26
N ALA A 79 10.19 -6.55 3.92
CA ALA A 79 11.34 -7.17 4.57
C ALA A 79 11.44 -6.74 6.03
N ALA A 80 11.39 -5.43 6.26
CA ALA A 80 11.47 -4.90 7.62
C ALA A 80 10.60 -5.69 8.58
N LEU A 81 9.40 -6.06 8.12
CA LEU A 81 8.47 -6.82 8.94
C LEU A 81 9.11 -8.12 9.42
N ARG A 82 9.48 -8.97 8.47
CA ARG A 82 10.11 -10.26 8.80
C ARG A 82 11.18 -10.07 9.87
N ILE A 83 12.16 -9.23 9.59
CA ILE A 83 13.25 -8.96 10.52
C ILE A 83 12.72 -8.47 11.86
N ASN A 84 12.09 -7.29 11.84
CA ASN A 84 11.53 -6.71 13.06
C ASN A 84 10.40 -7.58 13.61
N LYS A 85 9.84 -7.17 14.74
CA LYS A 85 8.75 -7.90 15.36
C LYS A 85 8.88 -9.40 15.11
N VAL A 86 10.09 -9.91 15.26
CA VAL A 86 10.36 -11.33 15.06
C VAL A 86 9.23 -12.19 15.63
N GLN A 87 8.58 -12.96 14.76
CA GLN A 87 7.49 -13.83 15.18
C GLN A 87 8.02 -15.19 15.64
N MET A 88 8.70 -15.89 14.75
CA MET A 88 9.26 -17.20 15.06
C MET A 88 10.41 -17.07 16.05
N SER A 89 10.59 -18.11 16.87
CA SER A 89 11.66 -18.12 17.87
C SER A 89 12.47 -19.41 17.79
N ASN A 90 13.68 -19.31 17.28
CA ASN A 90 14.56 -20.47 17.15
C ASN A 90 14.96 -21.00 18.53
N GLY A 1 -14.99 5.53 -26.49
CA GLY A 1 -15.86 5.16 -27.58
C GLY A 1 -17.29 4.97 -27.14
N SER A 2 -18.02 4.10 -27.82
CA SER A 2 -19.41 3.83 -27.50
C SER A 2 -19.53 2.70 -26.49
N SER A 3 -19.42 3.05 -25.21
CA SER A 3 -19.51 2.06 -24.14
C SER A 3 -20.23 2.64 -22.93
N GLY A 4 -21.20 1.89 -22.41
CA GLY A 4 -21.95 2.34 -21.25
C GLY A 4 -22.44 1.18 -20.40
N SER A 5 -21.51 0.46 -19.79
CA SER A 5 -21.86 -0.68 -18.94
C SER A 5 -20.69 -1.05 -18.03
N SER A 6 -21.02 -1.67 -16.90
CA SER A 6 -20.00 -2.07 -15.93
C SER A 6 -20.51 -3.20 -15.04
N GLY A 7 -19.59 -3.91 -14.41
CA GLY A 7 -19.96 -5.00 -13.53
C GLY A 7 -18.87 -6.06 -13.42
N ASN A 8 -18.51 -6.65 -14.55
CA ASN A 8 -17.47 -7.68 -14.57
C ASN A 8 -16.09 -7.05 -14.52
N ALA A 9 -15.53 -6.94 -13.32
CA ALA A 9 -14.21 -6.35 -13.14
C ALA A 9 -13.50 -6.98 -11.94
N GLN A 10 -12.17 -7.07 -12.02
CA GLN A 10 -11.37 -7.64 -10.96
C GLN A 10 -10.94 -6.57 -9.97
N ARG A 11 -11.70 -6.44 -8.88
CA ARG A 11 -11.39 -5.44 -7.85
C ARG A 11 -10.57 -6.06 -6.72
N SER A 12 -9.26 -6.14 -6.92
CA SER A 12 -8.37 -6.72 -5.92
C SER A 12 -7.96 -5.67 -4.89
N THR A 13 -8.85 -5.39 -3.95
CA THR A 13 -8.57 -4.41 -2.90
C THR A 13 -8.82 -4.98 -1.52
N LEU A 14 -7.83 -5.66 -0.97
CA LEU A 14 -7.94 -6.27 0.35
C LEU A 14 -6.76 -5.87 1.24
N LYS A 15 -5.55 -6.18 0.77
CA LYS A 15 -4.34 -5.86 1.52
C LYS A 15 -4.20 -4.36 1.71
N TRP A 16 -4.56 -3.60 0.68
CA TRP A 16 -4.48 -2.15 0.73
C TRP A 16 -5.05 -1.62 2.05
N GLU A 17 -6.27 -2.03 2.38
CA GLU A 17 -6.92 -1.60 3.60
C GLU A 17 -6.00 -1.80 4.81
N LYS A 18 -5.22 -2.87 4.77
CA LYS A 18 -4.29 -3.17 5.86
C LYS A 18 -3.09 -2.24 5.82
N GLU A 19 -2.41 -2.19 4.68
CA GLU A 19 -1.24 -1.34 4.52
C GLU A 19 -1.58 0.12 4.82
N GLU A 20 -2.81 0.51 4.50
CA GLU A 20 -3.26 1.88 4.74
C GLU A 20 -3.01 2.29 6.18
N ALA A 21 -3.01 1.31 7.08
CA ALA A 21 -2.77 1.57 8.50
C ALA A 21 -1.30 1.80 8.78
N LEU A 22 -0.45 1.09 8.04
CA LEU A 22 1.00 1.21 8.22
C LEU A 22 1.50 2.56 7.72
N GLY A 23 0.66 3.25 6.95
CA GLY A 23 1.03 4.55 6.42
C GLY A 23 2.32 4.51 5.62
N GLU A 24 3.31 5.25 6.09
CA GLU A 24 4.60 5.30 5.41
C GLU A 24 5.23 3.91 5.33
N MET A 25 4.73 2.99 6.16
CA MET A 25 5.24 1.62 6.17
C MET A 25 4.53 0.77 5.13
N ALA A 26 3.47 1.32 4.55
CA ALA A 26 2.71 0.60 3.54
C ALA A 26 3.62 -0.24 2.65
N THR A 27 3.34 -1.54 2.59
CA THR A 27 4.15 -2.46 1.79
C THR A 27 3.71 -2.44 0.32
N VAL A 28 2.97 -1.39 -0.04
CA VAL A 28 2.49 -1.25 -1.42
C VAL A 28 2.98 0.07 -2.04
N ALA A 29 2.99 0.11 -3.36
CA ALA A 29 3.43 1.30 -4.08
C ALA A 29 2.41 2.43 -3.96
N PRO A 30 1.19 2.17 -4.41
CA PRO A 30 0.09 3.15 -4.35
C PRO A 30 -0.38 3.42 -2.93
N VAL A 31 -0.67 2.35 -2.20
CA VAL A 31 -1.14 2.46 -0.82
C VAL A 31 -0.13 3.24 0.02
N LEU A 32 1.09 3.36 -0.48
CA LEU A 32 2.15 4.08 0.23
C LEU A 32 2.22 5.54 -0.21
N TYR A 33 2.25 5.75 -1.52
CA TYR A 33 2.32 7.10 -2.07
C TYR A 33 1.30 8.01 -1.40
N THR A 34 0.03 7.59 -1.42
CA THR A 34 -1.04 8.37 -0.81
C THR A 34 -0.77 8.61 0.67
N ASN A 35 -0.56 7.53 1.42
CA ASN A 35 -0.29 7.62 2.84
C ASN A 35 0.63 8.81 3.15
N ILE A 36 1.58 9.06 2.25
CA ILE A 36 2.52 10.15 2.41
C ILE A 36 2.00 11.44 1.79
N ASN A 37 1.82 11.42 0.47
CA ASN A 37 1.33 12.59 -0.25
C ASN A 37 0.06 13.13 0.41
N PHE A 38 -0.93 12.26 0.59
CA PHE A 38 -2.19 12.65 1.20
C PHE A 38 -2.30 12.10 2.62
N PRO A 39 -1.81 12.88 3.59
CA PRO A 39 -1.83 12.50 5.00
C PRO A 39 -3.24 12.51 5.59
N ASN A 40 -4.04 13.47 5.15
CA ASN A 40 -5.42 13.59 5.62
C ASN A 40 -6.38 12.85 4.70
N LEU A 41 -5.83 12.00 3.84
CA LEU A 41 -6.64 11.24 2.90
C LEU A 41 -7.90 10.70 3.57
N LYS A 42 -7.72 10.09 4.74
CA LYS A 42 -8.84 9.53 5.49
C LYS A 42 -9.98 10.55 5.60
N GLU A 43 -9.63 11.80 5.90
CA GLU A 43 -10.62 12.85 6.03
C GLU A 43 -11.38 13.06 4.72
N GLU A 44 -10.64 13.36 3.66
CA GLU A 44 -11.25 13.58 2.35
C GLU A 44 -12.19 12.43 1.98
N PHE A 45 -11.75 11.21 2.28
CA PHE A 45 -12.55 10.02 1.98
C PHE A 45 -12.56 9.07 3.17
N PRO A 46 -13.59 9.19 4.02
CA PRO A 46 -13.75 8.34 5.21
C PRO A 46 -14.09 6.90 4.85
N ASP A 47 -14.98 6.73 3.87
CA ASP A 47 -15.38 5.40 3.44
C ASP A 47 -14.33 4.79 2.53
N TRP A 48 -13.72 3.70 3.00
CA TRP A 48 -12.69 3.00 2.24
C TRP A 48 -13.13 2.80 0.79
N THR A 49 -14.26 2.12 0.61
CA THR A 49 -14.79 1.85 -0.72
C THR A 49 -14.64 3.07 -1.62
N THR A 50 -14.68 4.26 -1.02
CA THR A 50 -14.57 5.50 -1.77
C THR A 50 -13.11 5.99 -1.78
N ARG A 51 -12.41 5.75 -0.69
CA ARG A 51 -11.01 6.17 -0.58
C ARG A 51 -10.13 5.36 -1.53
N VAL A 52 -10.22 4.04 -1.45
CA VAL A 52 -9.43 3.16 -2.30
C VAL A 52 -9.48 3.61 -3.75
N LYS A 53 -10.68 3.98 -4.21
CA LYS A 53 -10.87 4.44 -5.58
C LYS A 53 -9.95 5.61 -5.90
N GLN A 54 -9.72 6.47 -4.90
CA GLN A 54 -8.86 7.63 -5.07
C GLN A 54 -7.40 7.20 -5.27
N ILE A 55 -6.86 6.54 -4.27
CA ILE A 55 -5.47 6.08 -4.32
C ILE A 55 -5.12 5.59 -5.72
N ALA A 56 -6.09 5.00 -6.41
CA ALA A 56 -5.88 4.49 -7.76
C ALA A 56 -5.59 5.64 -8.73
N LYS A 57 -6.55 6.54 -8.89
CA LYS A 57 -6.41 7.68 -9.79
C LYS A 57 -5.13 8.45 -9.47
N LEU A 58 -4.96 8.79 -8.20
CA LEU A 58 -3.78 9.54 -7.76
C LEU A 58 -2.50 8.82 -8.18
N TRP A 59 -2.45 7.52 -7.93
CA TRP A 59 -1.28 6.72 -8.28
C TRP A 59 -1.06 6.71 -9.79
N ARG A 60 -2.14 6.57 -10.55
CA ARG A 60 -2.06 6.54 -12.00
C ARG A 60 -1.54 7.86 -12.53
N LYS A 61 -1.98 8.96 -11.94
CA LYS A 61 -1.55 10.30 -12.35
C LYS A 61 -0.04 10.42 -12.30
N ALA A 62 0.56 9.90 -11.24
CA ALA A 62 2.01 9.95 -11.08
C ALA A 62 2.72 9.19 -12.19
N SER A 63 3.88 9.68 -12.60
CA SER A 63 4.64 9.05 -13.67
C SER A 63 5.59 7.99 -13.10
N SER A 64 5.92 7.00 -13.92
CA SER A 64 6.81 5.93 -13.51
C SER A 64 7.99 6.47 -12.71
N GLN A 65 8.70 7.43 -13.30
CA GLN A 65 9.85 8.03 -12.65
C GLN A 65 9.51 8.48 -11.23
N GLU A 66 8.24 8.84 -11.01
CA GLU A 66 7.79 9.29 -9.70
C GLU A 66 7.55 8.10 -8.78
N ARG A 67 7.03 7.01 -9.34
CA ARG A 67 6.76 5.81 -8.57
C ARG A 67 8.03 5.01 -8.34
N ALA A 68 9.09 5.34 -9.07
CA ALA A 68 10.36 4.65 -8.94
C ALA A 68 10.65 4.31 -7.49
N PRO A 69 10.69 5.33 -6.62
CA PRO A 69 10.96 5.15 -5.20
C PRO A 69 9.80 4.46 -4.47
N TYR A 70 8.60 4.99 -4.67
CA TYR A 70 7.41 4.44 -4.03
C TYR A 70 7.21 2.98 -4.43
N VAL A 71 7.87 2.58 -5.52
CA VAL A 71 7.75 1.21 -6.02
C VAL A 71 8.74 0.30 -5.31
N GLN A 72 9.93 0.81 -5.03
CA GLN A 72 10.96 0.05 -4.35
C GLN A 72 10.71 -0.02 -2.85
N LYS A 73 10.47 1.15 -2.25
CA LYS A 73 10.20 1.23 -0.81
C LYS A 73 9.16 0.19 -0.39
N ALA A 74 8.06 0.13 -1.14
CA ALA A 74 6.99 -0.81 -0.84
C ALA A 74 7.54 -2.23 -0.68
N ARG A 75 8.51 -2.58 -1.52
CA ARG A 75 9.11 -3.91 -1.48
C ARG A 75 9.98 -4.07 -0.23
N ASP A 76 10.80 -3.07 0.05
CA ASP A 76 11.67 -3.10 1.21
C ASP A 76 10.86 -3.16 2.50
N ASN A 77 9.71 -2.48 2.51
CA ASN A 77 8.84 -2.46 3.68
C ASN A 77 8.43 -3.87 4.06
N ARG A 78 8.23 -4.73 3.08
CA ARG A 78 7.82 -6.11 3.32
C ARG A 78 8.90 -6.85 4.12
N ALA A 79 10.16 -6.55 3.83
CA ALA A 79 11.27 -7.19 4.52
C ALA A 79 11.26 -6.84 6.01
N ALA A 80 11.18 -5.55 6.31
CA ALA A 80 11.17 -5.09 7.69
C ALA A 80 10.31 -5.99 8.57
N LEU A 81 9.16 -6.39 8.05
CA LEU A 81 8.24 -7.25 8.78
C LEU A 81 8.84 -8.65 8.96
N ARG A 82 9.26 -9.26 7.85
CA ARG A 82 9.85 -10.59 7.89
C ARG A 82 10.70 -10.77 9.15
N ILE A 83 11.71 -9.93 9.28
CA ILE A 83 12.60 -9.99 10.44
C ILE A 83 11.81 -9.97 11.75
N ASN A 84 10.86 -9.04 11.84
CA ASN A 84 10.04 -8.91 13.03
C ASN A 84 8.77 -9.75 12.91
N LYS A 85 8.89 -11.04 13.22
CA LYS A 85 7.76 -11.95 13.15
C LYS A 85 8.11 -13.31 13.74
N VAL A 86 7.33 -13.75 14.73
CA VAL A 86 7.56 -15.04 15.37
C VAL A 86 8.00 -16.09 14.36
N GLN A 87 9.30 -16.37 14.34
CA GLN A 87 9.85 -17.35 13.42
C GLN A 87 8.92 -18.56 13.31
N MET A 88 8.76 -19.07 12.09
CA MET A 88 7.91 -20.24 11.86
C MET A 88 8.67 -21.53 12.14
N SER A 89 7.93 -22.62 12.27
CA SER A 89 8.52 -23.92 12.54
C SER A 89 8.16 -24.93 11.44
N ASN A 90 8.98 -24.97 10.40
CA ASN A 90 8.75 -25.88 9.29
C ASN A 90 9.03 -27.33 9.70
N GLY A 1 3.98 -16.46 -24.49
CA GLY A 1 3.50 -15.45 -23.55
C GLY A 1 2.33 -14.66 -24.10
N SER A 2 1.27 -14.55 -23.30
CA SER A 2 0.08 -13.82 -23.72
C SER A 2 -0.59 -13.14 -22.51
N SER A 3 -1.24 -12.01 -22.77
CA SER A 3 -1.92 -11.27 -21.70
C SER A 3 -2.97 -12.14 -21.03
N GLY A 4 -3.81 -12.78 -21.83
CA GLY A 4 -4.86 -13.63 -21.29
C GLY A 4 -5.84 -12.86 -20.42
N SER A 5 -7.13 -13.16 -20.59
CA SER A 5 -8.17 -12.49 -19.82
C SER A 5 -8.81 -13.46 -18.83
N SER A 6 -8.65 -13.17 -17.55
CA SER A 6 -9.20 -14.01 -16.49
C SER A 6 -9.98 -13.17 -15.48
N GLY A 7 -11.09 -13.71 -14.99
CA GLY A 7 -11.90 -13.00 -14.02
C GLY A 7 -12.79 -13.93 -13.22
N ASN A 8 -13.23 -13.46 -12.06
CA ASN A 8 -14.09 -14.26 -11.19
C ASN A 8 -14.59 -13.42 -10.01
N ALA A 9 -15.74 -13.82 -9.46
CA ALA A 9 -16.31 -13.12 -8.32
C ALA A 9 -15.53 -13.41 -7.04
N GLN A 10 -14.85 -12.38 -6.53
CA GLN A 10 -14.07 -12.53 -5.30
C GLN A 10 -13.63 -11.17 -4.78
N ARG A 11 -13.72 -10.99 -3.47
CA ARG A 11 -13.33 -9.74 -2.83
C ARG A 11 -12.04 -9.19 -3.45
N SER A 12 -11.84 -7.89 -3.32
CA SER A 12 -10.66 -7.24 -3.86
C SER A 12 -10.28 -6.01 -3.04
N THR A 13 -9.05 -5.53 -3.24
CA THR A 13 -8.57 -4.36 -2.51
C THR A 13 -8.70 -4.56 -1.00
N LEU A 14 -8.13 -5.64 -0.50
CA LEU A 14 -8.19 -5.95 0.93
C LEU A 14 -6.91 -5.52 1.63
N LYS A 15 -5.78 -6.11 1.21
CA LYS A 15 -4.49 -5.79 1.79
C LYS A 15 -4.33 -4.29 1.97
N TRP A 16 -4.76 -3.52 0.96
CA TRP A 16 -4.66 -2.07 1.02
C TRP A 16 -5.17 -1.53 2.35
N GLU A 17 -6.38 -1.96 2.73
CA GLU A 17 -6.99 -1.52 3.97
C GLU A 17 -6.04 -1.74 5.15
N LYS A 18 -5.14 -2.71 5.00
CA LYS A 18 -4.17 -3.02 6.05
C LYS A 18 -2.93 -2.15 5.91
N GLU A 19 -2.38 -2.08 4.70
CA GLU A 19 -1.19 -1.28 4.44
C GLU A 19 -1.47 0.20 4.65
N GLU A 20 -2.74 0.58 4.54
CA GLU A 20 -3.14 1.97 4.72
C GLU A 20 -2.84 2.44 6.14
N ALA A 21 -2.75 1.49 7.07
CA ALA A 21 -2.47 1.80 8.47
C ALA A 21 -0.97 1.94 8.71
N LEU A 22 -0.18 1.21 7.94
CA LEU A 22 1.27 1.26 8.07
C LEU A 22 1.82 2.58 7.54
N GLY A 23 1.00 3.30 6.79
CA GLY A 23 1.43 4.58 6.24
C GLY A 23 2.72 4.47 5.46
N GLU A 24 3.76 5.11 5.96
CA GLU A 24 5.07 5.09 5.30
C GLU A 24 5.63 3.67 5.25
N MET A 25 4.99 2.76 5.98
CA MET A 25 5.43 1.38 6.01
C MET A 25 4.63 0.53 5.02
N ALA A 26 3.56 1.11 4.48
CA ALA A 26 2.73 0.41 3.51
C ALA A 26 3.57 -0.48 2.61
N THR A 27 3.21 -1.77 2.55
CA THR A 27 3.94 -2.73 1.73
C THR A 27 3.47 -2.67 0.28
N VAL A 28 2.81 -1.56 -0.08
CA VAL A 28 2.33 -1.38 -1.44
C VAL A 28 2.87 -0.09 -2.04
N ALA A 29 2.88 -0.02 -3.37
CA ALA A 29 3.37 1.16 -4.08
C ALA A 29 2.39 2.32 -3.95
N PRO A 30 1.15 2.10 -4.40
CA PRO A 30 0.10 3.13 -4.33
C PRO A 30 -0.37 3.39 -2.91
N VAL A 31 -0.70 2.33 -2.19
CA VAL A 31 -1.16 2.46 -0.80
C VAL A 31 -0.13 3.19 0.05
N LEU A 32 1.10 3.28 -0.47
CA LEU A 32 2.17 3.95 0.25
C LEU A 32 2.26 5.42 -0.14
N TYR A 33 2.26 5.68 -1.45
CA TYR A 33 2.34 7.04 -1.96
C TYR A 33 1.31 7.94 -1.29
N THR A 34 0.04 7.55 -1.37
CA THR A 34 -1.04 8.32 -0.78
C THR A 34 -0.80 8.52 0.72
N ASN A 35 -0.50 7.43 1.41
CA ASN A 35 -0.25 7.48 2.84
C ASN A 35 0.63 8.67 3.20
N ILE A 36 1.56 9.00 2.32
CA ILE A 36 2.47 10.12 2.53
C ILE A 36 1.92 11.41 1.92
N ASN A 37 1.74 11.39 0.60
CA ASN A 37 1.21 12.55 -0.11
C ASN A 37 -0.11 13.02 0.51
N PHE A 38 -1.06 12.10 0.63
CA PHE A 38 -2.36 12.42 1.20
C PHE A 38 -2.50 11.83 2.60
N PRO A 39 -2.04 12.58 3.60
CA PRO A 39 -2.11 12.16 5.01
C PRO A 39 -3.53 12.14 5.54
N ASN A 40 -4.35 13.08 5.08
CA ASN A 40 -5.73 13.17 5.52
C ASN A 40 -6.64 12.35 4.61
N LEU A 41 -6.03 11.56 3.73
CA LEU A 41 -6.79 10.73 2.80
C LEU A 41 -8.04 10.17 3.47
N LYS A 42 -7.88 9.65 4.68
CA LYS A 42 -9.01 9.09 5.42
C LYS A 42 -10.15 10.09 5.51
N GLU A 43 -9.88 11.25 6.08
CA GLU A 43 -10.88 12.30 6.22
C GLU A 43 -11.50 12.65 4.86
N GLU A 44 -10.66 13.12 3.95
CA GLU A 44 -11.11 13.49 2.62
C GLU A 44 -12.09 12.46 2.06
N PHE A 45 -11.77 11.19 2.26
CA PHE A 45 -12.62 10.10 1.77
C PHE A 45 -12.79 9.04 2.85
N PRO A 46 -13.87 9.14 3.63
CA PRO A 46 -14.19 8.20 4.70
C PRO A 46 -14.59 6.82 4.17
N ASP A 47 -15.51 6.81 3.22
CA ASP A 47 -15.98 5.57 2.62
C ASP A 47 -14.86 4.89 1.84
N TRP A 48 -14.44 3.72 2.30
CA TRP A 48 -13.38 2.97 1.65
C TRP A 48 -13.62 2.88 0.13
N THR A 49 -14.73 2.24 -0.24
CA THR A 49 -15.08 2.09 -1.65
C THR A 49 -14.80 3.38 -2.42
N THR A 50 -14.85 4.51 -1.73
CA THR A 50 -14.59 5.80 -2.36
C THR A 50 -13.14 6.23 -2.17
N ARG A 51 -12.56 5.85 -1.04
CA ARG A 51 -11.17 6.19 -0.73
C ARG A 51 -10.22 5.40 -1.62
N VAL A 52 -10.40 4.09 -1.65
CA VAL A 52 -9.54 3.21 -2.45
C VAL A 52 -9.35 3.79 -3.85
N LYS A 53 -10.44 4.21 -4.47
CA LYS A 53 -10.39 4.77 -5.82
C LYS A 53 -9.41 5.94 -5.88
N GLN A 54 -9.55 6.88 -4.95
CA GLN A 54 -8.68 8.04 -4.90
C GLN A 54 -7.21 7.63 -4.89
N ILE A 55 -6.93 6.50 -4.24
CA ILE A 55 -5.56 5.99 -4.16
C ILE A 55 -5.05 5.59 -5.53
N ALA A 56 -5.91 4.96 -6.32
CA ALA A 56 -5.54 4.52 -7.66
C ALA A 56 -5.37 5.71 -8.60
N LYS A 57 -6.43 6.49 -8.76
CA LYS A 57 -6.40 7.66 -9.63
C LYS A 57 -5.15 8.48 -9.37
N LEU A 58 -4.87 8.76 -8.11
CA LEU A 58 -3.70 9.54 -7.73
C LEU A 58 -2.41 8.81 -8.08
N TRP A 59 -2.43 7.49 -7.92
CA TRP A 59 -1.26 6.66 -8.24
C TRP A 59 -0.89 6.77 -9.71
N ARG A 60 -1.87 6.54 -10.58
CA ARG A 60 -1.65 6.61 -12.02
C ARG A 60 -1.14 7.99 -12.42
N LYS A 61 -1.83 9.04 -11.95
CA LYS A 61 -1.46 10.41 -12.26
C LYS A 61 0.05 10.60 -12.13
N ALA A 62 0.62 10.08 -11.04
CA ALA A 62 2.05 10.20 -10.79
C ALA A 62 2.85 9.50 -11.89
N SER A 63 3.79 10.22 -12.48
CA SER A 63 4.63 9.67 -13.53
C SER A 63 5.42 8.46 -13.02
N SER A 64 5.74 7.54 -13.93
CA SER A 64 6.49 6.35 -13.58
C SER A 64 7.72 6.70 -12.75
N GLN A 65 8.50 7.67 -13.23
CA GLN A 65 9.69 8.11 -12.54
C GLN A 65 9.38 8.53 -11.10
N GLU A 66 8.12 8.88 -10.86
CA GLU A 66 7.68 9.29 -9.53
C GLU A 66 7.46 8.08 -8.63
N ARG A 67 6.92 7.01 -9.22
CA ARG A 67 6.64 5.79 -8.46
C ARG A 67 7.92 4.98 -8.26
N ALA A 68 8.92 5.26 -9.08
CA ALA A 68 10.20 4.55 -8.98
C ALA A 68 10.52 4.19 -7.54
N PRO A 69 10.59 5.20 -6.67
CA PRO A 69 10.89 5.01 -5.25
C PRO A 69 9.75 4.32 -4.51
N TYR A 70 8.54 4.86 -4.67
CA TYR A 70 7.36 4.30 -4.00
C TYR A 70 7.14 2.85 -4.43
N VAL A 71 7.79 2.45 -5.52
CA VAL A 71 7.66 1.09 -6.03
C VAL A 71 8.60 0.14 -5.30
N GLN A 72 9.82 0.61 -5.04
CA GLN A 72 10.82 -0.20 -4.35
C GLN A 72 10.56 -0.21 -2.85
N LYS A 73 10.24 0.95 -2.30
CA LYS A 73 9.97 1.08 -0.86
C LYS A 73 8.94 0.04 -0.42
N ALA A 74 7.86 -0.08 -1.19
CA ALA A 74 6.81 -1.03 -0.87
C ALA A 74 7.36 -2.45 -0.71
N ARG A 75 8.32 -2.80 -1.56
CA ARG A 75 8.94 -4.12 -1.52
C ARG A 75 9.83 -4.26 -0.29
N ASP A 76 10.63 -3.24 -0.02
CA ASP A 76 11.52 -3.25 1.13
C ASP A 76 10.74 -3.27 2.43
N ASN A 77 9.62 -2.55 2.45
CA ASN A 77 8.77 -2.49 3.64
C ASN A 77 8.36 -3.88 4.09
N ARG A 78 8.14 -4.78 3.13
CA ARG A 78 7.73 -6.15 3.43
C ARG A 78 8.84 -6.87 4.20
N ALA A 79 10.09 -6.65 3.80
CA ALA A 79 11.22 -7.27 4.46
C ALA A 79 11.30 -6.88 5.92
N ALA A 80 11.27 -5.59 6.18
CA ALA A 80 11.33 -5.07 7.55
C ALA A 80 10.55 -5.97 8.51
N LEU A 81 9.30 -6.25 8.15
CA LEU A 81 8.44 -7.10 8.98
C LEU A 81 9.10 -8.46 9.22
N ARG A 82 9.43 -9.15 8.14
CA ARG A 82 10.07 -10.46 8.23
C ARG A 82 11.16 -10.46 9.29
N ILE A 83 12.03 -9.46 9.24
CA ILE A 83 13.12 -9.35 10.19
C ILE A 83 12.61 -9.03 11.59
N ASN A 84 11.82 -7.96 11.70
CA ASN A 84 11.26 -7.56 12.98
C ASN A 84 10.01 -8.37 13.31
N LYS A 85 10.22 -9.60 13.78
CA LYS A 85 9.12 -10.48 14.14
C LYS A 85 8.98 -10.58 15.65
N VAL A 86 7.74 -10.44 16.13
CA VAL A 86 7.48 -10.52 17.57
C VAL A 86 7.16 -11.94 17.99
N GLN A 87 7.93 -12.45 18.94
CA GLN A 87 7.73 -13.82 19.43
C GLN A 87 8.23 -13.96 20.87
N MET A 88 7.35 -14.45 21.74
CA MET A 88 7.70 -14.63 23.15
C MET A 88 8.95 -15.49 23.29
N SER A 89 9.23 -16.30 22.28
CA SER A 89 10.39 -17.18 22.29
C SER A 89 11.29 -16.91 21.09
N ASN A 90 12.60 -17.02 21.29
CA ASN A 90 13.56 -16.80 20.22
C ASN A 90 14.51 -17.99 20.07
N GLY A 1 22.54 -11.68 5.58
CA GLY A 1 21.21 -11.57 5.02
C GLY A 1 21.01 -12.48 3.82
N SER A 2 19.84 -13.10 3.72
CA SER A 2 19.55 -14.00 2.61
C SER A 2 18.04 -14.15 2.44
N SER A 3 17.59 -14.11 1.18
CA SER A 3 16.17 -14.23 0.88
C SER A 3 15.97 -14.91 -0.48
N GLY A 4 14.89 -15.66 -0.60
CA GLY A 4 14.60 -16.35 -1.84
C GLY A 4 13.21 -16.97 -1.86
N SER A 5 12.19 -16.13 -1.91
CA SER A 5 10.81 -16.61 -1.92
C SER A 5 10.00 -15.92 -3.02
N SER A 6 8.96 -16.59 -3.49
CA SER A 6 8.11 -16.05 -4.54
C SER A 6 6.64 -16.18 -4.17
N GLY A 7 6.07 -15.11 -3.61
CA GLY A 7 4.67 -15.13 -3.22
C GLY A 7 3.74 -14.93 -4.40
N ASN A 8 2.48 -14.62 -4.11
CA ASN A 8 1.49 -14.41 -5.15
C ASN A 8 1.26 -12.91 -5.40
N ALA A 9 1.45 -12.50 -6.64
CA ALA A 9 1.27 -11.09 -7.00
C ALA A 9 -0.19 -10.80 -7.34
N GLN A 10 -1.10 -11.36 -6.55
CA GLN A 10 -2.53 -11.16 -6.76
C GLN A 10 -2.95 -9.75 -6.38
N ARG A 11 -3.65 -9.07 -7.27
CA ARG A 11 -4.11 -7.71 -7.03
C ARG A 11 -5.46 -7.71 -6.33
N SER A 12 -5.57 -6.96 -5.24
CA SER A 12 -6.82 -6.89 -4.48
C SER A 12 -6.81 -5.67 -3.56
N THR A 13 -7.99 -5.27 -3.10
CA THR A 13 -8.12 -4.13 -2.22
C THR A 13 -8.08 -4.55 -0.75
N LEU A 14 -8.71 -5.68 -0.46
CA LEU A 14 -8.75 -6.22 0.90
C LEU A 14 -7.38 -6.08 1.57
N LYS A 15 -6.33 -6.12 0.76
CA LYS A 15 -4.96 -6.00 1.28
C LYS A 15 -4.61 -4.54 1.53
N TRP A 16 -4.83 -3.70 0.53
CA TRP A 16 -4.53 -2.27 0.65
C TRP A 16 -4.97 -1.74 2.00
N GLU A 17 -6.19 -2.08 2.41
CA GLU A 17 -6.73 -1.64 3.69
C GLU A 17 -5.75 -1.92 4.82
N LYS A 18 -5.08 -3.06 4.75
CA LYS A 18 -4.11 -3.46 5.76
C LYS A 18 -2.90 -2.53 5.74
N GLU A 19 -2.34 -2.32 4.55
CA GLU A 19 -1.18 -1.45 4.40
C GLU A 19 -1.53 0.00 4.72
N GLU A 20 -2.81 0.34 4.58
CA GLU A 20 -3.27 1.69 4.85
C GLU A 20 -3.02 2.07 6.31
N ALA A 21 -2.99 1.06 7.18
CA ALA A 21 -2.77 1.29 8.60
C ALA A 21 -1.28 1.48 8.90
N LEU A 22 -0.44 0.90 8.05
CA LEU A 22 1.00 1.01 8.21
C LEU A 22 1.52 2.35 7.70
N GLY A 23 0.69 3.03 6.92
CA GLY A 23 1.07 4.32 6.37
C GLY A 23 2.41 4.28 5.65
N GLU A 24 3.41 4.94 6.21
CA GLU A 24 4.74 4.98 5.61
C GLU A 24 5.32 3.57 5.49
N MET A 25 4.76 2.64 6.25
CA MET A 25 5.22 1.25 6.24
C MET A 25 4.38 0.42 5.27
N ALA A 26 3.58 1.10 4.45
CA ALA A 26 2.74 0.42 3.47
C ALA A 26 3.56 -0.46 2.55
N THR A 27 3.18 -1.74 2.46
CA THR A 27 3.88 -2.69 1.62
C THR A 27 3.40 -2.62 0.17
N VAL A 28 2.86 -1.46 -0.21
CA VAL A 28 2.36 -1.27 -1.57
C VAL A 28 2.87 0.04 -2.16
N ALA A 29 2.91 0.11 -3.49
CA ALA A 29 3.38 1.30 -4.19
C ALA A 29 2.39 2.45 -4.03
N PRO A 30 1.14 2.22 -4.47
CA PRO A 30 0.08 3.22 -4.39
C PRO A 30 -0.37 3.50 -2.96
N VAL A 31 -0.68 2.43 -2.24
CA VAL A 31 -1.12 2.55 -0.85
C VAL A 31 -0.08 3.28 0.00
N LEU A 32 1.13 3.40 -0.54
CA LEU A 32 2.21 4.09 0.16
C LEU A 32 2.29 5.55 -0.26
N TYR A 33 2.33 5.78 -1.57
CA TYR A 33 2.40 7.14 -2.09
C TYR A 33 1.39 8.05 -1.41
N THR A 34 0.13 7.63 -1.41
CA THR A 34 -0.93 8.42 -0.79
C THR A 34 -0.69 8.58 0.71
N ASN A 35 -0.49 7.46 1.39
CA ASN A 35 -0.24 7.49 2.83
C ASN A 35 0.69 8.63 3.21
N ILE A 36 1.70 8.87 2.37
CA ILE A 36 2.66 9.94 2.61
C ILE A 36 2.18 11.25 1.99
N ASN A 37 2.10 11.27 0.66
CA ASN A 37 1.67 12.47 -0.05
C ASN A 37 0.37 13.01 0.54
N PHE A 38 -0.64 12.16 0.63
CA PHE A 38 -1.93 12.56 1.17
C PHE A 38 -2.14 11.97 2.56
N PRO A 39 -1.66 12.69 3.59
CA PRO A 39 -1.78 12.26 4.99
C PRO A 39 -3.22 12.31 5.49
N ASN A 40 -3.91 13.41 5.19
CA ASN A 40 -5.29 13.59 5.61
C ASN A 40 -6.24 12.85 4.68
N LEU A 41 -5.67 12.05 3.79
CA LEU A 41 -6.47 11.29 2.83
C LEU A 41 -7.73 10.72 3.49
N LYS A 42 -7.53 9.91 4.53
CA LYS A 42 -8.65 9.32 5.25
C LYS A 42 -9.78 10.32 5.43
N GLU A 43 -9.43 11.55 5.80
CA GLU A 43 -10.42 12.60 5.99
C GLU A 43 -11.20 12.87 4.71
N GLU A 44 -10.49 13.30 3.68
CA GLU A 44 -11.11 13.59 2.40
C GLU A 44 -12.09 12.49 2.00
N PHE A 45 -11.67 11.24 2.19
CA PHE A 45 -12.50 10.10 1.85
C PHE A 45 -12.48 9.05 2.96
N PRO A 46 -13.45 9.14 3.87
CA PRO A 46 -13.56 8.21 5.01
C PRO A 46 -13.96 6.80 4.56
N ASP A 47 -15.00 6.71 3.74
CA ASP A 47 -15.46 5.43 3.24
C ASP A 47 -14.41 4.77 2.35
N TRP A 48 -13.80 3.71 2.86
CA TRP A 48 -12.77 2.99 2.12
C TRP A 48 -13.21 2.78 0.67
N THR A 49 -14.30 2.06 0.47
CA THR A 49 -14.82 1.79 -0.86
C THR A 49 -14.71 3.03 -1.74
N THR A 50 -14.72 4.20 -1.12
CA THR A 50 -14.64 5.46 -1.85
C THR A 50 -13.19 5.97 -1.90
N ARG A 51 -12.47 5.79 -0.81
CA ARG A 51 -11.08 6.24 -0.73
C ARG A 51 -10.21 5.42 -1.67
N VAL A 52 -10.30 4.09 -1.56
CA VAL A 52 -9.51 3.20 -2.40
C VAL A 52 -9.42 3.72 -3.83
N LYS A 53 -10.58 4.05 -4.40
CA LYS A 53 -10.64 4.57 -5.76
C LYS A 53 -9.65 5.71 -5.95
N GLN A 54 -9.68 6.67 -5.04
CA GLN A 54 -8.79 7.82 -5.11
C GLN A 54 -7.34 7.38 -5.28
N ILE A 55 -6.86 6.57 -4.35
CA ILE A 55 -5.49 6.08 -4.39
C ILE A 55 -5.12 5.61 -5.80
N ALA A 56 -6.10 5.04 -6.50
CA ALA A 56 -5.88 4.55 -7.86
C ALA A 56 -5.58 5.70 -8.81
N LYS A 57 -6.46 6.70 -8.84
CA LYS A 57 -6.28 7.86 -9.70
C LYS A 57 -5.03 8.63 -9.33
N LEU A 58 -4.88 8.92 -8.04
CA LEU A 58 -3.72 9.65 -7.55
C LEU A 58 -2.42 8.93 -7.91
N TRP A 59 -2.47 7.60 -7.91
CA TRP A 59 -1.31 6.79 -8.25
C TRP A 59 -0.98 6.87 -9.73
N ARG A 60 -2.01 6.63 -10.56
CA ARG A 60 -1.83 6.68 -12.00
C ARG A 60 -1.37 8.06 -12.46
N LYS A 61 -1.97 9.09 -11.89
CA LYS A 61 -1.63 10.47 -12.24
C LYS A 61 -0.12 10.68 -12.18
N ALA A 62 0.51 10.15 -11.14
CA ALA A 62 1.95 10.27 -10.97
C ALA A 62 2.69 9.60 -12.12
N SER A 63 3.86 10.14 -12.45
CA SER A 63 4.67 9.59 -13.54
C SER A 63 5.49 8.40 -13.06
N SER A 64 5.77 7.46 -13.97
CA SER A 64 6.53 6.28 -13.63
C SER A 64 7.81 6.64 -12.88
N GLN A 65 8.49 7.68 -13.35
CA GLN A 65 9.73 8.12 -12.72
C GLN A 65 9.48 8.55 -11.28
N GLU A 66 8.23 8.92 -10.99
CA GLU A 66 7.86 9.36 -9.65
C GLU A 66 7.58 8.16 -8.74
N ARG A 67 7.02 7.11 -9.33
CA ARG A 67 6.70 5.90 -8.58
C ARG A 67 7.95 5.04 -8.37
N ALA A 68 8.97 5.28 -9.19
CA ALA A 68 10.22 4.54 -9.09
C ALA A 68 10.53 4.18 -7.65
N PRO A 69 10.64 5.21 -6.80
CA PRO A 69 10.93 5.03 -5.36
C PRO A 69 9.79 4.38 -4.61
N TYR A 70 8.60 4.95 -4.76
CA TYR A 70 7.41 4.42 -4.09
C TYR A 70 7.15 2.98 -4.49
N VAL A 71 7.77 2.55 -5.59
CA VAL A 71 7.61 1.19 -6.08
C VAL A 71 8.56 0.23 -5.37
N GLN A 72 9.79 0.69 -5.14
CA GLN A 72 10.80 -0.13 -4.47
C GLN A 72 10.57 -0.13 -2.96
N LYS A 73 10.35 1.04 -2.39
CA LYS A 73 10.12 1.18 -0.96
C LYS A 73 9.11 0.16 -0.47
N ALA A 74 7.97 0.10 -1.15
CA ALA A 74 6.91 -0.84 -0.79
C ALA A 74 7.46 -2.26 -0.63
N ARG A 75 8.35 -2.65 -1.54
CA ARG A 75 8.95 -3.97 -1.50
C ARG A 75 9.85 -4.13 -0.28
N ASP A 76 10.66 -3.10 -0.02
CA ASP A 76 11.57 -3.12 1.12
C ASP A 76 10.80 -3.20 2.44
N ASN A 77 9.66 -2.51 2.49
CA ASN A 77 8.84 -2.49 3.69
C ASN A 77 8.44 -3.91 4.10
N ARG A 78 8.23 -4.77 3.11
CA ARG A 78 7.86 -6.15 3.36
C ARG A 78 8.98 -6.90 4.07
N ALA A 79 10.21 -6.53 3.77
CA ALA A 79 11.38 -7.16 4.38
C ALA A 79 11.46 -6.82 5.86
N ALA A 80 11.26 -5.54 6.19
CA ALA A 80 11.32 -5.09 7.57
C ALA A 80 10.41 -5.93 8.47
N LEU A 81 9.20 -6.18 7.99
CA LEU A 81 8.23 -6.97 8.76
C LEU A 81 8.85 -8.27 9.23
N ARG A 82 9.37 -9.06 8.29
CA ARG A 82 9.99 -10.33 8.63
C ARG A 82 11.02 -10.16 9.75
N ILE A 83 11.57 -8.96 9.85
CA ILE A 83 12.57 -8.66 10.87
C ILE A 83 11.96 -8.72 12.27
N ASN A 84 10.88 -7.97 12.47
CA ASN A 84 10.20 -7.93 13.76
C ASN A 84 9.00 -8.88 13.76
N LYS A 85 8.31 -8.95 14.90
CA LYS A 85 7.14 -9.82 15.03
C LYS A 85 7.35 -11.13 14.28
N VAL A 86 8.51 -11.74 14.46
CA VAL A 86 8.82 -13.00 13.81
C VAL A 86 8.75 -14.16 14.78
N GLN A 87 8.35 -15.33 14.28
CA GLN A 87 8.22 -16.52 15.11
C GLN A 87 9.54 -17.29 15.14
N MET A 88 9.90 -17.81 16.31
CA MET A 88 11.13 -18.58 16.46
C MET A 88 10.99 -19.96 15.82
N SER A 89 12.10 -20.46 15.29
CA SER A 89 12.11 -21.77 14.65
C SER A 89 13.48 -22.43 14.77
N ASN A 90 13.52 -23.73 14.54
CA ASN A 90 14.76 -24.49 14.62
C ASN A 90 15.91 -23.72 13.97
N GLY A 1 0.44 -17.80 6.71
CA GLY A 1 1.07 -18.12 5.45
C GLY A 1 0.72 -19.51 4.96
N SER A 2 -0.41 -19.62 4.27
CA SER A 2 -0.86 -20.90 3.75
C SER A 2 -0.63 -20.99 2.24
N SER A 3 -1.04 -19.95 1.52
CA SER A 3 -0.89 -19.92 0.08
C SER A 3 -1.65 -21.06 -0.59
N GLY A 4 -2.88 -21.28 -0.14
CA GLY A 4 -3.69 -22.35 -0.70
C GLY A 4 -4.56 -21.87 -1.85
N SER A 5 -5.16 -22.81 -2.56
CA SER A 5 -6.02 -22.48 -3.69
C SER A 5 -7.12 -21.51 -3.27
N SER A 6 -7.88 -21.88 -2.25
CA SER A 6 -8.96 -21.05 -1.75
C SER A 6 -8.51 -19.60 -1.59
N GLY A 7 -8.86 -18.77 -2.56
CA GLY A 7 -8.47 -17.37 -2.51
C GLY A 7 -7.48 -17.00 -3.59
N ASN A 8 -7.88 -17.18 -4.84
CA ASN A 8 -7.01 -16.86 -5.97
C ASN A 8 -7.44 -15.56 -6.65
N ALA A 9 -6.52 -14.60 -6.71
CA ALA A 9 -6.82 -13.32 -7.33
C ALA A 9 -5.53 -12.53 -7.56
N GLN A 10 -5.37 -12.01 -8.78
CA GLN A 10 -4.19 -11.24 -9.13
C GLN A 10 -4.12 -9.96 -8.29
N ARG A 11 -5.22 -9.23 -8.24
CA ARG A 11 -5.28 -7.98 -7.49
C ARG A 11 -6.53 -7.93 -6.62
N SER A 12 -6.37 -7.47 -5.38
CA SER A 12 -7.49 -7.36 -4.46
C SER A 12 -7.39 -6.10 -3.62
N THR A 13 -8.49 -5.36 -3.54
CA THR A 13 -8.53 -4.12 -2.78
C THR A 13 -8.82 -4.40 -1.30
N LEU A 14 -8.27 -5.49 -0.80
CA LEU A 14 -8.47 -5.86 0.60
C LEU A 14 -7.23 -5.53 1.43
N LYS A 15 -6.07 -6.01 0.99
CA LYS A 15 -4.82 -5.75 1.69
C LYS A 15 -4.57 -4.25 1.83
N TRP A 16 -4.91 -3.50 0.78
CA TRP A 16 -4.71 -2.06 0.78
C TRP A 16 -5.20 -1.45 2.09
N GLU A 17 -6.37 -1.90 2.55
CA GLU A 17 -6.95 -1.39 3.79
C GLU A 17 -6.02 -1.66 4.96
N LYS A 18 -5.25 -2.74 4.88
CA LYS A 18 -4.32 -3.10 5.94
C LYS A 18 -3.06 -2.23 5.89
N GLU A 19 -2.47 -2.14 4.71
CA GLU A 19 -1.26 -1.33 4.52
C GLU A 19 -1.55 0.14 4.79
N GLU A 20 -2.79 0.55 4.56
CA GLU A 20 -3.19 1.94 4.78
C GLU A 20 -2.91 2.37 6.22
N ALA A 21 -2.97 1.40 7.13
CA ALA A 21 -2.73 1.67 8.55
C ALA A 21 -1.25 1.84 8.83
N LEU A 22 -0.42 1.11 8.08
CA LEU A 22 1.03 1.17 8.25
C LEU A 22 1.57 2.51 7.74
N GLY A 23 0.76 3.22 6.97
CA GLY A 23 1.19 4.50 6.44
C GLY A 23 2.47 4.41 5.65
N GLU A 24 3.50 5.10 6.13
CA GLU A 24 4.81 5.09 5.47
C GLU A 24 5.37 3.68 5.40
N MET A 25 4.80 2.78 6.19
CA MET A 25 5.24 1.39 6.21
C MET A 25 4.47 0.56 5.19
N ALA A 26 3.47 1.16 4.57
CA ALA A 26 2.67 0.47 3.56
C ALA A 26 3.54 -0.41 2.67
N THR A 27 3.19 -1.70 2.61
CA THR A 27 3.95 -2.64 1.80
C THR A 27 3.50 -2.59 0.33
N VAL A 28 2.76 -1.54 -0.01
CA VAL A 28 2.28 -1.36 -1.38
C VAL A 28 2.82 -0.08 -1.99
N ALA A 29 2.83 -0.03 -3.32
CA ALA A 29 3.32 1.14 -4.04
C ALA A 29 2.36 2.32 -3.91
N PRO A 30 1.11 2.11 -4.36
CA PRO A 30 0.07 3.14 -4.30
C PRO A 30 -0.39 3.42 -2.87
N VAL A 31 -0.73 2.36 -2.15
CA VAL A 31 -1.19 2.50 -0.77
C VAL A 31 -0.16 3.24 0.08
N LEU A 32 1.08 3.25 -0.39
CA LEU A 32 2.16 3.92 0.33
C LEU A 32 2.26 5.39 -0.09
N TYR A 33 2.27 5.63 -1.39
CA TYR A 33 2.35 6.99 -1.92
C TYR A 33 1.34 7.90 -1.22
N THR A 34 0.07 7.55 -1.33
CA THR A 34 -1.00 8.34 -0.71
C THR A 34 -0.74 8.54 0.78
N ASN A 35 -0.47 7.44 1.48
CA ASN A 35 -0.21 7.51 2.91
C ASN A 35 0.70 8.68 3.25
N ILE A 36 1.65 8.95 2.36
CA ILE A 36 2.59 10.06 2.56
C ILE A 36 2.05 11.36 1.97
N ASN A 37 1.89 11.39 0.66
CA ASN A 37 1.38 12.57 -0.02
C ASN A 37 0.09 13.06 0.64
N PHE A 38 -0.89 12.17 0.75
CA PHE A 38 -2.17 12.51 1.36
C PHE A 38 -2.33 11.81 2.71
N PRO A 39 -1.82 12.45 3.77
CA PRO A 39 -1.90 11.90 5.13
C PRO A 39 -3.32 11.92 5.68
N ASN A 40 -4.05 13.00 5.41
CA ASN A 40 -5.41 13.14 5.88
C ASN A 40 -6.40 12.52 4.89
N LEU A 41 -5.86 11.74 3.95
CA LEU A 41 -6.69 11.08 2.95
C LEU A 41 -7.98 10.56 3.55
N LYS A 42 -7.85 9.70 4.56
CA LYS A 42 -9.01 9.13 5.23
C LYS A 42 -10.12 10.16 5.38
N GLU A 43 -9.74 11.39 5.72
CA GLU A 43 -10.70 12.47 5.89
C GLU A 43 -11.42 12.78 4.58
N GLU A 44 -10.66 13.24 3.59
CA GLU A 44 -11.23 13.56 2.29
C GLU A 44 -12.23 12.50 1.84
N PHE A 45 -11.87 11.23 2.04
CA PHE A 45 -12.73 10.12 1.66
C PHE A 45 -12.79 9.08 2.77
N PRO A 46 -13.81 9.20 3.64
CA PRO A 46 -14.01 8.28 4.76
C PRO A 46 -14.44 6.89 4.30
N ASP A 47 -15.35 6.85 3.33
CA ASP A 47 -15.83 5.58 2.79
C ASP A 47 -14.77 4.89 1.96
N TRP A 48 -14.24 3.79 2.47
CA TRP A 48 -13.20 3.03 1.76
C TRP A 48 -13.54 2.90 0.28
N THR A 49 -14.64 2.22 -0.01
CA THR A 49 -15.07 2.01 -1.39
C THR A 49 -14.89 3.29 -2.21
N THR A 50 -14.89 4.43 -1.53
CA THR A 50 -14.71 5.71 -2.21
C THR A 50 -13.26 6.18 -2.14
N ARG A 51 -12.60 5.89 -1.02
CA ARG A 51 -11.21 6.28 -0.84
C ARG A 51 -10.29 5.47 -1.74
N VAL A 52 -10.44 4.15 -1.69
CA VAL A 52 -9.63 3.26 -2.50
C VAL A 52 -9.51 3.76 -3.93
N LYS A 53 -10.60 4.28 -4.46
CA LYS A 53 -10.63 4.81 -5.82
C LYS A 53 -9.67 5.99 -5.96
N GLN A 54 -9.54 6.76 -4.89
CA GLN A 54 -8.66 7.93 -4.89
C GLN A 54 -7.20 7.50 -4.94
N ILE A 55 -6.89 6.39 -4.31
CA ILE A 55 -5.53 5.87 -4.29
C ILE A 55 -5.07 5.48 -5.68
N ALA A 56 -5.97 4.90 -6.47
CA ALA A 56 -5.66 4.48 -7.82
C ALA A 56 -5.44 5.69 -8.74
N LYS A 57 -6.44 6.56 -8.81
CA LYS A 57 -6.36 7.75 -9.65
C LYS A 57 -5.10 8.55 -9.33
N LEU A 58 -4.86 8.78 -8.05
CA LEU A 58 -3.69 9.53 -7.61
C LEU A 58 -2.40 8.79 -7.95
N TRP A 59 -2.46 7.46 -7.88
CA TRP A 59 -1.30 6.64 -8.19
C TRP A 59 -0.91 6.78 -9.66
N ARG A 60 -1.86 6.56 -10.55
CA ARG A 60 -1.61 6.67 -11.98
C ARG A 60 -1.19 8.09 -12.36
N LYS A 61 -1.86 9.07 -11.77
CA LYS A 61 -1.57 10.48 -12.04
C LYS A 61 -0.07 10.73 -11.96
N ALA A 62 0.59 10.09 -11.00
CA ALA A 62 2.03 10.25 -10.83
C ALA A 62 2.80 9.58 -11.96
N SER A 63 3.83 10.27 -12.45
CA SER A 63 4.65 9.75 -13.53
C SER A 63 5.43 8.51 -13.08
N SER A 64 5.78 7.66 -14.04
CA SER A 64 6.53 6.44 -13.75
C SER A 64 7.77 6.75 -12.91
N GLN A 65 8.52 7.75 -13.33
CA GLN A 65 9.73 8.14 -12.62
C GLN A 65 9.42 8.58 -11.20
N GLU A 66 8.12 8.77 -10.92
CA GLU A 66 7.68 9.19 -9.60
C GLU A 66 7.45 7.99 -8.70
N ARG A 67 6.93 6.92 -9.28
CA ARG A 67 6.64 5.70 -8.52
C ARG A 67 7.92 4.89 -8.31
N ALA A 68 8.94 5.18 -9.10
CA ALA A 68 10.21 4.48 -9.00
C ALA A 68 10.52 4.12 -7.55
N PRO A 69 10.57 5.13 -6.68
CA PRO A 69 10.86 4.95 -5.25
C PRO A 69 9.71 4.25 -4.52
N TYR A 70 8.51 4.78 -4.69
CA TYR A 70 7.32 4.21 -4.05
C TYR A 70 7.11 2.77 -4.47
N VAL A 71 7.78 2.37 -5.56
CA VAL A 71 7.66 1.01 -6.07
C VAL A 71 8.61 0.06 -5.34
N GLN A 72 9.84 0.53 -5.12
CA GLN A 72 10.85 -0.28 -4.44
C GLN A 72 10.62 -0.25 -2.93
N LYS A 73 10.34 0.93 -2.39
CA LYS A 73 10.10 1.09 -0.96
C LYS A 73 9.08 0.06 -0.46
N ALA A 74 7.94 -0.02 -1.16
CA ALA A 74 6.90 -0.96 -0.78
C ALA A 74 7.44 -2.38 -0.67
N ARG A 75 8.39 -2.72 -1.55
CA ARG A 75 8.98 -4.05 -1.54
C ARG A 75 9.88 -4.24 -0.32
N ASP A 76 10.65 -3.20 0.01
CA ASP A 76 11.56 -3.26 1.14
C ASP A 76 10.77 -3.30 2.46
N ASN A 77 9.65 -2.59 2.50
CA ASN A 77 8.81 -2.55 3.69
C ASN A 77 8.44 -3.95 4.14
N ARG A 78 8.25 -4.85 3.18
CA ARG A 78 7.88 -6.23 3.48
C ARG A 78 9.01 -6.93 4.23
N ALA A 79 10.25 -6.57 3.90
CA ALA A 79 11.40 -7.17 4.55
C ALA A 79 11.48 -6.78 6.03
N ALA A 80 11.39 -5.48 6.30
CA ALA A 80 11.44 -4.98 7.66
C ALA A 80 10.69 -5.90 8.61
N LEU A 81 9.50 -6.31 8.21
CA LEU A 81 8.68 -7.19 9.04
C LEU A 81 9.38 -8.54 9.25
N ARG A 82 9.80 -9.16 8.15
CA ARG A 82 10.47 -10.45 8.22
C ARG A 82 11.58 -10.43 9.27
N ILE A 83 12.48 -9.46 9.16
CA ILE A 83 13.59 -9.33 10.10
C ILE A 83 13.07 -9.33 11.54
N ASN A 84 11.90 -8.74 11.75
CA ASN A 84 11.31 -8.67 13.08
C ASN A 84 10.57 -9.96 13.41
N LYS A 85 10.28 -10.75 12.38
CA LYS A 85 9.58 -12.02 12.56
C LYS A 85 10.26 -13.14 11.78
N VAL A 86 11.05 -13.94 12.48
CA VAL A 86 11.76 -15.05 11.85
C VAL A 86 12.25 -16.04 12.89
N GLN A 87 12.36 -17.31 12.49
CA GLN A 87 12.82 -18.36 13.40
C GLN A 87 12.00 -18.38 14.68
N MET A 88 10.72 -18.05 14.56
CA MET A 88 9.83 -18.03 15.71
C MET A 88 9.15 -19.38 15.91
N SER A 89 8.52 -19.89 14.85
CA SER A 89 7.84 -21.18 14.91
C SER A 89 8.80 -22.31 14.57
N ASN A 90 9.97 -22.30 15.19
CA ASN A 90 10.98 -23.32 14.94
C ASN A 90 10.71 -24.57 15.78
N GLY A 1 3.33 -17.09 15.89
CA GLY A 1 3.13 -18.52 15.94
C GLY A 1 1.98 -18.98 15.06
N SER A 2 2.00 -18.55 13.81
CA SER A 2 0.94 -18.91 12.87
C SER A 2 1.50 -19.73 11.71
N SER A 3 1.12 -21.00 11.67
CA SER A 3 1.59 -21.91 10.62
C SER A 3 0.49 -22.18 9.61
N GLY A 4 0.85 -22.84 8.51
CA GLY A 4 -0.12 -23.14 7.47
C GLY A 4 -0.59 -21.91 6.73
N SER A 5 0.18 -21.48 5.74
CA SER A 5 -0.16 -20.31 4.95
C SER A 5 -0.31 -20.67 3.47
N SER A 6 -1.01 -19.80 2.74
CA SER A 6 -1.23 -20.03 1.31
C SER A 6 -0.39 -19.07 0.47
N GLY A 7 -0.47 -17.78 0.80
CA GLY A 7 0.29 -16.79 0.07
C GLY A 7 -0.57 -16.03 -0.93
N ASN A 8 -0.26 -14.75 -1.12
CA ASN A 8 -1.01 -13.91 -2.05
C ASN A 8 -0.65 -14.26 -3.50
N ALA A 9 -1.67 -14.38 -4.34
CA ALA A 9 -1.47 -14.71 -5.75
C ALA A 9 -1.97 -13.58 -6.65
N GLN A 10 -3.15 -13.05 -6.32
CA GLN A 10 -3.74 -11.97 -7.10
C GLN A 10 -3.85 -10.69 -6.28
N ARG A 11 -3.77 -9.55 -6.95
CA ARG A 11 -3.86 -8.26 -6.28
C ARG A 11 -5.32 -7.88 -6.02
N SER A 12 -5.70 -7.85 -4.74
CA SER A 12 -7.06 -7.51 -4.36
C SER A 12 -7.09 -6.22 -3.53
N THR A 13 -8.26 -5.59 -3.46
CA THR A 13 -8.41 -4.36 -2.71
C THR A 13 -8.67 -4.64 -1.24
N LEU A 14 -8.05 -5.70 -0.73
CA LEU A 14 -8.21 -6.08 0.67
C LEU A 14 -6.99 -5.66 1.49
N LYS A 15 -5.82 -6.17 1.10
CA LYS A 15 -4.58 -5.85 1.80
C LYS A 15 -4.37 -4.33 1.86
N TRP A 16 -4.75 -3.65 0.79
CA TRP A 16 -4.61 -2.19 0.74
C TRP A 16 -5.08 -1.54 2.03
N GLU A 17 -6.35 -1.75 2.36
CA GLU A 17 -6.92 -1.18 3.57
C GLU A 17 -5.99 -1.39 4.77
N LYS A 18 -5.35 -2.56 4.81
CA LYS A 18 -4.44 -2.89 5.89
C LYS A 18 -3.17 -2.06 5.80
N GLU A 19 -2.64 -1.92 4.58
CA GLU A 19 -1.42 -1.16 4.36
C GLU A 19 -1.67 0.33 4.56
N GLU A 20 -2.94 0.73 4.49
CA GLU A 20 -3.32 2.13 4.66
C GLU A 20 -3.03 2.60 6.08
N ALA A 21 -2.92 1.65 7.00
CA ALA A 21 -2.64 1.97 8.40
C ALA A 21 -1.14 2.06 8.66
N LEU A 22 -0.36 1.28 7.91
CA LEU A 22 1.09 1.28 8.06
C LEU A 22 1.67 2.61 7.61
N GLY A 23 0.92 3.35 6.80
CA GLY A 23 1.38 4.63 6.31
C GLY A 23 2.65 4.52 5.49
N GLU A 24 3.71 5.21 5.92
CA GLU A 24 4.98 5.18 5.22
C GLU A 24 5.54 3.76 5.16
N MET A 25 4.94 2.86 5.93
CA MET A 25 5.39 1.47 5.98
C MET A 25 4.63 0.64 4.95
N ALA A 26 3.51 1.16 4.46
CA ALA A 26 2.70 0.46 3.47
C ALA A 26 3.57 -0.37 2.54
N THR A 27 3.32 -1.68 2.51
CA THR A 27 4.08 -2.59 1.66
C THR A 27 3.62 -2.50 0.21
N VAL A 28 2.76 -1.52 -0.07
CA VAL A 28 2.25 -1.33 -1.42
C VAL A 28 2.80 -0.06 -2.06
N ALA A 29 2.80 0.00 -3.38
CA ALA A 29 3.31 1.15 -4.10
C ALA A 29 2.35 2.34 -3.98
N PRO A 30 1.11 2.15 -4.43
CA PRO A 30 0.08 3.18 -4.39
C PRO A 30 -0.39 3.48 -2.96
N VAL A 31 -0.73 2.43 -2.22
CA VAL A 31 -1.20 2.57 -0.85
C VAL A 31 -0.14 3.25 0.01
N LEU A 32 1.08 3.34 -0.51
CA LEU A 32 2.19 3.96 0.21
C LEU A 32 2.33 5.43 -0.18
N TYR A 33 2.34 5.68 -1.48
CA TYR A 33 2.48 7.06 -1.98
C TYR A 33 1.45 7.97 -1.33
N THR A 34 0.18 7.60 -1.41
CA THR A 34 -0.89 8.38 -0.83
C THR A 34 -0.69 8.57 0.66
N ASN A 35 -0.30 7.50 1.34
CA ASN A 35 -0.07 7.57 2.78
C ASN A 35 0.88 8.70 3.14
N ILE A 36 1.79 9.02 2.22
CA ILE A 36 2.76 10.09 2.43
C ILE A 36 2.23 11.42 1.91
N ASN A 37 1.81 11.43 0.65
CA ASN A 37 1.28 12.64 0.03
C ASN A 37 0.00 13.09 0.73
N PHE A 38 -0.98 12.20 0.81
CA PHE A 38 -2.25 12.50 1.45
C PHE A 38 -2.34 11.82 2.81
N PRO A 39 -1.90 12.54 3.86
CA PRO A 39 -1.92 12.02 5.23
C PRO A 39 -3.34 11.91 5.79
N ASN A 40 -4.14 12.95 5.57
CA ASN A 40 -5.52 12.97 6.04
C ASN A 40 -6.44 12.22 5.07
N LEU A 41 -5.84 11.55 4.09
CA LEU A 41 -6.61 10.79 3.11
C LEU A 41 -7.80 10.11 3.75
N LYS A 42 -7.55 9.36 4.82
CA LYS A 42 -8.61 8.65 5.53
C LYS A 42 -9.82 9.56 5.73
N GLU A 43 -9.59 10.71 6.34
CA GLU A 43 -10.67 11.66 6.60
C GLU A 43 -11.33 12.09 5.30
N GLU A 44 -10.57 12.73 4.42
CA GLU A 44 -11.09 13.18 3.14
C GLU A 44 -12.07 12.17 2.56
N PHE A 45 -11.74 10.89 2.68
CA PHE A 45 -12.59 9.82 2.16
C PHE A 45 -12.72 8.69 3.18
N PRO A 46 -13.77 8.75 4.01
CA PRO A 46 -14.04 7.74 5.03
C PRO A 46 -14.46 6.41 4.44
N ASP A 47 -15.34 6.46 3.44
CA ASP A 47 -15.82 5.24 2.79
C ASP A 47 -14.72 4.60 1.96
N TRP A 48 -14.21 3.47 2.44
CA TRP A 48 -13.15 2.76 1.75
C TRP A 48 -13.44 2.67 0.26
N THR A 49 -14.53 1.98 -0.09
CA THR A 49 -14.92 1.83 -1.49
C THR A 49 -14.69 3.12 -2.27
N THR A 50 -14.75 4.25 -1.57
CA THR A 50 -14.55 5.55 -2.20
C THR A 50 -13.09 5.99 -2.11
N ARG A 51 -12.43 5.65 -1.00
CA ARG A 51 -11.04 6.01 -0.79
C ARG A 51 -10.14 5.21 -1.72
N VAL A 52 -10.32 3.89 -1.72
CA VAL A 52 -9.52 3.01 -2.57
C VAL A 52 -9.42 3.54 -4.00
N LYS A 53 -10.42 4.32 -4.39
CA LYS A 53 -10.45 4.90 -5.74
C LYS A 53 -9.48 6.06 -5.84
N GLN A 54 -9.48 6.93 -4.84
CA GLN A 54 -8.59 8.08 -4.83
C GLN A 54 -7.13 7.65 -4.91
N ILE A 55 -6.83 6.49 -4.34
CA ILE A 55 -5.47 5.97 -4.35
C ILE A 55 -5.05 5.55 -5.75
N ALA A 56 -6.02 5.04 -6.52
CA ALA A 56 -5.74 4.61 -7.89
C ALA A 56 -5.53 5.80 -8.82
N LYS A 57 -6.46 6.75 -8.76
CA LYS A 57 -6.38 7.94 -9.60
C LYS A 57 -5.11 8.73 -9.31
N LEU A 58 -4.84 8.97 -8.03
CA LEU A 58 -3.65 9.70 -7.62
C LEU A 58 -2.38 8.95 -8.00
N TRP A 59 -2.44 7.62 -7.93
CA TRP A 59 -1.31 6.78 -8.28
C TRP A 59 -0.93 6.94 -9.73
N ARG A 60 -1.91 6.71 -10.63
CA ARG A 60 -1.67 6.84 -12.06
C ARG A 60 -1.22 8.25 -12.42
N LYS A 61 -1.82 9.24 -11.78
CA LYS A 61 -1.48 10.63 -12.03
C LYS A 61 0.02 10.85 -11.97
N ALA A 62 0.68 10.18 -11.02
CA ALA A 62 2.12 10.30 -10.87
C ALA A 62 2.86 9.59 -12.01
N SER A 63 3.91 10.22 -12.50
CA SER A 63 4.69 9.66 -13.60
C SER A 63 5.43 8.41 -13.15
N SER A 64 5.68 7.50 -14.09
CA SER A 64 6.37 6.26 -13.79
C SER A 64 7.63 6.52 -12.96
N GLN A 65 8.44 7.47 -13.40
CA GLN A 65 9.66 7.82 -12.71
C GLN A 65 9.37 8.25 -11.27
N GLU A 66 8.14 8.70 -11.04
CA GLU A 66 7.72 9.14 -9.70
C GLU A 66 7.46 7.95 -8.80
N ARG A 67 6.92 6.88 -9.38
CA ARG A 67 6.62 5.68 -8.61
C ARG A 67 7.87 4.84 -8.39
N ALA A 68 8.91 5.11 -9.17
CA ALA A 68 10.17 4.38 -9.06
C ALA A 68 10.48 4.06 -7.61
N PRO A 69 10.56 5.09 -6.76
CA PRO A 69 10.85 4.93 -5.33
C PRO A 69 9.70 4.27 -4.57
N TYR A 70 8.49 4.77 -4.79
CA TYR A 70 7.32 4.22 -4.12
C TYR A 70 7.09 2.77 -4.52
N VAL A 71 7.73 2.35 -5.61
CA VAL A 71 7.59 0.98 -6.09
C VAL A 71 8.59 0.06 -5.41
N GLN A 72 9.79 0.57 -5.17
CA GLN A 72 10.85 -0.21 -4.52
C GLN A 72 10.65 -0.21 -3.00
N LYS A 73 10.35 0.96 -2.45
CA LYS A 73 10.15 1.10 -1.02
C LYS A 73 9.12 0.09 -0.51
N ALA A 74 8.01 -0.03 -1.25
CA ALA A 74 6.95 -0.95 -0.89
C ALA A 74 7.50 -2.35 -0.63
N ARG A 75 8.33 -2.84 -1.54
CA ARG A 75 8.92 -4.16 -1.41
C ARG A 75 9.78 -4.25 -0.15
N ASP A 76 10.64 -3.26 0.04
CA ASP A 76 11.51 -3.23 1.21
C ASP A 76 10.70 -3.26 2.50
N ASN A 77 9.59 -2.54 2.51
CA ASN A 77 8.72 -2.48 3.67
C ASN A 77 8.35 -3.88 4.15
N ARG A 78 8.17 -4.78 3.20
CA ARG A 78 7.82 -6.17 3.53
C ARG A 78 8.89 -6.82 4.39
N ALA A 79 10.15 -6.53 4.08
CA ALA A 79 11.26 -7.09 4.84
C ALA A 79 11.21 -6.66 6.30
N ALA A 80 11.06 -5.35 6.52
CA ALA A 80 11.00 -4.83 7.88
C ALA A 80 10.17 -5.73 8.79
N LEU A 81 9.01 -6.15 8.29
CA LEU A 81 8.11 -7.02 9.05
C LEU A 81 8.77 -8.37 9.31
N ARG A 82 9.25 -9.00 8.24
CA ARG A 82 9.89 -10.31 8.35
C ARG A 82 11.00 -10.28 9.39
N ILE A 83 11.79 -9.21 9.37
CA ILE A 83 12.90 -9.06 10.33
C ILE A 83 12.38 -8.75 11.73
N ASN A 84 11.59 -7.69 11.84
CA ASN A 84 11.03 -7.29 13.13
C ASN A 84 10.12 -8.37 13.68
N LYS A 85 9.48 -8.08 14.81
CA LYS A 85 8.58 -9.04 15.45
C LYS A 85 7.16 -8.47 15.52
N VAL A 86 6.88 -7.46 14.71
CA VAL A 86 5.56 -6.84 14.68
C VAL A 86 4.82 -7.19 13.39
N GLN A 87 3.94 -8.17 13.47
CA GLN A 87 3.16 -8.60 12.31
C GLN A 87 1.74 -8.96 12.72
N MET A 88 0.83 -8.94 11.75
CA MET A 88 -0.57 -9.27 12.00
C MET A 88 -1.31 -9.56 10.71
N SER A 89 -2.08 -10.64 10.69
CA SER A 89 -2.84 -11.03 9.51
C SER A 89 -3.95 -10.03 9.22
N ASN A 90 -4.76 -9.74 10.24
CA ASN A 90 -5.85 -8.80 10.09
C ASN A 90 -5.35 -7.36 10.07
N GLY A 1 -21.49 -5.35 6.15
CA GLY A 1 -20.54 -6.04 6.99
C GLY A 1 -20.20 -7.42 6.48
N SER A 2 -18.91 -7.76 6.50
CA SER A 2 -18.46 -9.06 6.03
C SER A 2 -17.07 -9.39 6.58
N SER A 3 -16.64 -10.63 6.37
CA SER A 3 -15.33 -11.06 6.85
C SER A 3 -14.28 -9.99 6.62
N GLY A 4 -13.51 -9.68 7.66
CA GLY A 4 -12.47 -8.67 7.55
C GLY A 4 -11.61 -8.87 6.32
N SER A 5 -10.47 -9.54 6.50
CA SER A 5 -9.55 -9.78 5.40
C SER A 5 -9.58 -11.26 5.00
N SER A 6 -9.91 -11.51 3.75
CA SER A 6 -9.98 -12.87 3.23
C SER A 6 -8.67 -13.26 2.55
N GLY A 7 -8.59 -14.51 2.10
CA GLY A 7 -7.39 -14.99 1.45
C GLY A 7 -7.62 -15.36 0.00
N ASN A 8 -6.83 -14.80 -0.90
CA ASN A 8 -6.97 -15.08 -2.33
C ASN A 8 -5.59 -15.23 -2.98
N ALA A 9 -5.59 -15.60 -4.25
CA ALA A 9 -4.36 -15.78 -5.00
C ALA A 9 -3.76 -14.44 -5.41
N GLN A 10 -4.50 -13.69 -6.22
CA GLN A 10 -4.05 -12.38 -6.68
C GLN A 10 -4.38 -11.30 -5.66
N ARG A 11 -3.50 -10.31 -5.55
CA ARG A 11 -3.69 -9.21 -4.61
C ARG A 11 -5.08 -8.61 -4.76
N SER A 12 -5.45 -7.73 -3.83
CA SER A 12 -6.76 -7.09 -3.87
C SER A 12 -6.85 -5.98 -2.81
N THR A 13 -7.82 -5.10 -2.97
CA THR A 13 -8.01 -4.00 -2.03
C THR A 13 -7.99 -4.49 -0.59
N LEU A 14 -8.55 -5.68 -0.36
CA LEU A 14 -8.59 -6.26 0.97
C LEU A 14 -7.25 -6.09 1.68
N LYS A 15 -6.17 -6.12 0.90
CA LYS A 15 -4.83 -5.97 1.46
C LYS A 15 -4.45 -4.50 1.58
N TRP A 16 -4.90 -3.70 0.62
CA TRP A 16 -4.61 -2.26 0.62
C TRP A 16 -5.01 -1.64 1.95
N GLU A 17 -6.28 -1.78 2.32
CA GLU A 17 -6.79 -1.22 3.56
C GLU A 17 -5.83 -1.52 4.72
N LYS A 18 -5.30 -2.74 4.73
CA LYS A 18 -4.37 -3.16 5.78
C LYS A 18 -3.12 -2.30 5.78
N GLU A 19 -2.49 -2.17 4.61
CA GLU A 19 -1.28 -1.36 4.48
C GLU A 19 -1.56 0.09 4.83
N GLU A 20 -2.73 0.58 4.44
CA GLU A 20 -3.11 1.96 4.71
C GLU A 20 -2.83 2.33 6.16
N ALA A 21 -2.93 1.34 7.05
CA ALA A 21 -2.68 1.56 8.47
C ALA A 21 -1.19 1.72 8.74
N LEU A 22 -0.36 1.02 7.97
CA LEU A 22 1.08 1.09 8.13
C LEU A 22 1.61 2.46 7.72
N GLY A 23 0.84 3.17 6.92
CA GLY A 23 1.24 4.48 6.47
C GLY A 23 2.53 4.46 5.67
N GLU A 24 3.56 5.10 6.19
CA GLU A 24 4.86 5.14 5.52
C GLU A 24 5.48 3.74 5.43
N MET A 25 4.87 2.80 6.13
CA MET A 25 5.36 1.42 6.14
C MET A 25 4.63 0.58 5.09
N ALA A 26 3.57 1.15 4.51
CA ALA A 26 2.79 0.45 3.49
C ALA A 26 3.69 -0.35 2.56
N THR A 27 3.41 -1.64 2.44
CA THR A 27 4.19 -2.52 1.58
C THR A 27 3.74 -2.42 0.13
N VAL A 28 2.83 -1.48 -0.14
CA VAL A 28 2.32 -1.27 -1.49
C VAL A 28 2.84 0.02 -2.09
N ALA A 29 2.88 0.09 -3.42
CA ALA A 29 3.36 1.27 -4.11
C ALA A 29 2.36 2.43 -3.98
N PRO A 30 1.12 2.20 -4.42
CA PRO A 30 0.06 3.21 -4.35
C PRO A 30 -0.40 3.48 -2.92
N VAL A 31 -0.72 2.42 -2.20
CA VAL A 31 -1.17 2.53 -0.82
C VAL A 31 -0.13 3.27 0.03
N LEU A 32 1.08 3.39 -0.49
CA LEU A 32 2.16 4.08 0.22
C LEU A 32 2.23 5.54 -0.20
N TYR A 33 2.31 5.78 -1.50
CA TYR A 33 2.39 7.14 -2.02
C TYR A 33 1.36 8.05 -1.35
N THR A 34 0.11 7.63 -1.39
CA THR A 34 -0.98 8.39 -0.79
C THR A 34 -0.75 8.57 0.71
N ASN A 35 -0.38 7.48 1.39
CA ASN A 35 -0.14 7.53 2.82
C ASN A 35 0.76 8.70 3.20
N ILE A 36 1.69 9.03 2.30
CA ILE A 36 2.61 10.15 2.53
C ILE A 36 2.08 11.43 1.93
N ASN A 37 1.97 11.45 0.60
CA ASN A 37 1.47 12.62 -0.12
C ASN A 37 0.16 13.11 0.48
N PHE A 38 -0.78 12.19 0.64
CA PHE A 38 -2.08 12.53 1.20
C PHE A 38 -2.21 12.00 2.63
N PRO A 39 -1.77 12.81 3.60
CA PRO A 39 -1.83 12.44 5.02
C PRO A 39 -3.25 12.42 5.56
N ASN A 40 -4.03 13.44 5.20
CA ASN A 40 -5.41 13.53 5.66
C ASN A 40 -6.35 12.78 4.71
N LEU A 41 -5.76 11.94 3.86
CA LEU A 41 -6.53 11.15 2.91
C LEU A 41 -7.78 10.56 3.58
N LYS A 42 -7.57 9.80 4.65
CA LYS A 42 -8.66 9.18 5.38
C LYS A 42 -9.82 10.15 5.56
N GLU A 43 -9.49 11.39 5.93
CA GLU A 43 -10.49 12.42 6.14
C GLU A 43 -11.25 12.71 4.85
N GLU A 44 -10.51 13.12 3.82
CA GLU A 44 -11.12 13.43 2.53
C GLU A 44 -12.07 12.33 2.09
N PHE A 45 -11.68 11.08 2.34
CA PHE A 45 -12.50 9.93 1.96
C PHE A 45 -12.58 8.93 3.11
N PRO A 46 -13.63 9.06 3.94
CA PRO A 46 -13.84 8.17 5.08
C PRO A 46 -14.23 6.76 4.66
N ASP A 47 -15.13 6.67 3.68
CA ASP A 47 -15.58 5.37 3.18
C ASP A 47 -14.51 4.72 2.31
N TRP A 48 -13.92 3.64 2.79
CA TRP A 48 -12.88 2.93 2.06
C TRP A 48 -13.28 2.77 0.59
N THR A 49 -14.39 2.09 0.35
CA THR A 49 -14.89 1.86 -1.00
C THR A 49 -14.71 3.11 -1.86
N THR A 50 -14.70 4.27 -1.22
CA THR A 50 -14.55 5.54 -1.93
C THR A 50 -13.09 5.99 -1.93
N ARG A 51 -12.40 5.77 -0.82
CA ARG A 51 -11.00 6.15 -0.70
C ARG A 51 -10.14 5.34 -1.64
N VAL A 52 -10.24 4.01 -1.56
CA VAL A 52 -9.47 3.13 -2.41
C VAL A 52 -9.50 3.59 -3.86
N LYS A 53 -10.70 3.94 -4.34
CA LYS A 53 -10.86 4.40 -5.71
C LYS A 53 -9.94 5.58 -6.01
N GLN A 54 -9.82 6.49 -5.04
CA GLN A 54 -8.97 7.67 -5.20
C GLN A 54 -7.51 7.26 -5.37
N ILE A 55 -6.97 6.58 -4.37
CA ILE A 55 -5.58 6.14 -4.40
C ILE A 55 -5.20 5.65 -5.80
N ALA A 56 -6.17 5.08 -6.50
CA ALA A 56 -5.94 4.58 -7.85
C ALA A 56 -5.61 5.72 -8.82
N LYS A 57 -6.50 6.69 -8.91
CA LYS A 57 -6.31 7.84 -9.79
C LYS A 57 -5.05 8.61 -9.40
N LEU A 58 -4.91 8.90 -8.12
CA LEU A 58 -3.75 9.63 -7.61
C LEU A 58 -2.45 8.91 -7.98
N TRP A 59 -2.49 7.59 -7.96
CA TRP A 59 -1.32 6.78 -8.29
C TRP A 59 -1.05 6.80 -9.79
N ARG A 60 -2.11 6.61 -10.58
CA ARG A 60 -1.98 6.60 -12.03
C ARG A 60 -1.43 7.94 -12.54
N LYS A 61 -1.90 9.03 -11.94
CA LYS A 61 -1.45 10.36 -12.32
C LYS A 61 0.07 10.46 -12.26
N ALA A 62 0.66 9.91 -11.19
CA ALA A 62 2.11 9.93 -11.02
C ALA A 62 2.81 9.18 -12.13
N SER A 63 3.91 9.73 -12.63
CA SER A 63 4.67 9.11 -13.70
C SER A 63 5.57 8.01 -13.15
N SER A 64 5.95 7.08 -14.02
CA SER A 64 6.81 5.96 -13.62
C SER A 64 8.01 6.46 -12.82
N GLN A 65 8.66 7.50 -13.34
CA GLN A 65 9.82 8.07 -12.67
C GLN A 65 9.47 8.54 -11.26
N GLU A 66 8.20 8.83 -11.04
CA GLU A 66 7.73 9.28 -9.73
C GLU A 66 7.49 8.10 -8.80
N ARG A 67 6.97 7.01 -9.36
CA ARG A 67 6.68 5.82 -8.59
C ARG A 67 7.95 5.00 -8.35
N ALA A 68 9.00 5.31 -9.12
CA ALA A 68 10.26 4.61 -8.99
C ALA A 68 10.56 4.26 -7.53
N PRO A 69 10.61 5.30 -6.67
CA PRO A 69 10.88 5.13 -5.25
C PRO A 69 9.73 4.45 -4.51
N TYR A 70 8.52 4.99 -4.70
CA TYR A 70 7.33 4.43 -4.06
C TYR A 70 7.12 2.98 -4.45
N VAL A 71 7.79 2.56 -5.54
CA VAL A 71 7.68 1.20 -6.03
C VAL A 71 8.65 0.28 -5.31
N GLN A 72 9.86 0.77 -5.06
CA GLN A 72 10.89 0.00 -4.37
C GLN A 72 10.64 -0.03 -2.86
N LYS A 73 10.37 1.14 -2.30
CA LYS A 73 10.12 1.26 -0.87
C LYS A 73 9.11 0.21 -0.40
N ALA A 74 7.97 0.16 -1.10
CA ALA A 74 6.92 -0.79 -0.76
C ALA A 74 7.49 -2.20 -0.60
N ARG A 75 8.44 -2.55 -1.45
CA ARG A 75 9.06 -3.87 -1.41
C ARG A 75 9.94 -4.02 -0.17
N ASP A 76 10.74 -2.99 0.10
CA ASP A 76 11.63 -3.00 1.27
C ASP A 76 10.83 -3.09 2.56
N ASN A 77 9.68 -2.42 2.59
CA ASN A 77 8.83 -2.42 3.77
C ASN A 77 8.46 -3.85 4.18
N ARG A 78 8.25 -4.71 3.19
CA ARG A 78 7.90 -6.10 3.44
C ARG A 78 8.99 -6.79 4.25
N ALA A 79 10.24 -6.49 3.92
CA ALA A 79 11.37 -7.09 4.62
C ALA A 79 11.33 -6.77 6.11
N ALA A 80 11.16 -5.49 6.43
CA ALA A 80 11.11 -5.04 7.81
C ALA A 80 10.28 -6.00 8.66
N LEU A 81 9.12 -6.37 8.14
CA LEU A 81 8.22 -7.28 8.86
C LEU A 81 8.89 -8.65 9.06
N ARG A 82 9.33 -9.25 7.96
CA ARG A 82 9.97 -10.55 8.02
C ARG A 82 10.93 -10.63 9.20
N ILE A 83 11.82 -9.66 9.31
CA ILE A 83 12.79 -9.61 10.39
C ILE A 83 12.10 -9.42 11.74
N ASN A 84 11.33 -8.35 11.86
CA ASN A 84 10.61 -8.06 13.09
C ASN A 84 9.56 -9.12 13.38
N LYS A 85 9.96 -10.17 14.07
CA LYS A 85 9.05 -11.26 14.41
C LYS A 85 9.35 -11.80 15.81
N VAL A 86 8.36 -12.45 16.41
CA VAL A 86 8.52 -13.02 17.75
C VAL A 86 9.82 -13.80 17.86
N GLN A 87 10.75 -13.28 18.66
CA GLN A 87 12.04 -13.92 18.86
C GLN A 87 11.86 -15.34 19.38
N MET A 88 12.77 -16.23 18.99
CA MET A 88 12.71 -17.63 19.42
C MET A 88 11.43 -18.30 18.93
N SER A 89 11.15 -18.13 17.64
CA SER A 89 9.94 -18.72 17.05
C SER A 89 10.04 -18.73 15.53
N ASN A 90 9.10 -19.41 14.88
CA ASN A 90 9.08 -19.50 13.43
C ASN A 90 7.66 -19.41 12.90
N GLY A 1 10.28 -18.54 -29.30
CA GLY A 1 9.47 -17.38 -28.95
C GLY A 1 9.20 -17.29 -27.46
N SER A 2 8.77 -16.12 -27.01
CA SER A 2 8.47 -15.90 -25.60
C SER A 2 7.30 -16.75 -25.16
N SER A 3 7.25 -17.06 -23.86
CA SER A 3 6.18 -17.87 -23.30
C SER A 3 4.97 -17.01 -22.92
N GLY A 4 5.21 -16.02 -22.07
CA GLY A 4 4.14 -15.13 -21.64
C GLY A 4 4.30 -14.68 -20.21
N SER A 5 3.22 -14.18 -19.62
CA SER A 5 3.25 -13.70 -18.24
C SER A 5 2.07 -14.27 -17.44
N SER A 6 2.26 -14.40 -16.14
CA SER A 6 1.22 -14.93 -15.26
C SER A 6 -0.10 -14.21 -15.49
N GLY A 7 -1.20 -14.91 -15.23
CA GLY A 7 -2.51 -14.31 -15.41
C GLY A 7 -2.76 -13.14 -14.50
N ASN A 8 -3.93 -13.10 -13.88
CA ASN A 8 -4.28 -12.01 -12.97
C ASN A 8 -5.45 -12.41 -12.07
N ALA A 9 -5.18 -12.51 -10.77
CA ALA A 9 -6.20 -12.88 -9.81
C ALA A 9 -7.14 -11.72 -9.53
N GLN A 10 -8.20 -11.99 -8.77
CA GLN A 10 -9.19 -10.97 -8.44
C GLN A 10 -9.14 -10.63 -6.94
N ARG A 11 -8.22 -9.75 -6.58
CA ARG A 11 -8.07 -9.35 -5.18
C ARG A 11 -9.28 -8.54 -4.71
N SER A 12 -9.55 -8.58 -3.41
CA SER A 12 -10.68 -7.87 -2.84
C SER A 12 -10.22 -6.58 -2.16
N THR A 13 -9.10 -6.04 -2.63
CA THR A 13 -8.54 -4.81 -2.07
C THR A 13 -8.42 -4.91 -0.55
N LEU A 14 -7.80 -5.99 -0.08
CA LEU A 14 -7.61 -6.19 1.35
C LEU A 14 -6.24 -5.69 1.81
N LYS A 15 -5.19 -6.19 1.17
CA LYS A 15 -3.83 -5.80 1.50
C LYS A 15 -3.73 -4.29 1.67
N TRP A 16 -4.42 -3.55 0.80
CA TRP A 16 -4.40 -2.09 0.86
C TRP A 16 -5.00 -1.60 2.17
N GLU A 17 -6.25 -1.95 2.43
CA GLU A 17 -6.92 -1.54 3.64
C GLU A 17 -6.03 -1.74 4.86
N LYS A 18 -5.18 -2.76 4.80
CA LYS A 18 -4.27 -3.06 5.90
C LYS A 18 -3.05 -2.13 5.86
N GLU A 19 -2.48 -1.97 4.68
CA GLU A 19 -1.31 -1.10 4.51
C GLU A 19 -1.68 0.36 4.76
N GLU A 20 -2.96 0.68 4.60
CA GLU A 20 -3.44 2.04 4.81
C GLU A 20 -3.17 2.51 6.23
N ALA A 21 -2.94 1.55 7.13
CA ALA A 21 -2.67 1.86 8.53
C ALA A 21 -1.17 2.04 8.76
N LEU A 22 -0.37 1.20 8.13
CA LEU A 22 1.08 1.27 8.27
C LEU A 22 1.61 2.63 7.81
N GLY A 23 0.88 3.26 6.90
CA GLY A 23 1.28 4.57 6.39
C GLY A 23 2.56 4.49 5.58
N GLU A 24 3.59 5.20 6.03
CA GLU A 24 4.87 5.21 5.34
C GLU A 24 5.46 3.81 5.25
N MET A 25 4.92 2.90 6.06
CA MET A 25 5.39 1.52 6.07
C MET A 25 4.62 0.67 5.07
N ALA A 26 3.59 1.25 4.48
CA ALA A 26 2.77 0.54 3.50
C ALA A 26 3.64 -0.29 2.56
N THR A 27 3.41 -1.60 2.54
CA THR A 27 4.18 -2.50 1.69
C THR A 27 3.71 -2.41 0.25
N VAL A 28 2.81 -1.48 -0.02
CA VAL A 28 2.28 -1.29 -1.38
C VAL A 28 2.85 -0.02 -2.00
N ALA A 29 2.81 0.04 -3.33
CA ALA A 29 3.31 1.20 -4.05
C ALA A 29 2.35 2.39 -3.92
N PRO A 30 1.11 2.19 -4.36
CA PRO A 30 0.07 3.23 -4.30
C PRO A 30 -0.38 3.51 -2.87
N VAL A 31 -0.74 2.46 -2.15
CA VAL A 31 -1.18 2.61 -0.76
C VAL A 31 -0.15 3.32 0.08
N LEU A 32 1.09 3.35 -0.42
CA LEU A 32 2.19 4.01 0.30
C LEU A 32 2.30 5.47 -0.11
N TYR A 33 2.33 5.72 -1.42
CA TYR A 33 2.43 7.08 -1.94
C TYR A 33 1.40 8.00 -1.29
N THR A 34 0.14 7.61 -1.38
CA THR A 34 -0.95 8.40 -0.80
C THR A 34 -0.75 8.58 0.70
N ASN A 35 -0.34 7.51 1.37
CA ASN A 35 -0.11 7.56 2.81
C ASN A 35 0.81 8.71 3.18
N ILE A 36 1.75 9.02 2.29
CA ILE A 36 2.70 10.11 2.53
C ILE A 36 2.16 11.42 1.97
N ASN A 37 1.93 11.46 0.66
CA ASN A 37 1.41 12.66 0.01
C ASN A 37 0.11 13.13 0.66
N PHE A 38 -0.83 12.20 0.80
CA PHE A 38 -2.11 12.51 1.42
C PHE A 38 -2.21 11.95 2.83
N PRO A 39 -1.80 12.77 3.81
CA PRO A 39 -1.82 12.38 5.23
C PRO A 39 -3.23 12.25 5.78
N ASN A 40 -4.10 13.18 5.38
CA ASN A 40 -5.49 13.18 5.84
C ASN A 40 -6.39 12.50 4.82
N LEU A 41 -5.78 11.69 3.94
CA LEU A 41 -6.54 10.98 2.91
C LEU A 41 -7.82 10.38 3.50
N LYS A 42 -7.69 9.72 4.64
CA LYS A 42 -8.83 9.10 5.29
C LYS A 42 -9.97 10.10 5.46
N GLU A 43 -9.66 11.26 6.04
CA GLU A 43 -10.66 12.30 6.26
C GLU A 43 -11.37 12.65 4.95
N GLU A 44 -10.60 13.06 3.95
CA GLU A 44 -11.16 13.42 2.65
C GLU A 44 -12.12 12.35 2.16
N PHE A 45 -11.74 11.09 2.35
CA PHE A 45 -12.57 9.97 1.91
C PHE A 45 -12.64 8.90 3.01
N PRO A 46 -13.70 8.98 3.84
CA PRO A 46 -13.91 8.04 4.93
C PRO A 46 -14.30 6.65 4.43
N ASP A 47 -15.20 6.61 3.47
CA ASP A 47 -15.66 5.35 2.90
C ASP A 47 -14.56 4.69 2.06
N TRP A 48 -13.99 3.62 2.59
CA TRP A 48 -12.92 2.91 1.89
C TRP A 48 -13.26 2.73 0.42
N THR A 49 -14.32 1.97 0.15
CA THR A 49 -14.74 1.71 -1.22
C THR A 49 -14.66 2.98 -2.06
N THR A 50 -14.74 4.13 -1.41
CA THR A 50 -14.68 5.41 -2.09
C THR A 50 -13.26 5.96 -2.12
N ARG A 51 -12.53 5.74 -1.03
CA ARG A 51 -11.16 6.20 -0.91
C ARG A 51 -10.23 5.39 -1.81
N VAL A 52 -10.30 4.07 -1.69
CA VAL A 52 -9.47 3.18 -2.49
C VAL A 52 -9.38 3.67 -3.93
N LYS A 53 -10.44 4.34 -4.39
CA LYS A 53 -10.47 4.86 -5.75
C LYS A 53 -9.49 6.01 -5.93
N GLN A 54 -9.47 6.91 -4.97
CA GLN A 54 -8.57 8.06 -5.02
C GLN A 54 -7.12 7.61 -5.07
N ILE A 55 -6.82 6.47 -4.45
CA ILE A 55 -5.48 5.92 -4.44
C ILE A 55 -5.05 5.46 -5.82
N ALA A 56 -6.01 4.93 -6.59
CA ALA A 56 -5.74 4.46 -7.94
C ALA A 56 -5.53 5.62 -8.90
N LYS A 57 -6.40 6.62 -8.82
CA LYS A 57 -6.31 7.79 -9.68
C LYS A 57 -5.06 8.60 -9.36
N LEU A 58 -4.86 8.88 -8.08
CA LEU A 58 -3.70 9.66 -7.64
C LEU A 58 -2.40 8.91 -7.95
N TRP A 59 -2.49 7.59 -8.02
CA TRP A 59 -1.33 6.76 -8.30
C TRP A 59 -1.01 6.75 -9.80
N ARG A 60 -2.05 6.58 -10.61
CA ARG A 60 -1.89 6.55 -12.06
C ARG A 60 -1.39 7.89 -12.57
N LYS A 61 -2.06 8.97 -12.16
CA LYS A 61 -1.68 10.31 -12.58
C LYS A 61 -0.20 10.57 -12.31
N ALA A 62 0.34 9.90 -11.31
CA ALA A 62 1.76 10.06 -10.96
C ALA A 62 2.65 9.49 -12.05
N SER A 63 3.65 10.26 -12.45
CA SER A 63 4.58 9.83 -13.49
C SER A 63 5.36 8.60 -13.04
N SER A 64 5.73 7.76 -14.01
CA SER A 64 6.47 6.54 -13.72
C SER A 64 7.67 6.84 -12.83
N GLN A 65 8.43 7.87 -13.19
CA GLN A 65 9.61 8.26 -12.41
C GLN A 65 9.22 8.59 -10.97
N GLU A 66 7.96 8.91 -10.76
CA GLU A 66 7.47 9.25 -9.42
C GLU A 66 7.27 7.99 -8.58
N ARG A 67 6.77 6.94 -9.22
CA ARG A 67 6.53 5.67 -8.53
C ARG A 67 7.83 4.90 -8.33
N ALA A 68 8.82 5.20 -9.17
CA ALA A 68 10.11 4.54 -9.08
C ALA A 68 10.45 4.17 -7.64
N PRO A 69 10.51 5.19 -6.77
CA PRO A 69 10.82 5.01 -5.35
C PRO A 69 9.70 4.28 -4.60
N TYR A 70 8.48 4.79 -4.74
CA TYR A 70 7.32 4.21 -4.08
C TYR A 70 7.12 2.77 -4.51
N VAL A 71 7.78 2.39 -5.60
CA VAL A 71 7.68 1.03 -6.13
C VAL A 71 8.67 0.10 -5.45
N GLN A 72 9.86 0.60 -5.16
CA GLN A 72 10.90 -0.18 -4.52
C GLN A 72 10.71 -0.20 -3.00
N LYS A 73 10.41 0.97 -2.44
CA LYS A 73 10.20 1.09 -1.00
C LYS A 73 9.14 0.11 -0.52
N ALA A 74 8.05 0.00 -1.27
CA ALA A 74 6.97 -0.91 -0.92
C ALA A 74 7.48 -2.33 -0.73
N ARG A 75 8.42 -2.74 -1.59
CA ARG A 75 8.99 -4.07 -1.52
C ARG A 75 9.84 -4.23 -0.26
N ASP A 76 10.66 -3.23 0.02
CA ASP A 76 11.53 -3.26 1.20
C ASP A 76 10.71 -3.30 2.48
N ASN A 77 9.59 -2.56 2.48
CA ASN A 77 8.72 -2.51 3.64
C ASN A 77 8.30 -3.90 4.09
N ARG A 78 8.13 -4.79 3.11
CA ARG A 78 7.73 -6.17 3.39
C ARG A 78 8.79 -6.88 4.25
N ALA A 79 10.06 -6.63 3.94
CA ALA A 79 11.16 -7.24 4.68
C ALA A 79 11.11 -6.84 6.15
N ALA A 80 11.03 -5.54 6.40
CA ALA A 80 10.98 -5.04 7.78
C ALA A 80 10.16 -5.96 8.68
N LEU A 81 8.99 -6.35 8.19
CA LEU A 81 8.11 -7.24 8.94
C LEU A 81 8.74 -8.61 9.14
N ARG A 82 9.13 -9.24 8.04
CA ARG A 82 9.75 -10.56 8.10
C ARG A 82 10.77 -10.63 9.21
N ILE A 83 11.58 -9.58 9.34
CA ILE A 83 12.60 -9.52 10.37
C ILE A 83 11.99 -9.29 11.75
N ASN A 84 11.24 -8.20 11.88
CA ASN A 84 10.58 -7.86 13.13
C ASN A 84 11.53 -8.07 14.31
N LYS A 85 12.74 -7.55 14.18
CA LYS A 85 13.74 -7.68 15.24
C LYS A 85 13.80 -9.10 15.76
N VAL A 86 13.90 -10.06 14.85
CA VAL A 86 13.96 -11.47 15.22
C VAL A 86 15.40 -11.89 15.54
N GLN A 87 16.35 -11.05 15.16
CA GLN A 87 17.76 -11.33 15.42
C GLN A 87 18.19 -10.79 16.77
N MET A 88 17.37 -11.01 17.79
CA MET A 88 17.66 -10.53 19.13
C MET A 88 18.55 -11.52 19.87
N SER A 89 18.19 -12.80 19.80
CA SER A 89 18.95 -13.86 20.47
C SER A 89 20.45 -13.62 20.31
N ASN A 90 20.85 -13.16 19.13
CA ASN A 90 22.26 -12.90 18.86
C ASN A 90 23.14 -14.04 19.38
N GLY A 1 5.21 -30.36 -10.26
CA GLY A 1 6.10 -30.76 -9.20
C GLY A 1 5.40 -30.86 -7.85
N SER A 2 6.10 -30.47 -6.80
CA SER A 2 5.54 -30.52 -5.45
C SER A 2 5.20 -29.12 -4.95
N SER A 3 3.92 -28.88 -4.72
CA SER A 3 3.45 -27.58 -4.24
C SER A 3 2.78 -27.71 -2.88
N GLY A 4 3.19 -26.84 -1.95
CA GLY A 4 2.61 -26.87 -0.62
C GLY A 4 1.36 -26.04 -0.50
N SER A 5 0.76 -26.04 0.68
CA SER A 5 -0.47 -25.28 0.92
C SER A 5 -0.19 -23.78 0.92
N SER A 6 -0.61 -23.11 -0.15
CA SER A 6 -0.40 -21.67 -0.27
C SER A 6 -1.71 -20.95 -0.59
N GLY A 7 -1.70 -19.63 -0.48
CA GLY A 7 -2.89 -18.84 -0.75
C GLY A 7 -2.72 -17.94 -1.95
N ASN A 8 -3.82 -17.34 -2.40
CA ASN A 8 -3.80 -16.44 -3.54
C ASN A 8 -2.91 -15.23 -3.28
N ALA A 9 -1.63 -15.38 -3.55
CA ALA A 9 -0.67 -14.30 -3.34
C ALA A 9 -1.28 -12.94 -3.69
N GLN A 10 -1.86 -12.86 -4.88
CA GLN A 10 -2.49 -11.61 -5.33
C GLN A 10 -3.90 -11.49 -4.77
N ARG A 11 -4.05 -10.67 -3.73
CA ARG A 11 -5.35 -10.45 -3.11
C ARG A 11 -6.04 -9.22 -3.69
N SER A 12 -7.29 -9.00 -3.28
CA SER A 12 -8.05 -7.86 -3.76
C SER A 12 -7.76 -6.62 -2.92
N THR A 13 -8.44 -5.52 -3.25
CA THR A 13 -8.26 -4.27 -2.53
C THR A 13 -8.23 -4.50 -1.02
N LEU A 14 -9.09 -5.39 -0.55
CA LEU A 14 -9.17 -5.69 0.88
C LEU A 14 -7.79 -5.64 1.52
N LYS A 15 -6.77 -6.05 0.77
CA LYS A 15 -5.40 -6.04 1.26
C LYS A 15 -4.94 -4.63 1.56
N TRP A 16 -5.01 -3.76 0.56
CA TRP A 16 -4.59 -2.36 0.71
C TRP A 16 -5.04 -1.82 2.08
N GLU A 17 -6.33 -1.91 2.35
CA GLU A 17 -6.87 -1.43 3.62
C GLU A 17 -5.90 -1.70 4.76
N LYS A 18 -5.27 -2.86 4.73
CA LYS A 18 -4.32 -3.25 5.76
C LYS A 18 -3.11 -2.32 5.77
N GLU A 19 -2.50 -2.13 4.60
CA GLU A 19 -1.33 -1.26 4.48
C GLU A 19 -1.70 0.18 4.81
N GLU A 20 -2.94 0.56 4.51
CA GLU A 20 -3.41 1.91 4.78
C GLU A 20 -3.17 2.29 6.23
N ALA A 21 -3.14 1.29 7.10
CA ALA A 21 -2.91 1.52 8.53
C ALA A 21 -1.42 1.73 8.83
N LEU A 22 -0.58 1.05 8.05
CA LEU A 22 0.87 1.16 8.23
C LEU A 22 1.38 2.50 7.72
N GLY A 23 0.56 3.18 6.94
CA GLY A 23 0.94 4.48 6.38
C GLY A 23 2.26 4.41 5.63
N GLU A 24 3.25 5.12 6.14
CA GLU A 24 4.57 5.15 5.51
C GLU A 24 5.17 3.75 5.44
N MET A 25 4.62 2.84 6.24
CA MET A 25 5.10 1.46 6.27
C MET A 25 4.39 0.62 5.22
N ALA A 26 3.35 1.18 4.61
CA ALA A 26 2.60 0.48 3.58
C ALA A 26 3.52 -0.30 2.65
N THR A 27 3.29 -1.60 2.56
CA THR A 27 4.10 -2.46 1.70
C THR A 27 3.61 -2.42 0.26
N VAL A 28 2.93 -1.33 -0.10
CA VAL A 28 2.41 -1.17 -1.46
C VAL A 28 2.91 0.12 -2.08
N ALA A 29 2.92 0.16 -3.41
CA ALA A 29 3.37 1.35 -4.15
C ALA A 29 2.37 2.48 -4.02
N PRO A 30 1.12 2.23 -4.46
CA PRO A 30 0.04 3.22 -4.40
C PRO A 30 -0.41 3.51 -2.98
N VAL A 31 -0.71 2.45 -2.23
CA VAL A 31 -1.17 2.59 -0.86
C VAL A 31 -0.14 3.37 -0.03
N LEU A 32 1.09 3.44 -0.52
CA LEU A 32 2.15 4.14 0.18
C LEU A 32 2.21 5.60 -0.25
N TYR A 33 2.33 5.83 -1.55
CA TYR A 33 2.39 7.17 -2.10
C TYR A 33 1.35 8.08 -1.44
N THR A 34 0.09 7.66 -1.49
CA THR A 34 -1.00 8.43 -0.88
C THR A 34 -0.79 8.59 0.61
N ASN A 35 -0.40 7.51 1.27
CA ASN A 35 -0.18 7.53 2.71
C ASN A 35 0.72 8.70 3.11
N ILE A 36 1.65 9.04 2.23
CA ILE A 36 2.57 10.14 2.48
C ILE A 36 2.04 11.45 1.92
N ASN A 37 1.92 11.51 0.59
CA ASN A 37 1.41 12.71 -0.07
C ASN A 37 0.09 13.16 0.55
N PHE A 38 -0.83 12.22 0.72
CA PHE A 38 -2.14 12.51 1.30
C PHE A 38 -2.23 11.98 2.73
N PRO A 39 -1.80 12.80 3.70
CA PRO A 39 -1.82 12.44 5.12
C PRO A 39 -3.25 12.36 5.67
N ASN A 40 -4.05 13.37 5.37
CA ASN A 40 -5.43 13.42 5.83
C ASN A 40 -6.35 12.64 4.88
N LEU A 41 -5.75 11.90 3.96
CA LEU A 41 -6.52 11.12 2.99
C LEU A 41 -7.75 10.50 3.65
N LYS A 42 -7.55 9.87 4.80
CA LYS A 42 -8.64 9.25 5.53
C LYS A 42 -9.84 10.19 5.62
N GLU A 43 -9.61 11.38 6.14
CA GLU A 43 -10.68 12.38 6.28
C GLU A 43 -11.36 12.63 4.94
N GLU A 44 -10.58 13.09 3.96
CA GLU A 44 -11.10 13.39 2.64
C GLU A 44 -12.02 12.27 2.16
N PHE A 45 -11.61 11.03 2.40
CA PHE A 45 -12.40 9.87 1.99
C PHE A 45 -12.49 8.85 3.12
N PRO A 46 -13.56 8.95 3.92
CA PRO A 46 -13.79 8.03 5.04
C PRO A 46 -14.13 6.63 4.59
N ASP A 47 -15.10 6.51 3.68
CA ASP A 47 -15.52 5.21 3.17
C ASP A 47 -14.43 4.60 2.29
N TRP A 48 -13.87 3.50 2.75
CA TRP A 48 -12.81 2.81 2.00
C TRP A 48 -13.17 2.71 0.53
N THR A 49 -14.24 1.98 0.23
CA THR A 49 -14.69 1.80 -1.14
C THR A 49 -14.56 3.11 -1.93
N THR A 50 -14.66 4.23 -1.23
CA THR A 50 -14.56 5.54 -1.87
C THR A 50 -13.12 6.03 -1.88
N ARG A 51 -12.41 5.82 -0.78
CA ARG A 51 -11.01 6.24 -0.67
C ARG A 51 -10.12 5.43 -1.60
N VAL A 52 -10.20 4.11 -1.49
CA VAL A 52 -9.40 3.22 -2.32
C VAL A 52 -9.41 3.68 -3.77
N LYS A 53 -10.58 3.98 -4.29
CA LYS A 53 -10.73 4.44 -5.66
C LYS A 53 -9.79 5.60 -5.96
N GLN A 54 -9.66 6.52 -5.00
CA GLN A 54 -8.78 7.67 -5.15
C GLN A 54 -7.33 7.23 -5.31
N ILE A 55 -6.80 6.57 -4.30
CA ILE A 55 -5.42 6.10 -4.32
C ILE A 55 -5.03 5.63 -5.73
N ALA A 56 -5.97 4.99 -6.41
CA ALA A 56 -5.73 4.49 -7.76
C ALA A 56 -5.45 5.64 -8.73
N LYS A 57 -6.36 6.61 -8.76
CA LYS A 57 -6.23 7.77 -9.64
C LYS A 57 -4.98 8.56 -9.28
N LEU A 58 -4.84 8.90 -8.01
CA LEU A 58 -3.70 9.66 -7.54
C LEU A 58 -2.39 8.95 -7.86
N TRP A 59 -2.46 7.63 -8.00
CA TRP A 59 -1.28 6.83 -8.31
C TRP A 59 -1.02 6.81 -9.82
N ARG A 60 -2.09 6.65 -10.59
CA ARG A 60 -1.98 6.62 -12.05
C ARG A 60 -1.36 7.90 -12.58
N LYS A 61 -1.88 9.03 -12.13
CA LYS A 61 -1.38 10.34 -12.55
C LYS A 61 0.14 10.40 -12.42
N ALA A 62 0.66 9.75 -11.39
CA ALA A 62 2.10 9.73 -11.15
C ALA A 62 2.84 8.97 -12.25
N SER A 63 3.95 9.53 -12.72
CA SER A 63 4.73 8.91 -13.78
C SER A 63 5.66 7.84 -13.19
N SER A 64 6.01 6.87 -14.03
CA SER A 64 6.89 5.78 -13.61
C SER A 64 8.07 6.32 -12.82
N GLN A 65 8.74 7.32 -13.37
CA GLN A 65 9.89 7.93 -12.72
C GLN A 65 9.55 8.40 -11.31
N GLU A 66 8.28 8.76 -11.12
CA GLU A 66 7.82 9.22 -9.81
C GLU A 66 7.56 8.05 -8.88
N ARG A 67 7.04 6.96 -9.42
CA ARG A 67 6.74 5.77 -8.63
C ARG A 67 8.01 4.96 -8.38
N ALA A 68 9.04 5.23 -9.17
CA ALA A 68 10.31 4.52 -9.02
C ALA A 68 10.60 4.20 -7.56
N PRO A 69 10.66 5.25 -6.73
CA PRO A 69 10.93 5.10 -5.29
C PRO A 69 9.77 4.45 -4.55
N TYR A 70 8.57 4.97 -4.75
CA TYR A 70 7.39 4.44 -4.09
C TYR A 70 7.16 2.98 -4.48
N VAL A 71 7.83 2.55 -5.55
CA VAL A 71 7.70 1.18 -6.01
C VAL A 71 8.69 0.25 -5.29
N GLN A 72 9.88 0.78 -5.02
CA GLN A 72 10.91 0.00 -4.33
C GLN A 72 10.67 -0.01 -2.83
N LYS A 73 10.38 1.17 -2.27
CA LYS A 73 10.13 1.31 -0.84
C LYS A 73 9.10 0.27 -0.36
N ALA A 74 7.98 0.19 -1.09
CA ALA A 74 6.93 -0.76 -0.74
C ALA A 74 7.49 -2.16 -0.54
N ARG A 75 8.43 -2.54 -1.40
CA ARG A 75 9.05 -3.86 -1.32
C ARG A 75 9.88 -4.00 -0.06
N ASP A 76 10.78 -3.03 0.16
CA ASP A 76 11.64 -3.05 1.34
C ASP A 76 10.81 -3.11 2.61
N ASN A 77 9.69 -2.41 2.62
CA ASN A 77 8.81 -2.38 3.78
C ASN A 77 8.43 -3.79 4.21
N ARG A 78 8.25 -4.68 3.23
CA ARG A 78 7.90 -6.06 3.50
C ARG A 78 8.99 -6.77 4.29
N ALA A 79 10.24 -6.54 3.90
CA ALA A 79 11.38 -7.14 4.58
C ALA A 79 11.42 -6.75 6.05
N ALA A 80 11.36 -5.46 6.31
CA ALA A 80 11.39 -4.95 7.69
C ALA A 80 10.61 -5.87 8.62
N LEU A 81 9.44 -6.31 8.18
CA LEU A 81 8.59 -7.19 8.97
C LEU A 81 9.20 -8.58 9.08
N ARG A 82 9.65 -9.10 7.94
CA ARG A 82 10.26 -10.43 7.89
C ARG A 82 11.29 -10.59 8.99
N ILE A 83 12.20 -9.63 9.10
CA ILE A 83 13.24 -9.66 10.11
C ILE A 83 12.64 -9.68 11.52
N ASN A 84 11.74 -8.74 11.78
CA ASN A 84 11.09 -8.65 13.09
C ASN A 84 10.41 -9.97 13.45
N LYS A 85 9.75 -10.58 12.46
CA LYS A 85 9.07 -11.85 12.68
C LYS A 85 10.05 -12.99 12.86
N VAL A 86 9.76 -13.89 13.80
CA VAL A 86 10.63 -15.02 14.07
C VAL A 86 10.51 -16.08 12.96
N GLN A 87 11.66 -16.46 12.41
CA GLN A 87 11.69 -17.46 11.34
C GLN A 87 11.95 -18.85 11.91
N MET A 88 11.76 -19.87 11.08
CA MET A 88 11.98 -21.25 11.50
C MET A 88 12.60 -22.07 10.37
N SER A 89 13.24 -23.18 10.73
CA SER A 89 13.88 -24.04 9.75
C SER A 89 13.47 -25.50 9.95
N ASN A 90 13.19 -26.19 8.86
CA ASN A 90 12.78 -27.59 8.91
C ASN A 90 13.82 -28.43 9.64
N GLY A 1 -0.04 -21.88 -2.26
CA GLY A 1 -1.22 -22.11 -3.07
C GLY A 1 -1.27 -21.22 -4.30
N SER A 2 -2.39 -21.25 -5.01
CA SER A 2 -2.56 -20.45 -6.21
C SER A 2 -4.00 -20.49 -6.71
N SER A 3 -4.60 -19.33 -6.86
CA SER A 3 -5.99 -19.22 -7.31
C SER A 3 -6.19 -20.05 -8.59
N GLY A 4 -7.22 -20.88 -8.58
CA GLY A 4 -7.52 -21.70 -9.74
C GLY A 4 -8.36 -20.98 -10.78
N SER A 5 -7.98 -19.75 -11.09
CA SER A 5 -8.72 -18.95 -12.05
C SER A 5 -7.77 -18.35 -13.09
N SER A 6 -7.87 -18.84 -14.33
CA SER A 6 -7.02 -18.35 -15.41
C SER A 6 -7.76 -17.32 -16.26
N GLY A 7 -7.00 -16.39 -16.83
CA GLY A 7 -7.60 -15.36 -17.66
C GLY A 7 -7.94 -14.11 -16.87
N ASN A 8 -9.14 -13.58 -17.08
CA ASN A 8 -9.58 -12.38 -16.39
C ASN A 8 -9.78 -12.65 -14.90
N ALA A 9 -8.82 -12.20 -14.08
CA ALA A 9 -8.89 -12.39 -12.65
C ALA A 9 -9.77 -11.33 -11.99
N GLN A 10 -10.68 -11.77 -11.13
CA GLN A 10 -11.58 -10.85 -10.44
C GLN A 10 -11.01 -10.44 -9.09
N ARG A 11 -9.72 -10.10 -9.07
CA ARG A 11 -9.06 -9.69 -7.84
C ARG A 11 -9.84 -8.60 -7.13
N SER A 12 -9.36 -8.19 -5.97
CA SER A 12 -10.01 -7.14 -5.19
C SER A 12 -9.02 -6.45 -4.26
N THR A 13 -9.49 -5.41 -3.58
CA THR A 13 -8.65 -4.66 -2.66
C THR A 13 -8.88 -5.10 -1.23
N LEU A 14 -7.97 -5.93 -0.71
CA LEU A 14 -8.08 -6.43 0.65
C LEU A 14 -6.79 -6.19 1.42
N LYS A 15 -5.66 -6.22 0.71
CA LYS A 15 -4.35 -6.01 1.32
C LYS A 15 -4.11 -4.51 1.56
N TRP A 16 -4.57 -3.68 0.63
CA TRP A 16 -4.40 -2.24 0.75
C TRP A 16 -4.91 -1.75 2.10
N GLU A 17 -6.19 -1.95 2.35
CA GLU A 17 -6.80 -1.51 3.61
C GLU A 17 -5.85 -1.77 4.78
N LYS A 18 -5.20 -2.93 4.77
CA LYS A 18 -4.27 -3.30 5.83
C LYS A 18 -3.03 -2.41 5.79
N GLU A 19 -2.45 -2.24 4.60
CA GLU A 19 -1.26 -1.42 4.44
C GLU A 19 -1.57 0.04 4.73
N GLU A 20 -2.84 0.41 4.61
CA GLU A 20 -3.27 1.78 4.85
C GLU A 20 -2.98 2.20 6.29
N ALA A 21 -2.98 1.22 7.19
CA ALA A 21 -2.71 1.48 8.60
C ALA A 21 -1.21 1.66 8.84
N LEU A 22 -0.40 0.95 8.08
CA LEU A 22 1.05 1.03 8.21
C LEU A 22 1.56 2.38 7.75
N GLY A 23 0.74 3.09 6.99
CA GLY A 23 1.12 4.40 6.48
C GLY A 23 2.43 4.36 5.71
N GLU A 24 3.44 5.07 6.20
CA GLU A 24 4.74 5.12 5.55
C GLU A 24 5.33 3.71 5.43
N MET A 25 4.79 2.78 6.21
CA MET A 25 5.28 1.41 6.20
C MET A 25 4.54 0.58 5.16
N ALA A 26 3.48 1.15 4.59
CA ALA A 26 2.69 0.47 3.57
C ALA A 26 3.59 -0.35 2.64
N THR A 27 3.30 -1.65 2.54
CA THR A 27 4.08 -2.54 1.69
C THR A 27 3.63 -2.44 0.23
N VAL A 28 2.79 -1.46 -0.05
CA VAL A 28 2.27 -1.26 -1.41
C VAL A 28 2.80 0.04 -2.01
N ALA A 29 2.87 0.09 -3.33
CA ALA A 29 3.34 1.28 -4.03
C ALA A 29 2.36 2.43 -3.90
N PRO A 30 1.12 2.20 -4.35
CA PRO A 30 0.05 3.21 -4.29
C PRO A 30 -0.41 3.49 -2.87
N VAL A 31 -0.72 2.43 -2.13
CA VAL A 31 -1.16 2.56 -0.75
C VAL A 31 -0.11 3.27 0.10
N LEU A 32 1.10 3.38 -0.42
CA LEU A 32 2.18 4.05 0.29
C LEU A 32 2.29 5.51 -0.13
N TYR A 33 2.31 5.75 -1.44
CA TYR A 33 2.42 7.10 -1.96
C TYR A 33 1.38 8.02 -1.31
N THR A 34 0.12 7.61 -1.37
CA THR A 34 -0.96 8.39 -0.78
C THR A 34 -0.75 8.61 0.70
N ASN A 35 -0.37 7.54 1.41
CA ASN A 35 -0.12 7.63 2.84
C ASN A 35 0.77 8.82 3.17
N ILE A 36 1.80 9.03 2.37
CA ILE A 36 2.73 10.14 2.57
C ILE A 36 2.19 11.42 1.95
N ASN A 37 2.08 11.43 0.62
CA ASN A 37 1.59 12.59 -0.11
C ASN A 37 0.28 13.09 0.49
N PHE A 38 -0.68 12.18 0.64
CA PHE A 38 -1.98 12.53 1.19
C PHE A 38 -2.13 11.97 2.60
N PRO A 39 -1.62 12.71 3.60
CA PRO A 39 -1.68 12.30 5.01
C PRO A 39 -3.10 12.37 5.56
N ASN A 40 -3.85 13.40 5.16
CA ASN A 40 -5.22 13.57 5.62
C ASN A 40 -6.20 12.87 4.68
N LEU A 41 -5.67 12.01 3.82
CA LEU A 41 -6.50 11.27 2.87
C LEU A 41 -7.76 10.76 3.54
N LYS A 42 -7.59 9.99 4.61
CA LYS A 42 -8.72 9.43 5.34
C LYS A 42 -9.83 10.46 5.49
N GLU A 43 -9.46 11.70 5.79
CA GLU A 43 -10.43 12.77 5.96
C GLU A 43 -11.20 13.01 4.66
N GLU A 44 -10.48 13.35 3.60
CA GLU A 44 -11.09 13.61 2.31
C GLU A 44 -12.04 12.47 1.92
N PHE A 45 -11.61 11.25 2.18
CA PHE A 45 -12.43 10.07 1.85
C PHE A 45 -12.44 9.08 3.02
N PRO A 46 -13.45 9.19 3.88
CA PRO A 46 -13.61 8.32 5.05
C PRO A 46 -13.98 6.89 4.65
N ASP A 47 -14.95 6.76 3.78
CA ASP A 47 -15.40 5.45 3.31
C ASP A 47 -14.36 4.82 2.40
N TRP A 48 -13.79 3.70 2.84
CA TRP A 48 -12.78 2.99 2.05
C TRP A 48 -13.25 2.81 0.61
N THR A 49 -14.36 2.10 0.44
CA THR A 49 -14.92 1.85 -0.89
C THR A 49 -14.85 3.10 -1.76
N THR A 50 -14.80 4.26 -1.12
CA THR A 50 -14.74 5.54 -1.82
C THR A 50 -13.31 6.07 -1.87
N ARG A 51 -12.52 5.72 -0.86
CA ARG A 51 -11.13 6.15 -0.78
C ARG A 51 -10.25 5.36 -1.73
N VAL A 52 -10.36 4.03 -1.66
CA VAL A 52 -9.57 3.15 -2.51
C VAL A 52 -9.56 3.65 -3.95
N LYS A 53 -10.73 4.04 -4.44
CA LYS A 53 -10.85 4.54 -5.81
C LYS A 53 -9.87 5.69 -6.06
N GLN A 54 -9.69 6.54 -5.05
CA GLN A 54 -8.78 7.67 -5.16
C GLN A 54 -7.33 7.20 -5.26
N ILE A 55 -6.89 6.48 -4.23
CA ILE A 55 -5.52 5.97 -4.20
C ILE A 55 -5.05 5.55 -5.58
N ALA A 56 -5.98 5.03 -6.38
CA ALA A 56 -5.67 4.59 -7.74
C ALA A 56 -5.52 5.78 -8.68
N LYS A 57 -6.51 6.67 -8.67
CA LYS A 57 -6.49 7.85 -9.52
C LYS A 57 -5.28 8.72 -9.23
N LEU A 58 -4.90 8.79 -7.96
CA LEU A 58 -3.74 9.58 -7.55
C LEU A 58 -2.44 8.86 -7.89
N TRP A 59 -2.51 7.54 -7.94
CA TRP A 59 -1.33 6.72 -8.25
C TRP A 59 -1.06 6.72 -9.76
N ARG A 60 -2.13 6.61 -10.54
CA ARG A 60 -2.00 6.59 -11.99
C ARG A 60 -1.47 7.92 -12.52
N LYS A 61 -2.11 9.01 -12.10
CA LYS A 61 -1.70 10.34 -12.52
C LYS A 61 -0.20 10.55 -12.27
N ALA A 62 0.36 9.78 -11.35
CA ALA A 62 1.77 9.88 -11.03
C ALA A 62 2.64 9.32 -12.15
N SER A 63 3.69 10.05 -12.50
CA SER A 63 4.59 9.61 -13.57
C SER A 63 5.42 8.41 -13.14
N SER A 64 5.86 7.62 -14.10
CA SER A 64 6.65 6.44 -13.82
C SER A 64 7.88 6.79 -12.97
N GLN A 65 8.55 7.87 -13.34
CA GLN A 65 9.73 8.32 -12.62
C GLN A 65 9.38 8.75 -11.20
N GLU A 66 8.08 8.86 -10.93
CA GLU A 66 7.61 9.26 -9.61
C GLU A 66 7.40 8.03 -8.71
N ARG A 67 6.91 6.95 -9.31
CA ARG A 67 6.66 5.72 -8.57
C ARG A 67 7.96 4.94 -8.35
N ALA A 68 8.97 5.26 -9.15
CA ALA A 68 10.26 4.59 -9.04
C ALA A 68 10.57 4.22 -7.59
N PRO A 69 10.59 5.24 -6.72
CA PRO A 69 10.86 5.05 -5.29
C PRO A 69 9.72 4.33 -4.57
N TYR A 70 8.51 4.82 -4.75
CA TYR A 70 7.34 4.23 -4.12
C TYR A 70 7.15 2.78 -4.56
N VAL A 71 7.86 2.40 -5.63
CA VAL A 71 7.77 1.05 -6.16
C VAL A 71 8.76 0.12 -5.46
N GLN A 72 9.94 0.64 -5.17
CA GLN A 72 10.98 -0.14 -4.50
C GLN A 72 10.76 -0.15 -3.00
N LYS A 73 10.45 1.03 -2.44
CA LYS A 73 10.21 1.15 -1.01
C LYS A 73 9.19 0.14 -0.53
N ALA A 74 8.08 0.05 -1.25
CA ALA A 74 7.02 -0.90 -0.89
C ALA A 74 7.58 -2.31 -0.68
N ARG A 75 8.45 -2.73 -1.58
CA ARG A 75 9.06 -4.05 -1.49
C ARG A 75 9.95 -4.16 -0.25
N ASP A 76 10.69 -3.10 0.03
CA ASP A 76 11.58 -3.08 1.19
C ASP A 76 10.78 -3.11 2.49
N ASN A 77 9.62 -2.45 2.49
CA ASN A 77 8.76 -2.40 3.67
C ASN A 77 8.36 -3.81 4.09
N ARG A 78 8.17 -4.68 3.12
CA ARG A 78 7.76 -6.06 3.39
C ARG A 78 8.83 -6.79 4.19
N ALA A 79 10.09 -6.46 3.92
CA ALA A 79 11.21 -7.09 4.63
C ALA A 79 11.20 -6.71 6.11
N ALA A 80 11.09 -5.42 6.39
CA ALA A 80 11.07 -4.94 7.76
C ALA A 80 10.22 -5.84 8.64
N LEU A 81 9.03 -6.20 8.16
CA LEU A 81 8.12 -7.06 8.90
C LEU A 81 8.75 -8.43 9.13
N ARG A 82 9.23 -9.05 8.05
CA ARG A 82 9.85 -10.36 8.14
C ARG A 82 10.74 -10.47 9.38
N ILE A 83 11.68 -9.55 9.50
CA ILE A 83 12.61 -9.55 10.63
C ILE A 83 11.85 -9.38 11.95
N ASN A 84 10.88 -8.47 11.95
CA ASN A 84 10.07 -8.22 13.15
C ASN A 84 8.81 -9.08 13.15
N LYS A 85 8.88 -10.23 13.80
CA LYS A 85 7.75 -11.14 13.87
C LYS A 85 6.56 -10.46 14.56
N VAL A 86 5.63 -9.97 13.76
CA VAL A 86 4.44 -9.30 14.28
C VAL A 86 3.17 -10.04 13.87
N GLN A 87 2.06 -9.67 14.49
CA GLN A 87 0.77 -10.30 14.19
C GLN A 87 0.27 -9.86 12.82
N MET A 88 0.51 -10.71 11.82
CA MET A 88 0.08 -10.42 10.46
C MET A 88 -0.32 -11.69 9.72
N SER A 89 -1.10 -11.54 8.65
CA SER A 89 -1.56 -12.68 7.88
C SER A 89 -1.46 -12.39 6.39
N ASN A 90 -0.84 -13.31 5.65
CA ASN A 90 -0.67 -13.16 4.21
C ASN A 90 -2.00 -12.80 3.54
N GLY A 1 19.89 -25.03 3.31
CA GLY A 1 18.47 -24.84 3.06
C GLY A 1 18.10 -23.39 2.85
N SER A 2 18.73 -22.75 1.87
CA SER A 2 18.48 -21.35 1.57
C SER A 2 17.19 -21.20 0.76
N SER A 3 16.06 -21.09 1.46
CA SER A 3 14.77 -20.95 0.81
C SER A 3 13.77 -20.27 1.74
N GLY A 4 12.60 -19.94 1.20
CA GLY A 4 11.57 -19.30 2.01
C GLY A 4 10.88 -18.18 1.26
N SER A 5 9.62 -18.40 0.88
CA SER A 5 8.85 -17.40 0.16
C SER A 5 7.54 -17.09 0.89
N SER A 6 7.06 -15.86 0.71
CA SER A 6 5.82 -15.43 1.35
C SER A 6 4.61 -15.94 0.59
N GLY A 7 4.58 -15.67 -0.71
CA GLY A 7 3.47 -16.11 -1.54
C GLY A 7 2.96 -15.01 -2.46
N ASN A 8 3.22 -15.16 -3.75
CA ASN A 8 2.77 -14.16 -4.73
C ASN A 8 1.26 -14.02 -4.72
N ALA A 9 0.78 -12.85 -4.31
CA ALA A 9 -0.65 -12.59 -4.26
C ALA A 9 -1.07 -11.63 -5.37
N GLN A 10 -2.36 -11.64 -5.70
CA GLN A 10 -2.89 -10.77 -6.73
C GLN A 10 -3.15 -9.36 -6.19
N ARG A 11 -3.24 -8.40 -7.10
CA ARG A 11 -3.48 -7.01 -6.71
C ARG A 11 -4.92 -6.83 -6.21
N SER A 12 -5.13 -7.05 -4.92
CA SER A 12 -6.45 -6.92 -4.33
C SER A 12 -6.50 -5.72 -3.38
N THR A 13 -7.72 -5.34 -2.99
CA THR A 13 -7.90 -4.22 -2.08
C THR A 13 -7.96 -4.67 -0.63
N LEU A 14 -8.41 -5.90 -0.43
CA LEU A 14 -8.52 -6.47 0.91
C LEU A 14 -7.20 -6.31 1.68
N LYS A 15 -6.13 -6.07 0.94
CA LYS A 15 -4.81 -5.89 1.55
C LYS A 15 -4.49 -4.41 1.75
N TRP A 16 -4.86 -3.60 0.77
CA TRP A 16 -4.61 -2.16 0.84
C TRP A 16 -5.12 -1.58 2.16
N GLU A 17 -6.38 -1.88 2.49
CA GLU A 17 -6.98 -1.40 3.72
C GLU A 17 -6.06 -1.64 4.92
N LYS A 18 -5.29 -2.73 4.85
CA LYS A 18 -4.36 -3.08 5.91
C LYS A 18 -3.14 -2.17 5.89
N GLU A 19 -2.52 -2.05 4.72
CA GLU A 19 -1.34 -1.21 4.56
C GLU A 19 -1.66 0.25 4.87
N GLU A 20 -2.90 0.63 4.63
CA GLU A 20 -3.34 2.00 4.88
C GLU A 20 -3.03 2.41 6.32
N ALA A 21 -3.00 1.43 7.22
CA ALA A 21 -2.73 1.69 8.63
C ALA A 21 -1.23 1.87 8.86
N LEU A 22 -0.42 1.07 8.17
CA LEU A 22 1.03 1.14 8.31
C LEU A 22 1.57 2.45 7.74
N GLY A 23 0.74 3.14 6.97
CA GLY A 23 1.15 4.39 6.37
C GLY A 23 2.46 4.27 5.61
N GLU A 24 3.49 4.97 6.07
CA GLU A 24 4.79 4.94 5.43
C GLU A 24 5.35 3.52 5.39
N MET A 25 4.79 2.65 6.22
CA MET A 25 5.22 1.25 6.29
C MET A 25 4.46 0.40 5.29
N ALA A 26 3.50 1.01 4.61
CA ALA A 26 2.70 0.30 3.61
C ALA A 26 3.58 -0.48 2.65
N THR A 27 3.33 -1.79 2.55
CA THR A 27 4.10 -2.65 1.67
C THR A 27 3.59 -2.56 0.23
N VAL A 28 2.82 -1.51 -0.07
CA VAL A 28 2.27 -1.30 -1.40
C VAL A 28 2.82 -0.03 -2.03
N ALA A 29 2.80 0.02 -3.36
CA ALA A 29 3.30 1.19 -4.09
C ALA A 29 2.34 2.36 -3.94
N PRO A 30 1.08 2.17 -4.37
CA PRO A 30 0.05 3.20 -4.30
C PRO A 30 -0.38 3.50 -2.86
N VAL A 31 -0.73 2.45 -2.12
CA VAL A 31 -1.16 2.59 -0.73
C VAL A 31 -0.09 3.30 0.09
N LEU A 32 1.13 3.36 -0.43
CA LEU A 32 2.23 4.01 0.25
C LEU A 32 2.34 5.47 -0.15
N TYR A 33 2.28 5.72 -1.46
CA TYR A 33 2.38 7.08 -1.97
C TYR A 33 1.36 8.00 -1.29
N THR A 34 0.09 7.62 -1.36
CA THR A 34 -0.97 8.41 -0.74
C THR A 34 -0.73 8.59 0.75
N ASN A 35 -0.40 7.49 1.43
CA ASN A 35 -0.14 7.55 2.87
C ASN A 35 0.79 8.72 3.21
N ILE A 36 1.73 9.01 2.32
CA ILE A 36 2.67 10.10 2.53
C ILE A 36 2.15 11.40 1.94
N ASN A 37 2.00 11.42 0.61
CA ASN A 37 1.51 12.60 -0.08
C ASN A 37 0.18 13.07 0.51
N PHE A 38 -0.77 12.14 0.61
CA PHE A 38 -2.09 12.45 1.15
C PHE A 38 -2.27 11.81 2.52
N PRO A 39 -1.79 12.50 3.57
CA PRO A 39 -1.89 12.02 4.95
C PRO A 39 -3.33 12.04 5.47
N ASN A 40 -4.03 13.13 5.19
CA ASN A 40 -5.42 13.28 5.63
C ASN A 40 -6.37 12.60 4.65
N LEU A 41 -5.82 11.78 3.77
CA LEU A 41 -6.63 11.07 2.77
C LEU A 41 -7.87 10.46 3.42
N LYS A 42 -7.65 9.74 4.53
CA LYS A 42 -8.76 9.11 5.23
C LYS A 42 -9.91 10.09 5.45
N GLU A 43 -9.57 11.34 5.76
CA GLU A 43 -10.58 12.36 5.99
C GLU A 43 -11.32 12.68 4.70
N GLU A 44 -10.59 13.16 3.70
CA GLU A 44 -11.19 13.50 2.41
C GLU A 44 -12.15 12.41 1.95
N PHE A 45 -11.78 11.17 2.16
CA PHE A 45 -12.60 10.02 1.76
C PHE A 45 -12.67 8.99 2.87
N PRO A 46 -13.71 9.09 3.72
CA PRO A 46 -13.92 8.16 4.84
C PRO A 46 -14.31 6.77 4.37
N ASP A 47 -15.27 6.70 3.47
CA ASP A 47 -15.74 5.42 2.93
C ASP A 47 -14.67 4.76 2.08
N TRP A 48 -14.11 3.67 2.58
CA TRP A 48 -13.06 2.94 1.86
C TRP A 48 -13.42 2.80 0.38
N THR A 49 -14.51 2.10 0.10
CA THR A 49 -14.96 1.88 -1.27
C THR A 49 -14.80 3.15 -2.10
N THR A 50 -14.80 4.30 -1.42
CA THR A 50 -14.64 5.58 -2.10
C THR A 50 -13.21 6.07 -2.05
N ARG A 51 -12.54 5.83 -0.93
CA ARG A 51 -11.15 6.24 -0.75
C ARG A 51 -10.23 5.44 -1.66
N VAL A 52 -10.35 4.12 -1.62
CA VAL A 52 -9.52 3.25 -2.44
C VAL A 52 -9.43 3.78 -3.87
N LYS A 53 -10.55 4.25 -4.41
CA LYS A 53 -10.58 4.80 -5.76
C LYS A 53 -9.63 5.98 -5.90
N GLN A 54 -9.56 6.80 -4.86
CA GLN A 54 -8.69 7.97 -4.86
C GLN A 54 -7.23 7.56 -4.90
N ILE A 55 -6.92 6.41 -4.30
CA ILE A 55 -5.56 5.89 -4.26
C ILE A 55 -5.10 5.47 -5.64
N ALA A 56 -6.01 4.89 -6.42
CA ALA A 56 -5.69 4.44 -7.76
C ALA A 56 -5.49 5.62 -8.71
N LYS A 57 -6.46 6.53 -8.73
CA LYS A 57 -6.39 7.71 -9.59
C LYS A 57 -5.14 8.53 -9.28
N LEU A 58 -4.91 8.82 -8.00
CA LEU A 58 -3.75 9.59 -7.59
C LEU A 58 -2.46 8.84 -7.89
N TRP A 59 -2.54 7.51 -7.88
CA TRP A 59 -1.37 6.69 -8.17
C TRP A 59 -0.93 6.83 -9.62
N ARG A 60 -1.85 6.56 -10.54
CA ARG A 60 -1.55 6.67 -11.97
C ARG A 60 -1.01 8.05 -12.31
N LYS A 61 -1.73 9.09 -11.88
CA LYS A 61 -1.31 10.47 -12.14
C LYS A 61 0.19 10.62 -12.01
N ALA A 62 0.76 10.00 -10.99
CA ALA A 62 2.20 10.06 -10.75
C ALA A 62 2.97 9.35 -11.86
N SER A 63 3.83 10.09 -12.54
CA SER A 63 4.62 9.52 -13.64
C SER A 63 5.44 8.33 -13.14
N SER A 64 5.79 7.45 -14.07
CA SER A 64 6.58 6.26 -13.74
C SER A 64 7.79 6.64 -12.89
N GLN A 65 8.47 7.71 -13.29
CA GLN A 65 9.66 8.17 -12.56
C GLN A 65 9.31 8.51 -11.12
N GLU A 66 8.05 8.84 -10.88
CA GLU A 66 7.59 9.19 -9.54
C GLU A 66 7.35 7.94 -8.71
N ARG A 67 6.90 6.88 -9.37
CA ARG A 67 6.62 5.62 -8.68
C ARG A 67 7.91 4.84 -8.43
N ALA A 68 8.96 5.20 -9.15
CA ALA A 68 10.26 4.55 -9.00
C ALA A 68 10.52 4.20 -7.54
N PRO A 69 10.53 5.23 -6.67
CA PRO A 69 10.78 5.06 -5.24
C PRO A 69 9.63 4.34 -4.54
N TYR A 70 8.42 4.85 -4.74
CA TYR A 70 7.23 4.26 -4.12
C TYR A 70 7.06 2.81 -4.54
N VAL A 71 7.74 2.43 -5.62
CA VAL A 71 7.67 1.06 -6.14
C VAL A 71 8.72 0.17 -5.47
N GLN A 72 9.88 0.75 -5.19
CA GLN A 72 10.97 0.00 -4.56
C GLN A 72 10.77 -0.07 -3.05
N LYS A 73 10.49 1.08 -2.44
CA LYS A 73 10.27 1.14 -0.99
C LYS A 73 9.26 0.09 -0.55
N ALA A 74 8.11 0.07 -1.22
CA ALA A 74 7.06 -0.89 -0.90
C ALA A 74 7.63 -2.29 -0.69
N ARG A 75 8.50 -2.71 -1.60
CA ARG A 75 9.12 -4.02 -1.52
C ARG A 75 10.00 -4.13 -0.28
N ASP A 76 10.85 -3.13 -0.06
CA ASP A 76 11.75 -3.12 1.08
C ASP A 76 10.96 -3.17 2.38
N ASN A 77 9.82 -2.49 2.41
CA ASN A 77 8.98 -2.47 3.60
C ASN A 77 8.60 -3.88 4.03
N ARG A 78 8.40 -4.76 3.04
CA ARG A 78 8.04 -6.14 3.32
C ARG A 78 9.13 -6.85 4.12
N ALA A 79 10.38 -6.60 3.75
CA ALA A 79 11.51 -7.20 4.42
C ALA A 79 11.53 -6.84 5.90
N ALA A 80 11.30 -5.57 6.20
CA ALA A 80 11.29 -5.09 7.57
C ALA A 80 10.38 -5.94 8.45
N LEU A 81 9.16 -6.20 7.96
CA LEU A 81 8.19 -6.99 8.69
C LEU A 81 8.74 -8.40 8.96
N ARG A 82 9.45 -8.94 7.98
CA ARG A 82 10.04 -10.27 8.11
C ARG A 82 11.07 -10.31 9.24
N ILE A 83 11.61 -9.14 9.57
CA ILE A 83 12.61 -9.04 10.62
C ILE A 83 12.02 -9.38 11.99
N ASN A 84 11.05 -8.58 12.42
CA ASN A 84 10.39 -8.80 13.70
C ASN A 84 9.22 -9.77 13.56
N LYS A 85 8.70 -10.21 14.69
CA LYS A 85 7.58 -11.14 14.70
C LYS A 85 6.25 -10.41 14.48
N VAL A 86 5.63 -10.67 13.33
CA VAL A 86 4.35 -10.03 13.01
C VAL A 86 3.23 -11.05 12.94
N GLN A 87 2.00 -10.58 13.12
CA GLN A 87 0.83 -11.46 13.10
C GLN A 87 0.43 -11.77 11.66
N MET A 88 1.11 -12.73 11.05
CA MET A 88 0.81 -13.13 9.68
C MET A 88 0.68 -14.65 9.57
N SER A 89 -0.55 -15.11 9.38
CA SER A 89 -0.81 -16.54 9.26
C SER A 89 -0.16 -17.11 8.01
N ASN A 90 0.76 -18.05 8.20
CA ASN A 90 1.47 -18.67 7.10
C ASN A 90 0.48 -19.27 6.10
N GLY A 1 -23.08 1.01 15.69
CA GLY A 1 -22.49 1.84 14.64
C GLY A 1 -21.76 1.02 13.61
N SER A 2 -20.55 1.46 13.26
CA SER A 2 -19.75 0.76 12.26
C SER A 2 -19.11 -0.49 12.85
N SER A 3 -18.55 -1.33 11.99
CA SER A 3 -17.91 -2.56 12.42
C SER A 3 -16.68 -2.87 11.56
N GLY A 4 -15.97 -3.93 11.92
CA GLY A 4 -14.78 -4.32 11.18
C GLY A 4 -15.02 -5.54 10.31
N SER A 5 -13.94 -6.07 9.75
CA SER A 5 -14.03 -7.25 8.88
C SER A 5 -12.71 -8.01 8.86
N SER A 6 -12.72 -9.16 8.20
CA SER A 6 -11.51 -9.99 8.11
C SER A 6 -10.77 -9.73 6.81
N GLY A 7 -9.60 -10.36 6.67
CA GLY A 7 -8.81 -10.18 5.47
C GLY A 7 -7.93 -11.38 5.16
N ASN A 8 -7.60 -11.56 3.89
CA ASN A 8 -6.76 -12.68 3.48
C ASN A 8 -5.49 -12.19 2.79
N ALA A 9 -4.52 -13.09 2.65
CA ALA A 9 -3.26 -12.75 2.00
C ALA A 9 -3.37 -12.84 0.48
N GLN A 10 -3.74 -11.74 -0.15
CA GLN A 10 -3.89 -11.71 -1.60
C GLN A 10 -3.69 -10.30 -2.14
N ARG A 11 -3.39 -10.20 -3.43
CA ARG A 11 -3.16 -8.91 -4.07
C ARG A 11 -4.48 -8.30 -4.54
N SER A 12 -5.02 -7.37 -3.75
CA SER A 12 -6.28 -6.71 -4.07
C SER A 12 -6.56 -5.58 -3.10
N THR A 13 -7.67 -4.87 -3.33
CA THR A 13 -8.06 -3.75 -2.48
C THR A 13 -8.16 -4.19 -1.02
N LEU A 14 -8.62 -5.41 -0.80
CA LEU A 14 -8.77 -5.94 0.55
C LEU A 14 -7.45 -5.85 1.32
N LYS A 15 -6.35 -5.80 0.57
CA LYS A 15 -5.02 -5.70 1.19
C LYS A 15 -4.67 -4.25 1.50
N TRP A 16 -4.99 -3.36 0.58
CA TRP A 16 -4.71 -1.94 0.75
C TRP A 16 -5.24 -1.44 2.09
N GLU A 17 -6.41 -1.95 2.49
CA GLU A 17 -7.03 -1.56 3.75
C GLU A 17 -6.07 -1.79 4.91
N LYS A 18 -5.19 -2.77 4.77
CA LYS A 18 -4.22 -3.10 5.81
C LYS A 18 -3.02 -2.16 5.74
N GLU A 19 -2.32 -2.18 4.61
CA GLU A 19 -1.15 -1.33 4.42
C GLU A 19 -1.48 0.12 4.73
N GLU A 20 -2.71 0.52 4.46
CA GLU A 20 -3.15 1.89 4.70
C GLU A 20 -2.91 2.28 6.16
N ALA A 21 -3.13 1.32 7.07
CA ALA A 21 -2.93 1.57 8.49
C ALA A 21 -1.45 1.71 8.83
N LEU A 22 -0.60 1.05 8.05
CA LEU A 22 0.84 1.10 8.26
C LEU A 22 1.42 2.43 7.76
N GLY A 23 0.61 3.18 7.02
CA GLY A 23 1.05 4.45 6.50
C GLY A 23 2.38 4.34 5.76
N GLU A 24 3.39 5.06 6.25
CA GLU A 24 4.71 5.04 5.65
C GLU A 24 5.25 3.62 5.54
N MET A 25 4.64 2.72 6.30
CA MET A 25 5.06 1.32 6.30
C MET A 25 4.24 0.50 5.31
N ALA A 26 3.50 1.19 4.45
CA ALA A 26 2.66 0.53 3.46
C ALA A 26 3.51 -0.37 2.56
N THR A 27 3.15 -1.66 2.53
CA THR A 27 3.87 -2.62 1.71
C THR A 27 3.45 -2.54 0.25
N VAL A 28 2.71 -1.49 -0.08
CA VAL A 28 2.24 -1.28 -1.44
C VAL A 28 2.78 0.02 -2.02
N ALA A 29 2.82 0.11 -3.34
CA ALA A 29 3.32 1.30 -4.02
C ALA A 29 2.34 2.46 -3.88
N PRO A 30 1.10 2.25 -4.35
CA PRO A 30 0.04 3.26 -4.28
C PRO A 30 -0.43 3.52 -2.86
N VAL A 31 -0.76 2.44 -2.16
CA VAL A 31 -1.23 2.55 -0.77
C VAL A 31 -0.22 3.27 0.10
N LEU A 32 1.01 3.38 -0.40
CA LEU A 32 2.07 4.05 0.34
C LEU A 32 2.18 5.52 -0.08
N TYR A 33 2.31 5.75 -1.38
CA TYR A 33 2.42 7.12 -1.91
C TYR A 33 1.40 8.03 -1.25
N THR A 34 0.14 7.61 -1.25
CA THR A 34 -0.93 8.40 -0.65
C THR A 34 -0.71 8.60 0.84
N ASN A 35 -0.45 7.50 1.54
CA ASN A 35 -0.21 7.54 2.98
C ASN A 35 0.69 8.73 3.34
N ILE A 36 1.66 9.00 2.48
CA ILE A 36 2.60 10.10 2.70
C ILE A 36 2.11 11.39 2.05
N ASN A 37 1.99 11.36 0.72
CA ASN A 37 1.53 12.52 -0.03
C ASN A 37 0.20 13.04 0.52
N PHE A 38 -0.77 12.15 0.63
CA PHE A 38 -2.09 12.51 1.15
C PHE A 38 -2.29 11.96 2.55
N PRO A 39 -1.84 12.72 3.57
CA PRO A 39 -1.96 12.32 4.97
C PRO A 39 -3.41 12.37 5.46
N ASN A 40 -4.12 13.44 5.11
CA ASN A 40 -5.50 13.60 5.52
C ASN A 40 -6.43 12.85 4.56
N LEU A 41 -5.85 12.01 3.71
CA LEU A 41 -6.63 11.23 2.76
C LEU A 41 -7.88 10.66 3.42
N LYS A 42 -7.69 9.95 4.53
CA LYS A 42 -8.81 9.35 5.26
C LYS A 42 -9.96 10.33 5.38
N GLU A 43 -9.64 11.60 5.62
CA GLU A 43 -10.65 12.64 5.77
C GLU A 43 -11.40 12.85 4.46
N GLU A 44 -10.67 13.29 3.43
CA GLU A 44 -11.26 13.53 2.12
C GLU A 44 -12.24 12.42 1.75
N PHE A 45 -11.83 11.18 1.99
CA PHE A 45 -12.67 10.02 1.67
C PHE A 45 -12.66 9.03 2.83
N PRO A 46 -13.67 9.15 3.71
CA PRO A 46 -13.81 8.25 4.88
C PRO A 46 -14.19 6.84 4.48
N ASP A 47 -15.15 6.72 3.56
CA ASP A 47 -15.61 5.42 3.09
C ASP A 47 -14.54 4.74 2.23
N TRP A 48 -13.99 3.66 2.74
CA TRP A 48 -12.96 2.92 2.02
C TRP A 48 -13.32 2.78 0.55
N THR A 49 -14.43 2.09 0.28
CA THR A 49 -14.89 1.89 -1.09
C THR A 49 -14.71 3.15 -1.93
N THR A 50 -14.77 4.30 -1.26
CA THR A 50 -14.61 5.58 -1.95
C THR A 50 -13.15 6.03 -1.97
N ARG A 51 -12.48 5.85 -0.83
CA ARG A 51 -11.08 6.24 -0.71
C ARG A 51 -10.21 5.38 -1.64
N VAL A 52 -10.31 4.07 -1.50
CA VAL A 52 -9.54 3.15 -2.32
C VAL A 52 -9.53 3.59 -3.78
N LYS A 53 -10.70 3.90 -4.31
CA LYS A 53 -10.82 4.34 -5.70
C LYS A 53 -9.89 5.52 -5.98
N GLN A 54 -9.75 6.40 -5.00
CA GLN A 54 -8.89 7.57 -5.14
C GLN A 54 -7.43 7.16 -5.25
N ILE A 55 -6.92 6.52 -4.20
CA ILE A 55 -5.54 6.08 -4.18
C ILE A 55 -5.08 5.60 -5.55
N ALA A 56 -6.02 5.01 -6.30
CA ALA A 56 -5.72 4.51 -7.64
C ALA A 56 -5.45 5.66 -8.61
N LYS A 57 -6.46 6.50 -8.82
CA LYS A 57 -6.33 7.64 -9.72
C LYS A 57 -5.14 8.52 -9.32
N LEU A 58 -4.94 8.68 -8.01
CA LEU A 58 -3.85 9.50 -7.50
C LEU A 58 -2.50 8.82 -7.76
N TRP A 59 -2.51 7.49 -7.80
CA TRP A 59 -1.29 6.73 -8.04
C TRP A 59 -0.91 6.75 -9.52
N ARG A 60 -1.92 6.73 -10.38
CA ARG A 60 -1.69 6.76 -11.82
C ARG A 60 -1.00 8.05 -12.24
N LYS A 61 -1.60 9.18 -11.88
CA LYS A 61 -1.03 10.48 -12.23
C LYS A 61 0.47 10.49 -12.01
N ALA A 62 0.91 10.00 -10.86
CA ALA A 62 2.33 9.94 -10.53
C ALA A 62 3.14 9.33 -11.67
N SER A 63 3.98 10.13 -12.29
CA SER A 63 4.80 9.65 -13.40
C SER A 63 5.59 8.42 -13.01
N SER A 64 5.88 7.57 -13.99
CA SER A 64 6.63 6.33 -13.73
C SER A 64 7.90 6.63 -12.94
N GLN A 65 8.61 7.68 -13.35
CA GLN A 65 9.85 8.06 -12.68
C GLN A 65 9.58 8.50 -11.25
N GLU A 66 8.33 8.85 -10.96
CA GLU A 66 7.94 9.29 -9.63
C GLU A 66 7.66 8.10 -8.72
N ARG A 67 7.09 7.04 -9.29
CA ARG A 67 6.76 5.85 -8.54
C ARG A 67 8.01 4.99 -8.33
N ALA A 68 9.04 5.24 -9.11
CA ALA A 68 10.29 4.49 -9.01
C ALA A 68 10.58 4.11 -7.57
N PRO A 69 10.67 5.11 -6.69
CA PRO A 69 10.94 4.90 -5.27
C PRO A 69 9.77 4.25 -4.55
N TYR A 70 8.59 4.83 -4.70
CA TYR A 70 7.39 4.32 -4.07
C TYR A 70 7.11 2.88 -4.49
N VAL A 71 7.76 2.46 -5.58
CA VAL A 71 7.58 1.11 -6.10
C VAL A 71 8.50 0.13 -5.38
N GLN A 72 9.74 0.53 -5.16
CA GLN A 72 10.72 -0.31 -4.48
C GLN A 72 10.50 -0.29 -2.97
N LYS A 73 10.24 0.89 -2.43
CA LYS A 73 10.01 1.05 -0.99
C LYS A 73 8.97 0.03 -0.51
N ALA A 74 7.85 -0.04 -1.20
CA ALA A 74 6.78 -0.97 -0.83
C ALA A 74 7.33 -2.38 -0.67
N ARG A 75 8.17 -2.81 -1.61
CA ARG A 75 8.75 -4.14 -1.56
C ARG A 75 9.70 -4.28 -0.37
N ASP A 76 10.54 -3.28 -0.17
CA ASP A 76 11.50 -3.29 0.93
C ASP A 76 10.78 -3.26 2.27
N ASN A 77 9.62 -2.61 2.31
CA ASN A 77 8.83 -2.52 3.53
C ASN A 77 8.44 -3.91 4.03
N ARG A 78 8.20 -4.82 3.10
CA ARG A 78 7.81 -6.18 3.45
C ARG A 78 8.93 -6.89 4.20
N ALA A 79 10.18 -6.58 3.83
CA ALA A 79 11.33 -7.18 4.48
C ALA A 79 11.46 -6.72 5.91
N ALA A 80 11.41 -5.41 6.12
CA ALA A 80 11.52 -4.83 7.46
C ALA A 80 10.78 -5.69 8.49
N LEU A 81 9.59 -6.15 8.12
CA LEU A 81 8.77 -6.98 9.00
C LEU A 81 9.46 -8.31 9.27
N ARG A 82 9.81 -9.02 8.21
CA ARG A 82 10.48 -10.31 8.33
C ARG A 82 11.51 -10.29 9.46
N ILE A 83 12.51 -9.43 9.30
CA ILE A 83 13.57 -9.32 10.30
C ILE A 83 12.98 -9.26 11.71
N ASN A 84 12.23 -8.22 12.00
CA ASN A 84 11.60 -8.06 13.31
C ASN A 84 11.01 -9.37 13.80
N LYS A 85 11.62 -9.95 14.82
CA LYS A 85 11.16 -11.21 15.39
C LYS A 85 9.63 -11.30 15.34
N VAL A 86 9.12 -12.52 15.23
CA VAL A 86 7.68 -12.74 15.18
C VAL A 86 7.34 -14.21 15.27
N GLN A 87 6.23 -14.53 15.94
CA GLN A 87 5.81 -15.91 16.10
C GLN A 87 4.93 -16.35 14.93
N MET A 88 5.37 -16.02 13.73
CA MET A 88 4.62 -16.38 12.52
C MET A 88 5.10 -17.72 11.97
N SER A 89 4.16 -18.55 11.53
CA SER A 89 4.49 -19.85 10.97
C SER A 89 3.88 -20.03 9.59
N ASN A 90 4.41 -20.99 8.83
CA ASN A 90 3.93 -21.25 7.49
C ASN A 90 4.23 -22.69 7.07
N GLY A 1 -21.13 -12.10 -13.94
CA GLY A 1 -20.98 -11.09 -12.91
C GLY A 1 -20.15 -11.57 -11.74
N SER A 2 -18.86 -11.77 -11.97
CA SER A 2 -17.95 -12.24 -10.92
C SER A 2 -17.32 -11.05 -10.19
N SER A 3 -17.46 -11.04 -8.87
CA SER A 3 -16.91 -9.97 -8.05
C SER A 3 -16.92 -10.35 -6.58
N GLY A 4 -15.74 -10.33 -5.95
CA GLY A 4 -15.64 -10.68 -4.55
C GLY A 4 -15.78 -12.17 -4.31
N SER A 5 -14.84 -12.94 -4.85
CA SER A 5 -14.87 -14.39 -4.70
C SER A 5 -15.15 -14.77 -3.25
N SER A 6 -16.27 -15.44 -3.02
CA SER A 6 -16.67 -15.86 -1.69
C SER A 6 -16.11 -17.25 -1.37
N GLY A 7 -14.80 -17.41 -1.55
CA GLY A 7 -14.17 -18.69 -1.28
C GLY A 7 -12.70 -18.54 -0.93
N ASN A 8 -11.95 -17.84 -1.78
CA ASN A 8 -10.53 -17.63 -1.55
C ASN A 8 -10.15 -16.16 -1.77
N ALA A 9 -9.91 -15.45 -0.67
CA ALA A 9 -9.54 -14.05 -0.74
C ALA A 9 -8.22 -13.87 -1.48
N GLN A 10 -8.27 -13.19 -2.62
CA GLN A 10 -7.07 -12.95 -3.42
C GLN A 10 -6.67 -11.48 -3.37
N ARG A 11 -5.44 -11.19 -3.78
CA ARG A 11 -4.93 -9.83 -3.77
C ARG A 11 -5.97 -8.86 -4.31
N SER A 12 -6.40 -7.92 -3.47
CA SER A 12 -7.40 -6.94 -3.85
C SER A 12 -7.39 -5.75 -2.90
N THR A 13 -8.33 -4.82 -3.10
CA THR A 13 -8.42 -3.65 -2.25
C THR A 13 -8.50 -4.02 -0.78
N LEU A 14 -9.20 -5.12 -0.48
CA LEU A 14 -9.34 -5.59 0.89
C LEU A 14 -7.98 -5.69 1.57
N LYS A 15 -6.92 -5.79 0.78
CA LYS A 15 -5.57 -5.89 1.30
C LYS A 15 -4.99 -4.50 1.57
N TRP A 16 -5.06 -3.64 0.57
CA TRP A 16 -4.55 -2.28 0.70
C TRP A 16 -4.87 -1.70 2.06
N GLU A 17 -6.08 -1.99 2.55
CA GLU A 17 -6.52 -1.49 3.85
C GLU A 17 -5.48 -1.80 4.93
N LYS A 18 -4.96 -3.03 4.90
CA LYS A 18 -3.96 -3.45 5.88
C LYS A 18 -2.72 -2.56 5.81
N GLU A 19 -2.25 -2.31 4.58
CA GLU A 19 -1.07 -1.48 4.39
C GLU A 19 -1.38 -0.02 4.70
N GLU A 20 -2.62 0.39 4.46
CA GLU A 20 -3.04 1.76 4.72
C GLU A 20 -2.80 2.14 6.18
N ALA A 21 -2.89 1.14 7.06
CA ALA A 21 -2.67 1.37 8.49
C ALA A 21 -1.19 1.55 8.81
N LEU A 22 -0.34 0.97 7.96
CA LEU A 22 1.10 1.05 8.16
C LEU A 22 1.63 2.41 7.67
N GLY A 23 0.79 3.14 6.94
CA GLY A 23 1.18 4.44 6.44
C GLY A 23 2.50 4.38 5.67
N GLU A 24 3.50 5.09 6.17
CA GLU A 24 4.81 5.11 5.52
C GLU A 24 5.40 3.71 5.42
N MET A 25 4.81 2.78 6.15
CA MET A 25 5.27 1.39 6.14
C MET A 25 4.45 0.56 5.16
N ALA A 26 3.61 1.22 4.38
CA ALA A 26 2.77 0.53 3.41
C ALA A 26 3.61 -0.37 2.51
N THR A 27 3.23 -1.64 2.43
CA THR A 27 3.95 -2.61 1.61
C THR A 27 3.48 -2.56 0.17
N VAL A 28 2.82 -1.46 -0.19
CA VAL A 28 2.32 -1.28 -1.55
C VAL A 28 2.82 0.04 -2.15
N ALA A 29 2.89 0.10 -3.47
CA ALA A 29 3.33 1.30 -4.16
C ALA A 29 2.30 2.42 -4.06
N PRO A 30 1.07 2.13 -4.50
CA PRO A 30 -0.04 3.10 -4.46
C PRO A 30 -0.52 3.37 -3.05
N VAL A 31 -0.72 2.31 -2.28
CA VAL A 31 -1.18 2.44 -0.89
C VAL A 31 -0.17 3.23 -0.05
N LEU A 32 1.08 3.26 -0.51
CA LEU A 32 2.13 3.97 0.20
C LEU A 32 2.17 5.44 -0.22
N TYR A 33 2.27 5.67 -1.53
CA TYR A 33 2.31 7.02 -2.07
C TYR A 33 1.29 7.91 -1.38
N THR A 34 0.04 7.46 -1.35
CA THR A 34 -1.03 8.22 -0.72
C THR A 34 -0.77 8.41 0.76
N ASN A 35 -0.36 7.34 1.44
CA ASN A 35 -0.07 7.40 2.86
C ASN A 35 0.82 8.58 3.20
N ILE A 36 1.80 8.84 2.34
CA ILE A 36 2.72 9.95 2.54
C ILE A 36 2.19 11.23 1.92
N ASN A 37 2.06 11.24 0.59
CA ASN A 37 1.56 12.40 -0.13
C ASN A 37 0.27 12.91 0.49
N PHE A 38 -0.70 12.01 0.65
CA PHE A 38 -1.99 12.37 1.24
C PHE A 38 -2.11 11.82 2.65
N PRO A 39 -1.63 12.60 3.64
CA PRO A 39 -1.68 12.21 5.05
C PRO A 39 -3.10 12.21 5.60
N ASN A 40 -3.86 13.24 5.25
CA ASN A 40 -5.24 13.36 5.72
C ASN A 40 -6.20 12.66 4.76
N LEU A 41 -5.65 11.87 3.85
CA LEU A 41 -6.46 11.15 2.88
C LEU A 41 -7.72 10.60 3.52
N LYS A 42 -7.54 9.81 4.58
CA LYS A 42 -8.67 9.21 5.29
C LYS A 42 -9.79 10.22 5.46
N GLU A 43 -9.43 11.46 5.81
CA GLU A 43 -10.42 12.51 6.01
C GLU A 43 -11.18 12.78 4.72
N GLU A 44 -10.46 13.21 3.68
CA GLU A 44 -11.08 13.51 2.40
C GLU A 44 -12.06 12.41 2.00
N PHE A 45 -11.66 11.16 2.21
CA PHE A 45 -12.50 10.02 1.87
C PHE A 45 -12.50 8.99 3.00
N PRO A 46 -13.51 9.10 3.88
CA PRO A 46 -13.67 8.19 5.02
C PRO A 46 -14.06 6.79 4.60
N ASP A 47 -15.04 6.69 3.70
CA ASP A 47 -15.50 5.40 3.21
C ASP A 47 -14.46 4.75 2.31
N TRP A 48 -13.86 3.68 2.79
CA TRP A 48 -12.83 2.97 2.03
C TRP A 48 -13.27 2.78 0.58
N THR A 49 -14.37 2.04 0.39
CA THR A 49 -14.89 1.79 -0.95
C THR A 49 -14.81 3.04 -1.82
N THR A 50 -14.82 4.21 -1.17
CA THR A 50 -14.75 5.47 -1.88
C THR A 50 -13.33 6.01 -1.91
N ARG A 51 -12.58 5.76 -0.83
CA ARG A 51 -11.21 6.22 -0.72
C ARG A 51 -10.29 5.44 -1.66
N VAL A 52 -10.37 4.11 -1.57
CA VAL A 52 -9.55 3.25 -2.42
C VAL A 52 -9.44 3.80 -3.84
N LYS A 53 -10.60 4.13 -4.43
CA LYS A 53 -10.63 4.67 -5.78
C LYS A 53 -9.67 5.85 -5.93
N GLN A 54 -9.58 6.65 -4.88
CA GLN A 54 -8.68 7.82 -4.89
C GLN A 54 -7.22 7.38 -4.97
N ILE A 55 -6.91 6.27 -4.32
CA ILE A 55 -5.55 5.75 -4.32
C ILE A 55 -5.10 5.37 -5.73
N ALA A 56 -6.03 4.85 -6.52
CA ALA A 56 -5.73 4.44 -7.89
C ALA A 56 -5.54 5.66 -8.78
N LYS A 57 -6.58 6.49 -8.87
CA LYS A 57 -6.52 7.70 -9.70
C LYS A 57 -5.26 8.50 -9.41
N LEU A 58 -5.00 8.73 -8.13
CA LEU A 58 -3.82 9.49 -7.71
C LEU A 58 -2.54 8.77 -8.14
N TRP A 59 -2.48 7.47 -7.89
CA TRP A 59 -1.31 6.68 -8.26
C TRP A 59 -1.05 6.75 -9.76
N ARG A 60 -2.11 6.64 -10.55
CA ARG A 60 -1.99 6.69 -12.00
C ARG A 60 -1.46 8.05 -12.45
N LYS A 61 -1.96 9.12 -11.84
CA LYS A 61 -1.53 10.47 -12.17
C LYS A 61 -0.03 10.62 -12.03
N ALA A 62 0.53 10.01 -10.98
CA ALA A 62 1.96 10.07 -10.74
C ALA A 62 2.74 9.44 -11.88
N SER A 63 3.84 10.08 -12.28
CA SER A 63 4.66 9.58 -13.36
C SER A 63 5.57 8.46 -12.87
N SER A 64 6.08 7.67 -13.82
CA SER A 64 6.96 6.55 -13.49
C SER A 64 8.11 7.01 -12.61
N GLN A 65 8.83 8.03 -13.06
CA GLN A 65 9.97 8.56 -12.31
C GLN A 65 9.56 8.89 -10.88
N GLU A 66 8.27 9.06 -10.66
CA GLU A 66 7.75 9.39 -9.34
C GLU A 66 7.50 8.12 -8.52
N ARG A 67 7.01 7.08 -9.19
CA ARG A 67 6.73 5.81 -8.53
C ARG A 67 8.01 5.01 -8.32
N ALA A 68 9.04 5.34 -9.09
CA ALA A 68 10.32 4.65 -8.98
C ALA A 68 10.61 4.24 -7.54
N PRO A 69 10.64 5.24 -6.64
CA PRO A 69 10.90 5.02 -5.21
C PRO A 69 9.74 4.29 -4.52
N TYR A 70 8.54 4.82 -4.70
CA TYR A 70 7.35 4.24 -4.09
C TYR A 70 7.15 2.80 -4.56
N VAL A 71 7.84 2.43 -5.64
CA VAL A 71 7.74 1.10 -6.20
C VAL A 71 8.68 0.13 -5.48
N GLN A 72 9.87 0.62 -5.16
CA GLN A 72 10.87 -0.19 -4.49
C GLN A 72 10.64 -0.21 -2.98
N LYS A 73 10.39 0.98 -2.41
CA LYS A 73 10.14 1.10 -0.98
C LYS A 73 9.09 0.09 -0.51
N ALA A 74 8.03 -0.05 -1.29
CA ALA A 74 6.96 -0.98 -0.96
C ALA A 74 7.50 -2.40 -0.78
N ARG A 75 8.38 -2.81 -1.70
CA ARG A 75 8.97 -4.15 -1.64
C ARG A 75 9.86 -4.29 -0.41
N ASP A 76 10.76 -3.33 -0.22
CA ASP A 76 11.67 -3.34 0.92
C ASP A 76 10.90 -3.34 2.23
N ASN A 77 9.78 -2.64 2.25
CA ASN A 77 8.95 -2.54 3.45
C ASN A 77 8.52 -3.93 3.92
N ARG A 78 8.23 -4.82 2.96
CA ARG A 78 7.81 -6.18 3.28
C ARG A 78 8.92 -6.92 4.02
N ALA A 79 10.16 -6.61 3.69
CA ALA A 79 11.31 -7.25 4.31
C ALA A 79 11.44 -6.83 5.77
N ALA A 80 11.33 -5.52 6.02
CA ALA A 80 11.43 -4.99 7.37
C ALA A 80 10.49 -5.72 8.32
N LEU A 81 9.27 -5.98 7.86
CA LEU A 81 8.28 -6.66 8.67
C LEU A 81 8.84 -7.94 9.26
N ARG A 82 9.30 -8.84 8.40
CA ARG A 82 9.87 -10.11 8.83
C ARG A 82 10.87 -9.89 9.96
N ILE A 83 11.53 -8.73 9.95
CA ILE A 83 12.50 -8.41 10.98
C ILE A 83 11.86 -8.32 12.35
N ASN A 84 10.80 -7.54 12.45
CA ASN A 84 10.09 -7.37 13.72
C ASN A 84 8.89 -8.31 13.80
N LYS A 85 9.02 -9.37 14.58
CA LYS A 85 7.96 -10.34 14.75
C LYS A 85 6.84 -9.78 15.62
N VAL A 86 5.71 -9.47 15.00
CA VAL A 86 4.56 -8.93 15.73
C VAL A 86 3.49 -9.99 15.93
N GLN A 87 3.91 -11.21 16.20
CA GLN A 87 2.99 -12.32 16.42
C GLN A 87 3.69 -13.50 17.07
N MET A 88 2.94 -14.28 17.83
CA MET A 88 3.49 -15.45 18.51
C MET A 88 3.67 -16.62 17.54
N SER A 89 4.36 -16.36 16.44
CA SER A 89 4.61 -17.39 15.42
C SER A 89 5.83 -17.05 14.59
N ASN A 90 6.73 -18.02 14.44
CA ASN A 90 7.95 -17.82 13.67
C ASN A 90 7.63 -17.77 12.17
N GLY A 1 18.80 -10.25 -8.30
CA GLY A 1 17.83 -11.24 -7.86
C GLY A 1 16.44 -10.96 -8.41
N SER A 2 15.98 -11.79 -9.34
CA SER A 2 14.67 -11.64 -9.93
C SER A 2 13.85 -12.92 -9.80
N SER A 3 13.07 -12.99 -8.73
CA SER A 3 12.24 -14.16 -8.48
C SER A 3 10.81 -13.75 -8.15
N GLY A 4 9.84 -14.59 -8.53
CA GLY A 4 8.45 -14.29 -8.25
C GLY A 4 7.52 -14.95 -9.25
N SER A 5 6.27 -14.49 -9.29
CA SER A 5 5.28 -15.03 -10.21
C SER A 5 4.92 -14.02 -11.29
N SER A 6 4.65 -12.79 -10.88
CA SER A 6 4.30 -11.73 -11.81
C SER A 6 4.60 -10.36 -11.23
N GLY A 7 5.59 -9.68 -11.80
CA GLY A 7 5.97 -8.36 -11.32
C GLY A 7 4.77 -7.51 -10.98
N ASN A 8 3.74 -7.57 -11.82
CA ASN A 8 2.53 -6.79 -11.61
C ASN A 8 1.84 -7.19 -10.31
N ALA A 9 0.93 -6.35 -9.83
CA ALA A 9 0.21 -6.62 -8.60
C ALA A 9 -1.30 -6.60 -8.84
N GLN A 10 -1.98 -7.67 -8.42
CA GLN A 10 -3.42 -7.77 -8.58
C GLN A 10 -4.13 -6.56 -8.01
N ARG A 11 -5.41 -6.41 -8.33
CA ARG A 11 -6.20 -5.28 -7.85
C ARG A 11 -6.83 -5.60 -6.50
N SER A 12 -6.17 -6.45 -5.72
CA SER A 12 -6.67 -6.84 -4.41
C SER A 12 -6.74 -5.63 -3.48
N THR A 13 -7.93 -5.36 -2.96
CA THR A 13 -8.14 -4.23 -2.07
C THR A 13 -8.07 -4.68 -0.60
N LEU A 14 -8.66 -5.82 -0.31
CA LEU A 14 -8.65 -6.37 1.04
C LEU A 14 -7.31 -6.13 1.72
N LYS A 15 -6.25 -6.04 0.92
CA LYS A 15 -4.90 -5.82 1.43
C LYS A 15 -4.66 -4.33 1.65
N TRP A 16 -4.83 -3.54 0.60
CA TRP A 16 -4.62 -2.10 0.67
C TRP A 16 -5.12 -1.55 2.00
N GLU A 17 -6.38 -1.84 2.33
CA GLU A 17 -6.98 -1.38 3.58
C GLU A 17 -6.03 -1.59 4.75
N LYS A 18 -5.33 -2.72 4.75
CA LYS A 18 -4.39 -3.04 5.81
C LYS A 18 -3.17 -2.13 5.75
N GLU A 19 -2.47 -2.16 4.62
CA GLU A 19 -1.29 -1.33 4.44
C GLU A 19 -1.59 0.13 4.72
N GLU A 20 -2.84 0.53 4.48
CA GLU A 20 -3.26 1.91 4.71
C GLU A 20 -3.06 2.31 6.17
N ALA A 21 -3.00 1.31 7.04
CA ALA A 21 -2.81 1.55 8.47
C ALA A 21 -1.32 1.70 8.80
N LEU A 22 -0.48 1.06 8.01
CA LEU A 22 0.97 1.12 8.21
C LEU A 22 1.52 2.48 7.76
N GLY A 23 0.73 3.21 6.99
CA GLY A 23 1.16 4.50 6.51
C GLY A 23 2.45 4.44 5.73
N GLU A 24 3.49 5.09 6.25
CA GLU A 24 4.79 5.10 5.60
C GLU A 24 5.38 3.70 5.52
N MET A 25 4.73 2.76 6.20
CA MET A 25 5.18 1.38 6.21
C MET A 25 4.44 0.55 5.17
N ALA A 26 3.43 1.16 4.55
CA ALA A 26 2.63 0.49 3.53
C ALA A 26 3.51 -0.40 2.65
N THR A 27 3.14 -1.67 2.54
CA THR A 27 3.89 -2.64 1.74
C THR A 27 3.47 -2.57 0.27
N VAL A 28 2.77 -1.50 -0.08
CA VAL A 28 2.31 -1.33 -1.45
C VAL A 28 2.85 -0.04 -2.06
N ALA A 29 2.85 0.03 -3.39
CA ALA A 29 3.35 1.21 -4.10
C ALA A 29 2.38 2.38 -3.95
N PRO A 30 1.14 2.18 -4.40
CA PRO A 30 0.11 3.22 -4.34
C PRO A 30 -0.36 3.49 -2.91
N VAL A 31 -0.71 2.42 -2.20
CA VAL A 31 -1.17 2.53 -0.82
C VAL A 31 -0.14 3.27 0.04
N LEU A 32 1.09 3.29 -0.42
CA LEU A 32 2.18 3.96 0.30
C LEU A 32 2.26 5.43 -0.09
N TYR A 33 2.28 5.68 -1.40
CA TYR A 33 2.36 7.05 -1.91
C TYR A 33 1.36 7.96 -1.21
N THR A 34 0.08 7.60 -1.32
CA THR A 34 -0.99 8.38 -0.70
C THR A 34 -0.72 8.59 0.79
N ASN A 35 -0.46 7.50 1.50
CA ASN A 35 -0.19 7.57 2.93
C ASN A 35 0.73 8.74 3.25
N ILE A 36 1.70 8.98 2.37
CA ILE A 36 2.64 10.08 2.56
C ILE A 36 2.12 11.38 1.95
N ASN A 37 1.96 11.38 0.63
CA ASN A 37 1.46 12.55 -0.09
C ASN A 37 0.15 13.04 0.52
N PHE A 38 -0.82 12.14 0.60
CA PHE A 38 -2.12 12.47 1.17
C PHE A 38 -2.30 11.87 2.56
N PRO A 39 -1.83 12.59 3.58
CA PRO A 39 -1.92 12.14 4.97
C PRO A 39 -3.35 12.15 5.49
N ASN A 40 -4.10 13.20 5.17
CA ASN A 40 -5.48 13.33 5.60
C ASN A 40 -6.42 12.60 4.65
N LEU A 41 -5.84 11.79 3.77
CA LEU A 41 -6.62 11.04 2.80
C LEU A 41 -7.85 10.40 3.46
N LYS A 42 -7.64 9.81 4.63
CA LYS A 42 -8.73 9.16 5.36
C LYS A 42 -9.87 10.14 5.61
N GLU A 43 -9.52 11.41 5.83
CA GLU A 43 -10.52 12.44 6.08
C GLU A 43 -11.28 12.78 4.78
N GLU A 44 -10.54 13.13 3.74
CA GLU A 44 -11.15 13.48 2.47
C GLU A 44 -12.10 12.37 1.99
N PHE A 45 -11.70 11.13 2.23
CA PHE A 45 -12.51 9.98 1.83
C PHE A 45 -12.60 8.95 2.96
N PRO A 46 -13.66 9.06 3.77
CA PRO A 46 -13.88 8.15 4.89
C PRO A 46 -14.25 6.74 4.44
N ASP A 47 -15.23 6.64 3.56
CA ASP A 47 -15.67 5.35 3.04
C ASP A 47 -14.59 4.71 2.17
N TRP A 48 -13.99 3.64 2.68
CA TRP A 48 -12.94 2.93 1.96
C TRP A 48 -13.31 2.76 0.50
N THR A 49 -14.39 2.03 0.24
CA THR A 49 -14.85 1.80 -1.12
C THR A 49 -14.76 3.06 -1.97
N THR A 50 -14.78 4.22 -1.30
CA THR A 50 -14.71 5.50 -1.98
C THR A 50 -13.27 6.02 -2.01
N ARG A 51 -12.53 5.78 -0.94
CA ARG A 51 -11.15 6.22 -0.84
C ARG A 51 -10.26 5.42 -1.79
N VAL A 52 -10.29 4.11 -1.66
CA VAL A 52 -9.49 3.23 -2.51
C VAL A 52 -9.48 3.73 -3.96
N LYS A 53 -10.65 4.05 -4.47
CA LYS A 53 -10.78 4.53 -5.84
C LYS A 53 -9.83 5.70 -6.09
N GLN A 54 -9.73 6.59 -5.11
CA GLN A 54 -8.85 7.75 -5.23
C GLN A 54 -7.39 7.32 -5.38
N ILE A 55 -6.90 6.59 -4.39
CA ILE A 55 -5.51 6.12 -4.42
C ILE A 55 -5.10 5.70 -5.82
N ALA A 56 -6.04 5.12 -6.56
CA ALA A 56 -5.78 4.67 -7.92
C ALA A 56 -5.48 5.85 -8.84
N LYS A 57 -6.44 6.77 -8.92
CA LYS A 57 -6.28 7.96 -9.77
C LYS A 57 -5.01 8.72 -9.41
N LEU A 58 -4.85 9.01 -8.12
CA LEU A 58 -3.68 9.74 -7.64
C LEU A 58 -2.40 8.98 -7.99
N TRP A 59 -2.46 7.66 -7.95
CA TRP A 59 -1.30 6.84 -8.26
C TRP A 59 -0.91 6.98 -9.72
N ARG A 60 -1.87 6.74 -10.61
CA ARG A 60 -1.63 6.84 -12.04
C ARG A 60 -1.11 8.22 -12.42
N LYS A 61 -1.72 9.25 -11.84
CA LYS A 61 -1.32 10.63 -12.10
C LYS A 61 0.20 10.78 -11.98
N ALA A 62 0.77 10.17 -10.95
CA ALA A 62 2.20 10.24 -10.73
C ALA A 62 2.97 9.50 -11.82
N SER A 63 3.88 10.21 -12.48
CA SER A 63 4.67 9.61 -13.56
C SER A 63 5.46 8.40 -13.05
N SER A 64 5.73 7.46 -13.95
CA SER A 64 6.47 6.25 -13.59
C SER A 64 7.71 6.60 -12.78
N GLN A 65 8.45 7.62 -13.23
CA GLN A 65 9.66 8.04 -12.55
C GLN A 65 9.36 8.42 -11.11
N GLU A 66 8.13 8.85 -10.85
CA GLU A 66 7.73 9.25 -9.50
C GLU A 66 7.48 8.02 -8.63
N ARG A 67 6.92 6.97 -9.23
CA ARG A 67 6.63 5.74 -8.50
C ARG A 67 7.90 4.91 -8.32
N ALA A 68 8.90 5.17 -9.15
CA ALA A 68 10.16 4.44 -9.08
C ALA A 68 10.50 4.07 -7.64
N PRO A 69 10.60 5.09 -6.78
CA PRO A 69 10.92 4.90 -5.36
C PRO A 69 9.78 4.22 -4.60
N TYR A 70 8.58 4.77 -4.73
CA TYR A 70 7.42 4.23 -4.05
C TYR A 70 7.15 2.78 -4.48
N VAL A 71 7.79 2.38 -5.58
CA VAL A 71 7.63 1.03 -6.09
C VAL A 71 8.59 0.06 -5.41
N GLN A 72 9.81 0.54 -5.14
CA GLN A 72 10.82 -0.28 -4.50
C GLN A 72 10.64 -0.28 -2.98
N LYS A 73 10.35 0.90 -2.43
CA LYS A 73 10.15 1.03 -0.99
C LYS A 73 9.11 0.03 -0.48
N ALA A 74 7.97 -0.03 -1.16
CA ALA A 74 6.91 -0.96 -0.78
C ALA A 74 7.46 -2.36 -0.54
N ARG A 75 8.26 -2.85 -1.49
CA ARG A 75 8.85 -4.18 -1.38
C ARG A 75 9.74 -4.28 -0.15
N ASP A 76 10.60 -3.27 0.03
CA ASP A 76 11.51 -3.25 1.17
C ASP A 76 10.74 -3.23 2.49
N ASN A 77 9.62 -2.51 2.49
CA ASN A 77 8.79 -2.41 3.68
C ASN A 77 8.35 -3.79 4.17
N ARG A 78 8.18 -4.71 3.23
CA ARG A 78 7.75 -6.07 3.56
C ARG A 78 8.86 -6.80 4.32
N ALA A 79 10.11 -6.53 3.95
CA ALA A 79 11.25 -7.17 4.59
C ALA A 79 11.39 -6.72 6.05
N ALA A 80 11.34 -5.41 6.27
CA ALA A 80 11.45 -4.85 7.61
C ALA A 80 10.66 -5.68 8.61
N LEU A 81 9.57 -6.28 8.15
CA LEU A 81 8.72 -7.10 9.01
C LEU A 81 9.35 -8.47 9.24
N ARG A 82 9.74 -9.14 8.16
CA ARG A 82 10.35 -10.46 8.26
C ARG A 82 11.51 -10.45 9.25
N ILE A 83 12.25 -9.34 9.28
CA ILE A 83 13.39 -9.21 10.18
C ILE A 83 12.92 -8.83 11.59
N ASN A 84 11.93 -7.95 11.66
CA ASN A 84 11.40 -7.50 12.94
C ASN A 84 10.05 -8.15 13.22
N LYS A 85 10.08 -9.26 13.96
CA LYS A 85 8.85 -9.98 14.31
C LYS A 85 9.09 -10.89 15.51
N VAL A 86 8.23 -10.75 16.52
CA VAL A 86 8.33 -11.56 17.73
C VAL A 86 7.90 -13.00 17.46
N GLN A 87 8.88 -13.90 17.45
CA GLN A 87 8.60 -15.32 17.22
C GLN A 87 9.44 -16.20 18.13
N MET A 88 8.94 -17.41 18.41
CA MET A 88 9.65 -18.35 19.27
C MET A 88 10.30 -19.46 18.45
N SER A 89 11.52 -19.82 18.81
CA SER A 89 12.25 -20.87 18.11
C SER A 89 13.10 -21.68 19.08
N ASN A 90 12.96 -23.00 19.02
CA ASN A 90 13.72 -23.89 19.89
C ASN A 90 15.20 -23.54 19.86
N GLY A 1 18.66 -21.09 -10.88
CA GLY A 1 19.11 -20.53 -12.15
C GLY A 1 18.70 -19.08 -12.32
N SER A 2 17.40 -18.86 -12.49
CA SER A 2 16.88 -17.51 -12.67
C SER A 2 16.44 -16.91 -11.35
N SER A 3 17.04 -15.78 -10.98
CA SER A 3 16.71 -15.10 -9.73
C SER A 3 15.80 -13.90 -9.98
N GLY A 4 15.27 -13.34 -8.90
CA GLY A 4 14.39 -12.20 -9.02
C GLY A 4 13.28 -12.20 -7.99
N SER A 5 13.49 -11.46 -6.90
CA SER A 5 12.52 -11.37 -5.82
C SER A 5 11.38 -10.42 -6.19
N SER A 6 10.15 -10.88 -6.02
CA SER A 6 8.98 -10.07 -6.34
C SER A 6 7.70 -10.74 -5.84
N GLY A 7 6.61 -9.98 -5.82
CA GLY A 7 5.34 -10.51 -5.36
C GLY A 7 4.21 -10.23 -6.32
N ASN A 8 3.44 -9.19 -6.05
CA ASN A 8 2.32 -8.81 -6.90
C ASN A 8 1.53 -10.04 -7.32
N ALA A 9 1.31 -10.95 -6.37
CA ALA A 9 0.55 -12.17 -6.64
C ALA A 9 -0.87 -11.84 -7.09
N GLN A 10 -1.50 -10.90 -6.40
CA GLN A 10 -2.87 -10.51 -6.73
C GLN A 10 -3.12 -9.05 -6.35
N ARG A 11 -3.49 -8.25 -7.34
CA ARG A 11 -3.76 -6.83 -7.11
C ARG A 11 -5.20 -6.62 -6.64
N SER A 12 -5.38 -6.56 -5.32
CA SER A 12 -6.70 -6.37 -4.74
C SER A 12 -6.72 -5.16 -3.81
N THR A 13 -7.91 -4.79 -3.35
CA THR A 13 -8.06 -3.65 -2.46
C THR A 13 -8.11 -4.09 -1.00
N LEU A 14 -8.41 -5.37 -0.79
CA LEU A 14 -8.49 -5.93 0.56
C LEU A 14 -7.20 -5.69 1.32
N LYS A 15 -6.07 -6.07 0.71
CA LYS A 15 -4.76 -5.91 1.32
C LYS A 15 -4.46 -4.43 1.55
N TRP A 16 -4.86 -3.59 0.60
CA TRP A 16 -4.63 -2.16 0.71
C TRP A 16 -5.14 -1.62 2.04
N GLU A 17 -6.44 -1.72 2.26
CA GLU A 17 -7.05 -1.24 3.50
C GLU A 17 -6.13 -1.50 4.69
N LYS A 18 -5.54 -2.69 4.71
CA LYS A 18 -4.63 -3.06 5.81
C LYS A 18 -3.38 -2.20 5.78
N GLU A 19 -2.78 -2.05 4.62
CA GLU A 19 -1.57 -1.25 4.47
C GLU A 19 -1.86 0.23 4.72
N GLU A 20 -3.10 0.63 4.47
CA GLU A 20 -3.51 2.01 4.67
C GLU A 20 -3.29 2.45 6.12
N ALA A 21 -3.21 1.46 7.01
CA ALA A 21 -3.01 1.74 8.43
C ALA A 21 -1.52 1.87 8.75
N LEU A 22 -0.69 1.11 8.04
CA LEU A 22 0.75 1.14 8.24
C LEU A 22 1.34 2.48 7.78
N GLY A 23 0.58 3.19 6.95
CA GLY A 23 1.04 4.47 6.44
C GLY A 23 2.37 4.37 5.71
N GLU A 24 3.37 5.07 6.22
CA GLU A 24 4.70 5.06 5.60
C GLU A 24 5.25 3.64 5.54
N MET A 25 4.63 2.73 6.29
CA MET A 25 5.07 1.33 6.31
C MET A 25 4.38 0.54 5.20
N ALA A 26 3.30 1.09 4.67
CA ALA A 26 2.57 0.43 3.59
C ALA A 26 3.50 -0.36 2.68
N THR A 27 3.31 -1.68 2.63
CA THR A 27 4.13 -2.54 1.80
C THR A 27 3.72 -2.46 0.34
N VAL A 28 2.79 -1.56 0.05
CA VAL A 28 2.31 -1.37 -1.32
C VAL A 28 2.87 -0.11 -1.95
N ALA A 29 2.84 -0.04 -3.27
CA ALA A 29 3.35 1.13 -3.99
C ALA A 29 2.40 2.31 -3.86
N PRO A 30 1.15 2.13 -4.32
CA PRO A 30 0.12 3.17 -4.26
C PRO A 30 -0.34 3.45 -2.83
N VAL A 31 -0.71 2.39 -2.12
CA VAL A 31 -1.18 2.52 -0.74
C VAL A 31 -0.15 3.26 0.11
N LEU A 32 1.09 3.29 -0.36
CA LEU A 32 2.16 3.96 0.36
C LEU A 32 2.29 5.42 -0.08
N TYR A 33 2.33 5.63 -1.39
CA TYR A 33 2.45 6.97 -1.94
C TYR A 33 1.43 7.92 -1.31
N THR A 34 0.16 7.54 -1.41
CA THR A 34 -0.92 8.35 -0.85
C THR A 34 -0.74 8.55 0.65
N ASN A 35 -0.36 7.49 1.35
CA ASN A 35 -0.14 7.54 2.79
C ASN A 35 0.74 8.73 3.15
N ILE A 36 1.72 9.01 2.31
CA ILE A 36 2.64 10.12 2.55
C ILE A 36 2.11 11.42 1.94
N ASN A 37 2.00 11.44 0.62
CA ASN A 37 1.50 12.63 -0.08
C ASN A 37 0.18 13.10 0.52
N PHE A 38 -0.76 12.17 0.67
CA PHE A 38 -2.07 12.49 1.23
C PHE A 38 -2.20 11.94 2.65
N PRO A 39 -1.74 12.74 3.64
CA PRO A 39 -1.80 12.35 5.04
C PRO A 39 -3.22 12.33 5.58
N ASN A 40 -4.03 13.29 5.13
CA ASN A 40 -5.42 13.38 5.57
C ASN A 40 -6.34 12.63 4.62
N LEU A 41 -5.76 11.78 3.78
CA LEU A 41 -6.53 11.00 2.82
C LEU A 41 -7.77 10.40 3.48
N LYS A 42 -7.57 9.73 4.60
CA LYS A 42 -8.66 9.10 5.33
C LYS A 42 -9.83 10.07 5.49
N GLU A 43 -9.56 11.24 6.08
CA GLU A 43 -10.58 12.25 6.29
C GLU A 43 -11.28 12.59 4.97
N GLU A 44 -10.51 13.04 3.99
CA GLU A 44 -11.06 13.41 2.70
C GLU A 44 -12.02 12.34 2.19
N PHE A 45 -11.65 11.08 2.40
CA PHE A 45 -12.49 9.96 1.97
C PHE A 45 -12.60 8.91 3.06
N PRO A 46 -13.67 9.00 3.86
CA PRO A 46 -13.91 8.07 4.97
C PRO A 46 -14.29 6.68 4.47
N ASP A 47 -15.20 6.63 3.50
CA ASP A 47 -15.66 5.36 2.94
C ASP A 47 -14.56 4.72 2.09
N TRP A 48 -14.01 3.62 2.58
CA TRP A 48 -12.95 2.90 1.86
C TRP A 48 -13.26 2.83 0.38
N THR A 49 -14.34 2.15 0.03
CA THR A 49 -14.74 2.01 -1.37
C THR A 49 -14.55 3.30 -2.14
N THR A 50 -14.66 4.42 -1.43
CA THR A 50 -14.49 5.74 -2.04
C THR A 50 -13.03 6.20 -1.97
N ARG A 51 -12.38 5.92 -0.84
CA ARG A 51 -10.99 6.31 -0.66
C ARG A 51 -10.07 5.50 -1.56
N VAL A 52 -10.17 4.18 -1.47
CA VAL A 52 -9.36 3.29 -2.28
C VAL A 52 -9.26 3.79 -3.72
N LYS A 53 -10.40 4.17 -4.28
CA LYS A 53 -10.44 4.67 -5.65
C LYS A 53 -9.48 5.85 -5.83
N GLN A 54 -9.47 6.75 -4.87
CA GLN A 54 -8.60 7.92 -4.92
C GLN A 54 -7.13 7.50 -4.97
N ILE A 55 -6.82 6.39 -4.33
CA ILE A 55 -5.45 5.88 -4.29
C ILE A 55 -5.00 5.46 -5.69
N ALA A 56 -5.92 4.87 -6.46
CA ALA A 56 -5.62 4.43 -7.81
C ALA A 56 -5.42 5.61 -8.75
N LYS A 57 -6.41 6.51 -8.79
CA LYS A 57 -6.35 7.68 -9.65
C LYS A 57 -5.11 8.52 -9.34
N LEU A 58 -4.90 8.79 -8.06
CA LEU A 58 -3.75 9.58 -7.63
C LEU A 58 -2.44 8.84 -7.92
N TRP A 59 -2.53 7.52 -8.03
CA TRP A 59 -1.36 6.70 -8.32
C TRP A 59 -1.03 6.71 -9.81
N ARG A 60 -2.05 6.52 -10.64
CA ARG A 60 -1.87 6.51 -12.09
C ARG A 60 -1.39 7.86 -12.58
N LYS A 61 -2.03 8.92 -12.12
CA LYS A 61 -1.67 10.28 -12.52
C LYS A 61 -0.19 10.54 -12.26
N ALA A 62 0.38 9.82 -11.29
CA ALA A 62 1.78 9.97 -10.94
C ALA A 62 2.68 9.41 -12.04
N SER A 63 3.69 10.20 -12.43
CA SER A 63 4.61 9.78 -13.47
C SER A 63 5.40 8.54 -13.04
N SER A 64 5.76 7.71 -14.01
CA SER A 64 6.50 6.49 -13.72
C SER A 64 7.73 6.78 -12.85
N GLN A 65 8.45 7.84 -13.21
CA GLN A 65 9.64 8.23 -12.46
C GLN A 65 9.29 8.58 -11.02
N GLU A 66 8.02 8.87 -10.78
CA GLU A 66 7.55 9.22 -9.44
C GLU A 66 7.34 7.96 -8.60
N ARG A 67 6.85 6.91 -9.23
CA ARG A 67 6.60 5.65 -8.54
C ARG A 67 7.89 4.88 -8.33
N ALA A 68 8.90 5.18 -9.14
CA ALA A 68 10.19 4.52 -9.05
C ALA A 68 10.51 4.15 -7.60
N PRO A 69 10.54 5.16 -6.73
CA PRO A 69 10.83 4.97 -5.30
C PRO A 69 9.71 4.25 -4.57
N TYR A 70 8.50 4.75 -4.74
CA TYR A 70 7.33 4.15 -4.09
C TYR A 70 7.13 2.71 -4.54
N VAL A 71 7.81 2.34 -5.62
CA VAL A 71 7.71 0.98 -6.16
C VAL A 71 8.69 0.05 -5.46
N GLN A 72 9.87 0.57 -5.15
CA GLN A 72 10.90 -0.23 -4.48
C GLN A 72 10.70 -0.22 -2.97
N LYS A 73 10.43 0.97 -2.42
CA LYS A 73 10.21 1.11 -0.99
C LYS A 73 9.15 0.13 -0.49
N ALA A 74 8.06 0.02 -1.24
CA ALA A 74 6.98 -0.89 -0.88
C ALA A 74 7.49 -2.31 -0.64
N ARG A 75 8.33 -2.79 -1.56
CA ARG A 75 8.89 -4.13 -1.43
C ARG A 75 9.78 -4.23 -0.20
N ASP A 76 10.67 -3.26 -0.03
CA ASP A 76 11.57 -3.25 1.11
C ASP A 76 10.81 -3.25 2.43
N ASN A 77 9.71 -2.50 2.46
CA ASN A 77 8.87 -2.42 3.66
C ASN A 77 8.49 -3.80 4.15
N ARG A 78 8.23 -4.72 3.21
CA ARG A 78 7.86 -6.08 3.55
C ARG A 78 8.96 -6.76 4.36
N ALA A 79 10.20 -6.60 3.92
CA ALA A 79 11.34 -7.19 4.61
C ALA A 79 11.38 -6.78 6.08
N ALA A 80 11.31 -5.47 6.32
CA ALA A 80 11.34 -4.94 7.68
C ALA A 80 10.61 -5.88 8.64
N LEU A 81 9.38 -6.24 8.30
CA LEU A 81 8.59 -7.13 9.14
C LEU A 81 9.30 -8.46 9.36
N ARG A 82 9.65 -9.13 8.26
CA ARG A 82 10.33 -10.41 8.33
C ARG A 82 11.48 -10.35 9.34
N ILE A 83 12.35 -9.35 9.19
CA ILE A 83 13.48 -9.18 10.09
C ILE A 83 13.02 -8.78 11.49
N ASN A 84 12.45 -7.59 11.59
CA ASN A 84 11.97 -7.09 12.88
C ASN A 84 10.61 -7.69 13.23
N LYS A 85 10.63 -8.85 13.87
CA LYS A 85 9.40 -9.54 14.26
C LYS A 85 8.90 -9.02 15.60
N VAL A 86 7.65 -9.36 15.93
CA VAL A 86 7.06 -8.94 17.19
C VAL A 86 7.17 -10.02 18.25
N GLN A 87 7.52 -9.63 19.46
CA GLN A 87 7.66 -10.57 20.56
C GLN A 87 6.46 -11.51 20.64
N MET A 88 6.73 -12.79 20.86
CA MET A 88 5.67 -13.79 20.95
C MET A 88 4.88 -13.62 22.25
N SER A 89 5.57 -13.71 23.37
CA SER A 89 4.92 -13.57 24.68
C SER A 89 3.81 -14.60 24.85
N ASN A 90 4.09 -15.84 24.43
CA ASN A 90 3.13 -16.92 24.54
C ASN A 90 3.47 -17.84 25.70
N GLY A 1 -19.33 2.63 -11.23
CA GLY A 1 -18.56 2.56 -10.00
C GLY A 1 -19.36 2.01 -8.84
N SER A 2 -19.08 0.77 -8.47
CA SER A 2 -19.78 0.11 -7.36
C SER A 2 -18.96 -1.05 -6.82
N SER A 3 -19.21 -1.40 -5.55
CA SER A 3 -18.50 -2.48 -4.90
C SER A 3 -18.24 -3.63 -5.88
N GLY A 4 -19.32 -4.22 -6.38
CA GLY A 4 -19.18 -5.32 -7.32
C GLY A 4 -19.81 -6.60 -6.80
N SER A 5 -18.98 -7.49 -6.26
CA SER A 5 -19.46 -8.76 -5.74
C SER A 5 -18.42 -9.41 -4.83
N SER A 6 -18.81 -10.46 -4.14
CA SER A 6 -17.91 -11.18 -3.23
C SER A 6 -17.14 -12.25 -3.98
N GLY A 7 -16.01 -12.67 -3.40
CA GLY A 7 -15.18 -13.69 -4.02
C GLY A 7 -13.75 -13.65 -3.55
N ASN A 8 -13.42 -14.50 -2.58
CA ASN A 8 -12.08 -14.56 -2.04
C ASN A 8 -11.06 -14.96 -3.11
N ALA A 9 -11.24 -16.17 -3.65
CA ALA A 9 -10.35 -16.67 -4.69
C ALA A 9 -9.87 -15.54 -5.59
N GLN A 10 -10.81 -14.89 -6.26
CA GLN A 10 -10.48 -13.79 -7.17
C GLN A 10 -9.86 -12.62 -6.40
N ARG A 11 -8.69 -12.20 -6.84
CA ARG A 11 -7.98 -11.09 -6.20
C ARG A 11 -8.97 -10.00 -5.76
N SER A 12 -8.56 -9.20 -4.79
CA SER A 12 -9.40 -8.11 -4.28
C SER A 12 -8.57 -7.04 -3.59
N THR A 13 -9.24 -6.04 -3.03
CA THR A 13 -8.55 -4.96 -2.34
C THR A 13 -8.54 -5.18 -0.83
N LEU A 14 -7.61 -6.00 -0.37
CA LEU A 14 -7.48 -6.30 1.05
C LEU A 14 -6.16 -5.79 1.61
N LYS A 15 -5.07 -6.20 0.96
CA LYS A 15 -3.73 -5.78 1.39
C LYS A 15 -3.69 -4.27 1.65
N TRP A 16 -4.37 -3.51 0.80
CA TRP A 16 -4.42 -2.06 0.93
C TRP A 16 -4.99 -1.65 2.28
N GLU A 17 -6.23 -2.06 2.53
CA GLU A 17 -6.90 -1.73 3.80
C GLU A 17 -5.93 -1.85 4.97
N LYS A 18 -5.03 -2.82 4.89
CA LYS A 18 -4.05 -3.03 5.95
C LYS A 18 -2.92 -2.01 5.86
N GLU A 19 -2.25 -1.98 4.70
CA GLU A 19 -1.15 -1.05 4.49
C GLU A 19 -1.61 0.39 4.71
N GLU A 20 -2.91 0.61 4.62
CA GLU A 20 -3.48 1.94 4.82
C GLU A 20 -3.28 2.42 6.25
N ALA A 21 -3.07 1.48 7.16
CA ALA A 21 -2.85 1.80 8.57
C ALA A 21 -1.37 1.97 8.88
N LEU A 22 -0.53 1.32 8.07
CA LEU A 22 0.92 1.40 8.27
C LEU A 22 1.47 2.71 7.73
N GLY A 23 0.65 3.44 6.99
CA GLY A 23 1.06 4.72 6.44
C GLY A 23 2.35 4.61 5.64
N GLU A 24 3.40 5.27 6.12
CA GLU A 24 4.69 5.24 5.44
C GLU A 24 5.25 3.82 5.40
N MET A 25 4.66 2.94 6.19
CA MET A 25 5.12 1.55 6.24
C MET A 25 4.27 0.67 5.31
N ALA A 26 3.49 1.31 4.45
CA ALA A 26 2.64 0.59 3.51
C ALA A 26 3.48 -0.31 2.61
N THR A 27 3.10 -1.59 2.56
CA THR A 27 3.81 -2.56 1.74
C THR A 27 3.33 -2.53 0.29
N VAL A 28 2.73 -1.40 -0.09
CA VAL A 28 2.22 -1.24 -1.45
C VAL A 28 2.73 0.05 -2.07
N ALA A 29 2.77 0.09 -3.40
CA ALA A 29 3.23 1.27 -4.11
C ALA A 29 2.23 2.42 -4.00
N PRO A 30 0.99 2.16 -4.43
CA PRO A 30 -0.08 3.15 -4.39
C PRO A 30 -0.54 3.45 -2.96
N VAL A 31 -0.78 2.40 -2.19
CA VAL A 31 -1.21 2.55 -0.81
C VAL A 31 -0.17 3.29 0.03
N LEU A 32 1.06 3.35 -0.49
CA LEU A 32 2.15 4.03 0.20
C LEU A 32 2.24 5.49 -0.23
N TYR A 33 2.20 5.71 -1.54
CA TYR A 33 2.28 7.07 -2.09
C TYR A 33 1.29 8.00 -1.39
N THR A 34 0.02 7.63 -1.43
CA THR A 34 -1.02 8.43 -0.80
C THR A 34 -0.74 8.64 0.68
N ASN A 35 -0.48 7.54 1.39
CA ASN A 35 -0.19 7.61 2.82
C ASN A 35 0.75 8.77 3.14
N ILE A 36 1.64 9.06 2.20
CA ILE A 36 2.60 10.14 2.38
C ILE A 36 2.09 11.44 1.75
N ASN A 37 1.92 11.43 0.43
CA ASN A 37 1.44 12.60 -0.28
C ASN A 37 0.14 13.12 0.33
N PHE A 38 -0.83 12.23 0.50
CA PHE A 38 -2.12 12.58 1.09
C PHE A 38 -2.25 12.05 2.50
N PRO A 39 -1.74 12.83 3.48
CA PRO A 39 -1.79 12.45 4.89
C PRO A 39 -3.20 12.49 5.47
N ASN A 40 -3.98 13.46 5.01
CA ASN A 40 -5.36 13.61 5.48
C ASN A 40 -6.32 12.81 4.60
N LEU A 41 -5.76 11.93 3.77
CA LEU A 41 -6.56 11.10 2.88
C LEU A 41 -7.79 10.54 3.60
N LYS A 42 -7.53 9.80 4.68
CA LYS A 42 -8.62 9.21 5.47
C LYS A 42 -9.81 10.16 5.56
N GLU A 43 -9.57 11.36 6.07
CA GLU A 43 -10.63 12.36 6.20
C GLU A 43 -11.28 12.65 4.84
N GLU A 44 -10.47 13.16 3.91
CA GLU A 44 -10.96 13.48 2.58
C GLU A 44 -11.91 12.41 2.07
N PHE A 45 -11.55 11.15 2.31
CA PHE A 45 -12.38 10.03 1.87
C PHE A 45 -12.52 9.00 2.99
N PRO A 46 -13.61 9.11 3.77
CA PRO A 46 -13.89 8.20 4.86
C PRO A 46 -14.26 6.80 4.38
N ASP A 47 -15.21 6.74 3.46
CA ASP A 47 -15.67 5.46 2.92
C ASP A 47 -14.55 4.78 2.13
N TRP A 48 -14.14 3.60 2.60
CA TRP A 48 -13.07 2.86 1.94
C TRP A 48 -13.34 2.74 0.43
N THR A 49 -14.45 2.08 0.09
CA THR A 49 -14.82 1.90 -1.31
C THR A 49 -14.58 3.18 -2.11
N THR A 50 -14.58 4.31 -1.43
CA THR A 50 -14.38 5.60 -2.07
C THR A 50 -12.90 6.00 -2.02
N ARG A 51 -12.28 5.81 -0.86
CA ARG A 51 -10.87 6.16 -0.68
C ARG A 51 -9.99 5.31 -1.60
N VAL A 52 -10.15 3.99 -1.50
CA VAL A 52 -9.36 3.07 -2.32
C VAL A 52 -9.26 3.56 -3.76
N LYS A 53 -10.37 4.06 -4.28
CA LYS A 53 -10.41 4.56 -5.65
C LYS A 53 -9.45 5.73 -5.83
N GLN A 54 -9.44 6.65 -4.88
CA GLN A 54 -8.56 7.81 -4.93
C GLN A 54 -7.10 7.38 -5.03
N ILE A 55 -6.73 6.37 -4.26
CA ILE A 55 -5.36 5.86 -4.27
C ILE A 55 -4.93 5.45 -5.67
N ALA A 56 -5.87 4.89 -6.42
CA ALA A 56 -5.59 4.45 -7.78
C ALA A 56 -5.42 5.64 -8.72
N LYS A 57 -6.45 6.47 -8.83
CA LYS A 57 -6.41 7.65 -9.68
C LYS A 57 -5.19 8.50 -9.37
N LEU A 58 -4.97 8.77 -8.08
CA LEU A 58 -3.84 9.58 -7.65
C LEU A 58 -2.52 8.87 -7.94
N TRP A 59 -2.57 7.54 -7.99
CA TRP A 59 -1.38 6.75 -8.26
C TRP A 59 -1.06 6.74 -9.75
N ARG A 60 -2.09 6.66 -10.58
CA ARG A 60 -1.92 6.64 -12.03
C ARG A 60 -1.33 7.96 -12.53
N LYS A 61 -1.98 9.06 -12.16
CA LYS A 61 -1.52 10.38 -12.57
C LYS A 61 -0.03 10.55 -12.29
N ALA A 62 0.44 9.92 -11.22
CA ALA A 62 1.84 10.00 -10.85
C ALA A 62 2.74 9.40 -11.94
N SER A 63 3.72 10.18 -12.38
CA SER A 63 4.64 9.73 -13.43
C SER A 63 5.46 8.54 -12.95
N SER A 64 5.83 7.67 -13.89
CA SER A 64 6.62 6.49 -13.57
C SER A 64 7.81 6.85 -12.67
N GLN A 65 8.52 7.90 -13.05
CA GLN A 65 9.68 8.35 -12.30
C GLN A 65 9.31 8.61 -10.84
N GLU A 66 8.05 8.98 -10.61
CA GLU A 66 7.57 9.26 -9.26
C GLU A 66 7.32 7.96 -8.49
N ARG A 67 6.87 6.93 -9.19
CA ARG A 67 6.60 5.64 -8.58
C ARG A 67 7.89 4.87 -8.34
N ALA A 68 8.93 5.20 -9.11
CA ALA A 68 10.22 4.53 -8.98
C ALA A 68 10.50 4.16 -7.53
N PRO A 69 10.51 5.17 -6.65
CA PRO A 69 10.77 4.97 -5.22
C PRO A 69 9.62 4.25 -4.53
N TYR A 70 8.41 4.75 -4.70
CA TYR A 70 7.23 4.16 -4.09
C TYR A 70 7.06 2.70 -4.55
N VAL A 71 7.75 2.34 -5.62
CA VAL A 71 7.68 0.99 -6.15
C VAL A 71 8.66 0.06 -5.44
N GLN A 72 9.82 0.59 -5.10
CA GLN A 72 10.85 -0.19 -4.42
C GLN A 72 10.61 -0.20 -2.91
N LYS A 73 10.34 0.98 -2.35
CA LYS A 73 10.08 1.10 -0.92
C LYS A 73 9.06 0.08 -0.46
N ALA A 74 7.98 -0.06 -1.23
CA ALA A 74 6.93 -1.01 -0.89
C ALA A 74 7.49 -2.42 -0.69
N ARG A 75 8.34 -2.85 -1.63
CA ARG A 75 8.95 -4.17 -1.55
C ARG A 75 9.82 -4.30 -0.30
N ASP A 76 10.64 -3.29 -0.05
CA ASP A 76 11.52 -3.29 1.11
C ASP A 76 10.71 -3.28 2.41
N ASN A 77 9.60 -2.56 2.39
CA ASN A 77 8.74 -2.45 3.56
C ASN A 77 8.24 -3.84 3.99
N ARG A 78 8.10 -4.73 3.02
CA ARG A 78 7.63 -6.09 3.30
C ARG A 78 8.67 -6.87 4.09
N ALA A 79 9.95 -6.59 3.83
CA ALA A 79 11.03 -7.27 4.52
C ALA A 79 11.08 -6.86 6.00
N ALA A 80 11.08 -5.56 6.25
CA ALA A 80 11.12 -5.04 7.61
C ALA A 80 10.24 -5.86 8.54
N LEU A 81 9.04 -6.20 8.06
CA LEU A 81 8.09 -6.99 8.85
C LEU A 81 8.59 -8.42 9.02
N ARG A 82 9.11 -8.99 7.95
CA ARG A 82 9.62 -10.36 7.97
C ARG A 82 10.70 -10.51 9.03
N ILE A 83 11.58 -9.51 9.13
CA ILE A 83 12.66 -9.52 10.10
C ILE A 83 12.14 -9.30 11.51
N ASN A 84 11.36 -8.24 11.68
CA ASN A 84 10.79 -7.91 13.00
C ASN A 84 10.07 -9.12 13.59
N LYS A 85 9.23 -9.75 12.78
CA LYS A 85 8.47 -10.92 13.23
C LYS A 85 9.37 -11.90 13.97
N VAL A 86 8.90 -12.39 15.11
CA VAL A 86 9.66 -13.33 15.92
C VAL A 86 8.87 -14.60 16.18
N GLN A 87 7.55 -14.49 16.11
CA GLN A 87 6.67 -15.63 16.34
C GLN A 87 5.49 -15.61 15.37
N MET A 88 5.07 -16.79 14.93
CA MET A 88 3.95 -16.91 14.00
C MET A 88 2.71 -17.47 14.71
N SER A 89 1.93 -16.58 15.31
CA SER A 89 0.73 -16.98 16.02
C SER A 89 -0.52 -16.66 15.22
N ASN A 90 -0.46 -16.90 13.91
CA ASN A 90 -1.58 -16.64 13.02
C ASN A 90 -2.46 -17.87 12.86
N GLY A 1 -3.06 -22.38 16.07
CA GLY A 1 -3.59 -21.11 15.61
C GLY A 1 -3.39 -20.90 14.13
N SER A 2 -4.49 -20.76 13.39
CA SER A 2 -4.43 -20.55 11.95
C SER A 2 -4.59 -19.08 11.60
N SER A 3 -3.72 -18.58 10.72
CA SER A 3 -3.77 -17.18 10.30
C SER A 3 -3.64 -17.06 8.79
N GLY A 4 -4.23 -16.01 8.24
CA GLY A 4 -4.16 -15.79 6.81
C GLY A 4 -2.74 -15.76 6.28
N SER A 5 -2.51 -16.41 5.14
CA SER A 5 -1.19 -16.45 4.54
C SER A 5 -1.05 -15.42 3.42
N SER A 6 0.18 -15.20 2.98
CA SER A 6 0.44 -14.23 1.92
C SER A 6 1.51 -14.75 0.96
N GLY A 7 1.54 -14.19 -0.24
CA GLY A 7 2.51 -14.61 -1.23
C GLY A 7 2.79 -13.54 -2.26
N ASN A 8 1.77 -13.16 -3.01
CA ASN A 8 1.90 -12.13 -4.05
C ASN A 8 0.82 -11.07 -3.90
N ALA A 9 1.18 -9.83 -4.20
CA ALA A 9 0.24 -8.72 -4.11
C ALA A 9 0.23 -7.90 -5.40
N GLN A 10 -0.92 -7.88 -6.07
CA GLN A 10 -1.06 -7.14 -7.32
C GLN A 10 -2.52 -7.03 -7.73
N ARG A 11 -2.97 -5.81 -7.99
CA ARG A 11 -4.36 -5.58 -8.40
C ARG A 11 -5.32 -6.16 -7.38
N SER A 12 -4.97 -6.03 -6.10
CA SER A 12 -5.82 -6.54 -5.03
C SER A 12 -6.05 -5.47 -3.97
N THR A 13 -7.30 -5.01 -3.87
CA THR A 13 -7.66 -3.98 -2.89
C THR A 13 -7.65 -4.54 -1.48
N LEU A 14 -7.78 -5.85 -1.36
CA LEU A 14 -7.79 -6.50 -0.05
C LEU A 14 -6.46 -6.30 0.66
N LYS A 15 -5.46 -5.84 -0.08
CA LYS A 15 -4.13 -5.60 0.48
C LYS A 15 -3.82 -4.11 0.51
N TRP A 16 -4.86 -3.29 0.66
CA TRP A 16 -4.70 -1.85 0.71
C TRP A 16 -5.19 -1.28 2.03
N GLU A 17 -6.43 -1.61 2.38
CA GLU A 17 -7.03 -1.12 3.63
C GLU A 17 -6.07 -1.34 4.80
N LYS A 18 -5.43 -2.51 4.83
CA LYS A 18 -4.49 -2.85 5.89
C LYS A 18 -3.26 -1.95 5.83
N GLU A 19 -2.60 -1.95 4.67
CA GLU A 19 -1.40 -1.13 4.49
C GLU A 19 -1.69 0.33 4.81
N GLU A 20 -2.90 0.77 4.50
CA GLU A 20 -3.29 2.16 4.75
C GLU A 20 -3.01 2.54 6.21
N ALA A 21 -3.20 1.58 7.11
CA ALA A 21 -2.97 1.83 8.52
C ALA A 21 -1.49 1.99 8.83
N LEU A 22 -0.65 1.24 8.09
CA LEU A 22 0.79 1.30 8.28
C LEU A 22 1.35 2.64 7.79
N GLY A 23 0.57 3.34 6.98
CA GLY A 23 1.00 4.62 6.46
C GLY A 23 2.29 4.53 5.68
N GLU A 24 3.32 5.22 6.14
CA GLU A 24 4.61 5.22 5.47
C GLU A 24 5.19 3.80 5.42
N MET A 25 4.59 2.89 6.18
CA MET A 25 5.03 1.51 6.22
C MET A 25 4.31 0.68 5.17
N ALA A 26 3.30 1.27 4.56
CA ALA A 26 2.52 0.58 3.53
C ALA A 26 3.42 -0.32 2.67
N THR A 27 3.04 -1.58 2.55
CA THR A 27 3.80 -2.54 1.77
C THR A 27 3.40 -2.49 0.30
N VAL A 28 2.70 -1.43 -0.09
CA VAL A 28 2.25 -1.27 -1.46
C VAL A 28 2.76 0.04 -2.06
N ALA A 29 2.82 0.09 -3.38
CA ALA A 29 3.29 1.29 -4.07
C ALA A 29 2.29 2.42 -3.96
N PRO A 30 1.05 2.17 -4.41
CA PRO A 30 -0.04 3.17 -4.36
C PRO A 30 -0.50 3.45 -2.94
N VAL A 31 -0.67 2.39 -2.15
CA VAL A 31 -1.12 2.52 -0.77
C VAL A 31 -0.11 3.32 0.05
N LEU A 32 1.13 3.36 -0.41
CA LEU A 32 2.18 4.10 0.27
C LEU A 32 2.23 5.55 -0.18
N TYR A 33 2.28 5.74 -1.50
CA TYR A 33 2.32 7.09 -2.07
C TYR A 33 1.31 8.00 -1.39
N THR A 34 0.04 7.60 -1.41
CA THR A 34 -1.02 8.37 -0.80
C THR A 34 -0.78 8.56 0.69
N ASN A 35 -0.38 7.49 1.36
CA ASN A 35 -0.12 7.53 2.79
C ASN A 35 0.79 8.71 3.14
N ILE A 36 1.71 9.04 2.23
CA ILE A 36 2.63 10.14 2.45
C ILE A 36 2.08 11.45 1.86
N ASN A 37 1.88 11.46 0.55
CA ASN A 37 1.36 12.64 -0.13
C ASN A 37 0.05 13.10 0.51
N PHE A 38 -0.88 12.16 0.68
CA PHE A 38 -2.18 12.47 1.28
C PHE A 38 -2.28 11.86 2.69
N PRO A 39 -1.81 12.60 3.69
CA PRO A 39 -1.85 12.15 5.08
C PRO A 39 -3.26 12.12 5.65
N ASN A 40 -4.03 13.17 5.38
CA ASN A 40 -5.40 13.26 5.86
C ASN A 40 -6.35 12.51 4.93
N LEU A 41 -5.79 11.69 4.04
CA LEU A 41 -6.58 10.93 3.10
C LEU A 41 -7.80 10.30 3.78
N LYS A 42 -7.54 9.51 4.82
CA LYS A 42 -8.61 8.85 5.57
C LYS A 42 -9.79 9.80 5.75
N GLU A 43 -9.56 10.93 6.40
CA GLU A 43 -10.61 11.91 6.65
C GLU A 43 -11.28 12.32 5.35
N GLU A 44 -10.48 12.85 4.42
CA GLU A 44 -11.00 13.29 3.13
C GLU A 44 -11.97 12.25 2.55
N PHE A 45 -11.63 10.98 2.71
CA PHE A 45 -12.47 9.90 2.21
C PHE A 45 -12.62 8.80 3.25
N PRO A 46 -13.71 8.89 4.04
CA PRO A 46 -14.00 7.91 5.09
C PRO A 46 -14.39 6.55 4.53
N ASP A 47 -15.35 6.55 3.60
CA ASP A 47 -15.81 5.32 2.98
C ASP A 47 -14.71 4.69 2.14
N TRP A 48 -14.27 3.50 2.55
CA TRP A 48 -13.23 2.79 1.84
C TRP A 48 -13.53 2.71 0.35
N THR A 49 -14.64 2.06 0.01
CA THR A 49 -15.04 1.92 -1.39
C THR A 49 -14.89 3.24 -2.14
N THR A 50 -14.92 4.34 -1.40
CA THR A 50 -14.79 5.67 -1.99
C THR A 50 -13.34 6.15 -1.96
N ARG A 51 -12.64 5.79 -0.89
CA ARG A 51 -11.23 6.18 -0.73
C ARG A 51 -10.33 5.39 -1.66
N VAL A 52 -10.45 4.07 -1.61
CA VAL A 52 -9.65 3.19 -2.45
C VAL A 52 -9.65 3.68 -3.90
N LYS A 53 -10.73 4.35 -4.29
CA LYS A 53 -10.86 4.86 -5.64
C LYS A 53 -9.87 5.99 -5.90
N GLN A 54 -9.63 6.79 -4.88
CA GLN A 54 -8.69 7.91 -4.99
C GLN A 54 -7.26 7.41 -5.14
N ILE A 55 -6.80 6.63 -4.15
CA ILE A 55 -5.44 6.10 -4.18
C ILE A 55 -5.06 5.64 -5.58
N ALA A 56 -6.04 5.12 -6.32
CA ALA A 56 -5.82 4.64 -7.68
C ALA A 56 -5.52 5.81 -8.62
N LYS A 57 -6.42 6.77 -8.67
CA LYS A 57 -6.26 7.93 -9.53
C LYS A 57 -4.99 8.70 -9.16
N LEU A 58 -4.80 8.96 -7.88
CA LEU A 58 -3.63 9.68 -7.41
C LEU A 58 -2.34 8.95 -7.79
N TRP A 59 -2.41 7.62 -7.82
CA TRP A 59 -1.26 6.81 -8.17
C TRP A 59 -1.03 6.81 -9.68
N ARG A 60 -2.11 6.63 -10.44
CA ARG A 60 -2.03 6.61 -11.89
C ARG A 60 -1.37 7.88 -12.41
N LYS A 61 -1.91 9.03 -12.01
CA LYS A 61 -1.38 10.31 -12.44
C LYS A 61 0.15 10.34 -12.33
N ALA A 62 0.67 9.62 -11.34
CA ALA A 62 2.11 9.56 -11.12
C ALA A 62 2.80 8.78 -12.24
N SER A 63 3.94 9.28 -12.69
CA SER A 63 4.70 8.64 -13.76
C SER A 63 5.66 7.60 -13.20
N SER A 64 6.01 6.62 -14.02
CA SER A 64 6.91 5.56 -13.61
C SER A 64 8.09 6.13 -12.82
N GLN A 65 8.82 7.05 -13.43
CA GLN A 65 9.97 7.68 -12.79
C GLN A 65 9.61 8.17 -11.40
N GLU A 66 8.34 8.51 -11.20
CA GLU A 66 7.86 9.00 -9.91
C GLU A 66 7.59 7.85 -8.95
N ARG A 67 7.05 6.76 -9.50
CA ARG A 67 6.74 5.59 -8.69
C ARG A 67 7.99 4.76 -8.41
N ALA A 68 9.01 4.97 -9.23
CA ALA A 68 10.28 4.25 -9.07
C ALA A 68 10.56 3.95 -7.61
N PRO A 69 10.63 5.02 -6.79
CA PRO A 69 10.91 4.90 -5.36
C PRO A 69 9.74 4.28 -4.60
N TYR A 70 8.55 4.83 -4.81
CA TYR A 70 7.35 4.33 -4.14
C TYR A 70 7.10 2.87 -4.50
N VAL A 71 7.77 2.40 -5.54
CA VAL A 71 7.61 1.01 -5.98
C VAL A 71 8.56 0.09 -5.23
N GLN A 72 9.81 0.54 -5.05
CA GLN A 72 10.80 -0.26 -4.35
C GLN A 72 10.57 -0.22 -2.85
N LYS A 73 10.38 0.99 -2.31
CA LYS A 73 10.13 1.16 -0.88
C LYS A 73 9.09 0.18 -0.39
N ALA A 74 7.93 0.15 -1.06
CA ALA A 74 6.85 -0.75 -0.68
C ALA A 74 7.37 -2.17 -0.45
N ARG A 75 8.21 -2.64 -1.36
CA ARG A 75 8.78 -3.98 -1.25
C ARG A 75 9.66 -4.10 -0.01
N ASP A 76 10.55 -3.13 0.17
CA ASP A 76 11.44 -3.14 1.33
C ASP A 76 10.65 -3.16 2.63
N ASN A 77 9.55 -2.42 2.67
CA ASN A 77 8.71 -2.36 3.85
C ASN A 77 8.30 -3.76 4.30
N ARG A 78 8.10 -4.65 3.34
CA ARG A 78 7.69 -6.01 3.64
C ARG A 78 8.81 -6.77 4.36
N ALA A 79 10.04 -6.56 3.89
CA ALA A 79 11.20 -7.22 4.50
C ALA A 79 11.38 -6.79 5.95
N ALA A 80 11.34 -5.48 6.18
CA ALA A 80 11.51 -4.94 7.52
C ALA A 80 10.70 -5.74 8.54
N LEU A 81 9.56 -6.27 8.10
CA LEU A 81 8.69 -7.05 8.96
C LEU A 81 9.31 -8.42 9.25
N ARG A 82 9.62 -9.16 8.19
CA ARG A 82 10.22 -10.48 8.32
C ARG A 82 11.41 -10.45 9.28
N ILE A 83 12.26 -9.44 9.12
CA ILE A 83 13.44 -9.30 9.97
C ILE A 83 13.04 -8.86 11.38
N ASN A 84 12.30 -7.77 11.48
CA ASN A 84 11.86 -7.26 12.77
C ASN A 84 13.01 -7.25 13.77
N LYS A 85 14.13 -6.68 13.38
CA LYS A 85 15.31 -6.61 14.24
C LYS A 85 16.18 -5.41 13.86
N VAL A 86 16.22 -4.41 14.74
CA VAL A 86 17.03 -3.22 14.50
C VAL A 86 18.50 -3.57 14.34
N GLN A 87 19.10 -3.13 13.24
CA GLN A 87 20.50 -3.40 12.98
C GLN A 87 21.30 -2.10 12.88
N MET A 88 20.98 -1.14 13.75
CA MET A 88 21.66 0.14 13.76
C MET A 88 22.99 0.04 14.48
N SER A 89 24.01 0.69 13.94
CA SER A 89 25.34 0.67 14.53
C SER A 89 25.30 1.16 15.98
N ASN A 90 24.86 2.41 16.16
CA ASN A 90 24.77 3.00 17.49
C ASN A 90 23.34 2.90 18.03
N GLY A 1 -21.55 -11.66 -1.02
CA GLY A 1 -21.80 -13.04 -1.43
C GLY A 1 -20.87 -13.48 -2.54
N SER A 2 -19.56 -13.42 -2.29
CA SER A 2 -18.58 -13.82 -3.29
C SER A 2 -17.37 -14.46 -2.63
N SER A 3 -17.11 -15.72 -2.99
CA SER A 3 -15.98 -16.46 -2.43
C SER A 3 -14.67 -15.70 -2.66
N GLY A 4 -13.69 -15.96 -1.80
CA GLY A 4 -12.40 -15.31 -1.93
C GLY A 4 -11.26 -16.30 -2.03
N SER A 5 -10.03 -15.79 -1.94
CA SER A 5 -8.84 -16.63 -2.03
C SER A 5 -7.78 -16.18 -1.03
N SER A 6 -7.38 -17.10 -0.15
CA SER A 6 -6.36 -16.79 0.85
C SER A 6 -5.11 -16.20 0.20
N GLY A 7 -4.58 -16.90 -0.78
CA GLY A 7 -3.39 -16.43 -1.47
C GLY A 7 -3.41 -16.75 -2.96
N ASN A 8 -3.45 -15.72 -3.78
CA ASN A 8 -3.47 -15.89 -5.22
C ASN A 8 -2.99 -14.63 -5.94
N ALA A 9 -2.16 -14.82 -6.96
CA ALA A 9 -1.63 -13.69 -7.72
C ALA A 9 -2.76 -12.89 -8.37
N GLN A 10 -3.23 -11.88 -7.66
CA GLN A 10 -4.31 -11.03 -8.16
C GLN A 10 -4.58 -9.87 -7.21
N ARG A 11 -4.28 -8.66 -7.67
CA ARG A 11 -4.49 -7.47 -6.87
C ARG A 11 -5.82 -7.54 -6.12
N SER A 12 -5.82 -7.08 -4.87
CA SER A 12 -7.02 -7.10 -4.05
C SER A 12 -7.01 -5.96 -3.04
N THR A 13 -8.07 -5.15 -3.06
CA THR A 13 -8.18 -4.01 -2.15
C THR A 13 -8.11 -4.46 -0.70
N LEU A 14 -8.80 -5.56 -0.40
CA LEU A 14 -8.82 -6.10 0.96
C LEU A 14 -7.44 -6.00 1.61
N LYS A 15 -6.40 -6.20 0.80
CA LYS A 15 -5.03 -6.12 1.29
C LYS A 15 -4.56 -4.67 1.37
N TRP A 16 -5.03 -3.85 0.44
CA TRP A 16 -4.66 -2.45 0.41
C TRP A 16 -5.01 -1.75 1.72
N GLU A 17 -6.30 -1.70 2.02
CA GLU A 17 -6.77 -1.06 3.24
C GLU A 17 -5.88 -1.44 4.43
N LYS A 18 -5.43 -2.69 4.44
CA LYS A 18 -4.57 -3.19 5.51
C LYS A 18 -3.28 -2.39 5.58
N GLU A 19 -2.65 -2.18 4.43
CA GLU A 19 -1.39 -1.43 4.37
C GLU A 19 -1.62 0.03 4.73
N GLU A 20 -2.77 0.58 4.32
CA GLU A 20 -3.10 1.97 4.60
C GLU A 20 -2.83 2.30 6.07
N ALA A 21 -3.15 1.36 6.95
CA ALA A 21 -2.93 1.56 8.38
C ALA A 21 -1.44 1.69 8.70
N LEU A 22 -0.62 0.97 7.96
CA LEU A 22 0.83 1.00 8.17
C LEU A 22 1.41 2.34 7.75
N GLY A 23 0.64 3.10 6.98
CA GLY A 23 1.08 4.40 6.52
C GLY A 23 2.39 4.33 5.76
N GLU A 24 3.42 4.98 6.30
CA GLU A 24 4.73 4.98 5.66
C GLU A 24 5.29 3.57 5.54
N MET A 25 4.67 2.63 6.25
CA MET A 25 5.09 1.24 6.23
C MET A 25 4.36 0.48 5.14
N ALA A 26 3.38 1.12 4.52
CA ALA A 26 2.60 0.49 3.46
C ALA A 26 3.49 -0.36 2.55
N THR A 27 3.15 -1.64 2.45
CA THR A 27 3.92 -2.56 1.62
C THR A 27 3.47 -2.50 0.17
N VAL A 28 2.79 -1.42 -0.19
CA VAL A 28 2.30 -1.23 -1.55
C VAL A 28 2.80 0.08 -2.14
N ALA A 29 2.86 0.15 -3.47
CA ALA A 29 3.31 1.35 -4.16
C ALA A 29 2.29 2.48 -4.02
N PRO A 30 1.06 2.22 -4.47
CA PRO A 30 -0.03 3.20 -4.41
C PRO A 30 -0.49 3.46 -2.98
N VAL A 31 -0.79 2.39 -2.25
CA VAL A 31 -1.24 2.49 -0.87
C VAL A 31 -0.22 3.24 -0.02
N LEU A 32 1.00 3.38 -0.53
CA LEU A 32 2.06 4.06 0.18
C LEU A 32 2.12 5.53 -0.22
N TYR A 33 2.26 5.79 -1.52
CA TYR A 33 2.33 7.15 -2.03
C TYR A 33 1.31 8.04 -1.32
N THR A 34 0.06 7.60 -1.29
CA THR A 34 -1.00 8.36 -0.65
C THR A 34 -0.75 8.52 0.84
N ASN A 35 -0.41 7.41 1.50
CA ASN A 35 -0.15 7.42 2.93
C ASN A 35 0.75 8.60 3.31
N ILE A 36 1.76 8.86 2.49
CA ILE A 36 2.68 9.96 2.73
C ILE A 36 2.16 11.26 2.12
N ASN A 37 2.07 11.29 0.80
CA ASN A 37 1.59 12.47 0.10
C ASN A 37 0.30 12.99 0.73
N PHE A 38 -0.68 12.11 0.87
CA PHE A 38 -1.97 12.47 1.46
C PHE A 38 -2.10 11.91 2.87
N PRO A 39 -1.62 12.68 3.86
CA PRO A 39 -1.68 12.29 5.27
C PRO A 39 -3.10 12.29 5.82
N ASN A 40 -3.86 13.32 5.47
CA ASN A 40 -5.24 13.45 5.94
C ASN A 40 -6.20 12.78 4.96
N LEU A 41 -5.64 12.00 4.03
CA LEU A 41 -6.46 11.32 3.03
C LEU A 41 -7.75 10.79 3.65
N LYS A 42 -7.61 9.90 4.61
CA LYS A 42 -8.77 9.32 5.29
C LYS A 42 -9.90 10.34 5.42
N GLU A 43 -9.53 11.57 5.80
CA GLU A 43 -10.51 12.64 5.97
C GLU A 43 -11.28 12.87 4.67
N GLU A 44 -10.55 13.21 3.60
CA GLU A 44 -11.17 13.46 2.30
C GLU A 44 -12.11 12.32 1.93
N PHE A 45 -11.68 11.09 2.17
CA PHE A 45 -12.49 9.91 1.85
C PHE A 45 -12.48 8.92 3.00
N PRO A 46 -13.48 9.02 3.89
CA PRO A 46 -13.61 8.14 5.05
C PRO A 46 -13.96 6.71 4.65
N ASP A 47 -14.96 6.58 3.78
CA ASP A 47 -15.40 5.27 3.33
C ASP A 47 -14.36 4.64 2.39
N TRP A 48 -13.73 3.58 2.86
CA TRP A 48 -12.71 2.89 2.07
C TRP A 48 -13.17 2.70 0.63
N THR A 49 -14.26 1.95 0.46
CA THR A 49 -14.81 1.69 -0.86
C THR A 49 -14.76 2.94 -1.74
N THR A 50 -14.77 4.10 -1.09
CA THR A 50 -14.73 5.37 -1.81
C THR A 50 -13.31 5.92 -1.85
N ARG A 51 -12.55 5.70 -0.79
CA ARG A 51 -11.18 6.17 -0.71
C ARG A 51 -10.27 5.39 -1.65
N VAL A 52 -10.31 4.07 -1.54
CA VAL A 52 -9.50 3.20 -2.38
C VAL A 52 -9.46 3.71 -3.82
N LYS A 53 -10.63 4.09 -4.34
CA LYS A 53 -10.73 4.59 -5.70
C LYS A 53 -9.76 5.74 -5.93
N GLN A 54 -9.62 6.60 -4.92
CA GLN A 54 -8.72 7.74 -5.00
C GLN A 54 -7.26 7.29 -5.09
N ILE A 55 -6.87 6.45 -4.14
CA ILE A 55 -5.50 5.94 -4.10
C ILE A 55 -5.05 5.48 -5.48
N ALA A 56 -5.99 4.99 -6.28
CA ALA A 56 -5.68 4.52 -7.63
C ALA A 56 -5.42 5.69 -8.56
N LYS A 57 -6.41 6.55 -8.75
CA LYS A 57 -6.28 7.70 -9.62
C LYS A 57 -5.05 8.53 -9.24
N LEU A 58 -4.93 8.84 -7.95
CA LEU A 58 -3.80 9.63 -7.46
C LEU A 58 -2.48 8.94 -7.79
N TRP A 59 -2.48 7.62 -7.78
CA TRP A 59 -1.28 6.84 -8.08
C TRP A 59 -0.96 6.89 -9.58
N ARG A 60 -2.01 6.90 -10.40
CA ARG A 60 -1.84 6.93 -11.85
C ARG A 60 -1.14 8.22 -12.28
N LYS A 61 -1.66 9.36 -11.81
CA LYS A 61 -1.08 10.65 -12.14
C LYS A 61 0.44 10.60 -12.10
N ALA A 62 0.98 10.03 -11.03
CA ALA A 62 2.42 9.92 -10.88
C ALA A 62 3.03 9.08 -11.99
N SER A 63 4.07 9.61 -12.63
CA SER A 63 4.75 8.91 -13.71
C SER A 63 5.68 7.83 -13.17
N SER A 64 6.00 6.85 -14.02
CA SER A 64 6.88 5.76 -13.63
C SER A 64 8.07 6.29 -12.83
N GLN A 65 8.77 7.28 -13.40
CA GLN A 65 9.93 7.86 -12.74
C GLN A 65 9.58 8.33 -11.33
N GLU A 66 8.32 8.73 -11.14
CA GLU A 66 7.86 9.21 -9.85
C GLU A 66 7.58 8.04 -8.90
N ARG A 67 7.06 6.96 -9.46
CA ARG A 67 6.74 5.76 -8.68
C ARG A 67 8.00 4.94 -8.40
N ALA A 68 9.05 5.20 -9.17
CA ALA A 68 10.31 4.49 -9.01
C ALA A 68 10.58 4.17 -7.54
N PRO A 69 10.63 5.22 -6.71
CA PRO A 69 10.88 5.07 -5.28
C PRO A 69 9.71 4.41 -4.55
N TYR A 70 8.51 4.96 -4.76
CA TYR A 70 7.31 4.43 -4.12
C TYR A 70 7.09 2.97 -4.50
N VAL A 71 7.76 2.53 -5.56
CA VAL A 71 7.64 1.15 -6.04
C VAL A 71 8.61 0.24 -5.30
N GLN A 72 9.83 0.73 -5.08
CA GLN A 72 10.85 -0.04 -4.40
C GLN A 72 10.59 -0.07 -2.89
N LYS A 73 10.34 1.10 -2.32
CA LYS A 73 10.09 1.22 -0.89
C LYS A 73 9.03 0.21 -0.45
N ALA A 74 7.96 0.10 -1.22
CA ALA A 74 6.87 -0.83 -0.91
C ALA A 74 7.40 -2.24 -0.71
N ARG A 75 8.26 -2.68 -1.64
CA ARG A 75 8.83 -4.02 -1.55
C ARG A 75 9.71 -4.16 -0.31
N ASP A 76 10.62 -3.20 -0.13
CA ASP A 76 11.52 -3.21 1.02
C ASP A 76 10.74 -3.24 2.33
N ASN A 77 9.65 -2.49 2.37
CA ASN A 77 8.81 -2.42 3.56
C ASN A 77 8.41 -3.82 4.02
N ARG A 78 8.12 -4.69 3.06
CA ARG A 78 7.72 -6.06 3.37
C ARG A 78 8.83 -6.79 4.14
N ALA A 79 10.07 -6.55 3.75
CA ALA A 79 11.21 -7.18 4.41
C ALA A 79 11.30 -6.76 5.87
N ALA A 80 11.21 -5.46 6.12
CA ALA A 80 11.28 -4.93 7.48
C ALA A 80 10.51 -5.82 8.46
N LEU A 81 9.26 -6.10 8.13
CA LEU A 81 8.42 -6.93 8.98
C LEU A 81 9.14 -8.22 9.37
N ARG A 82 9.60 -8.95 8.35
CA ARG A 82 10.32 -10.21 8.59
C ARG A 82 11.38 -10.04 9.66
N ILE A 83 12.34 -9.15 9.39
CA ILE A 83 13.42 -8.89 10.32
C ILE A 83 12.88 -8.50 11.69
N ASN A 84 12.16 -7.38 11.74
CA ASN A 84 11.59 -6.90 12.99
C ASN A 84 10.67 -7.94 13.61
N LYS A 85 10.87 -8.21 14.90
CA LYS A 85 10.07 -9.19 15.61
C LYS A 85 10.11 -10.54 14.91
N VAL A 86 11.32 -10.99 14.57
CA VAL A 86 11.51 -12.28 13.90
C VAL A 86 11.33 -13.43 14.88
N GLN A 87 10.70 -14.50 14.41
CA GLN A 87 10.47 -15.67 15.24
C GLN A 87 11.69 -16.59 15.25
N MET A 88 12.05 -17.08 16.43
CA MET A 88 13.21 -17.96 16.56
C MET A 88 12.76 -19.40 16.84
N SER A 89 12.07 -19.59 17.97
CA SER A 89 11.59 -20.91 18.35
C SER A 89 11.07 -21.67 17.14
N ASN A 90 11.75 -22.76 16.79
CA ASN A 90 11.36 -23.58 15.64
C ASN A 90 10.12 -24.40 15.97
N GLY A 1 3.91 -32.46 7.78
CA GLY A 1 4.65 -31.34 7.22
C GLY A 1 3.88 -30.03 7.36
N SER A 2 3.35 -29.55 6.25
CA SER A 2 2.60 -28.30 6.25
C SER A 2 1.10 -28.55 6.25
N SER A 3 0.32 -27.57 6.71
CA SER A 3 -1.13 -27.70 6.77
C SER A 3 -1.78 -27.00 5.59
N GLY A 4 -1.33 -25.78 5.29
CA GLY A 4 -1.88 -25.03 4.19
C GLY A 4 -2.42 -23.68 4.62
N SER A 5 -1.59 -22.65 4.54
CA SER A 5 -1.99 -21.31 4.93
C SER A 5 -2.41 -20.49 3.71
N SER A 6 -3.70 -20.21 3.61
CA SER A 6 -4.23 -19.44 2.50
C SER A 6 -3.27 -18.34 2.08
N GLY A 7 -3.09 -18.18 0.77
CA GLY A 7 -2.18 -17.16 0.27
C GLY A 7 -2.70 -16.51 -0.99
N ASN A 8 -3.40 -15.38 -0.84
CA ASN A 8 -3.95 -14.66 -1.98
C ASN A 8 -3.00 -14.72 -3.17
N ALA A 9 -3.57 -14.91 -4.37
CA ALA A 9 -2.78 -14.98 -5.59
C ALA A 9 -3.00 -13.76 -6.46
N GLN A 10 -4.23 -13.57 -6.90
CA GLN A 10 -4.58 -12.43 -7.75
C GLN A 10 -4.50 -11.13 -6.97
N ARG A 11 -4.80 -10.02 -7.65
CA ARG A 11 -4.76 -8.71 -7.01
C ARG A 11 -6.17 -8.21 -6.70
N SER A 12 -6.30 -7.44 -5.61
CA SER A 12 -7.59 -6.91 -5.20
C SER A 12 -7.41 -5.79 -4.17
N THR A 13 -8.51 -5.15 -3.81
CA THR A 13 -8.48 -4.06 -2.85
C THR A 13 -8.78 -4.57 -1.44
N LEU A 14 -7.83 -5.31 -0.86
CA LEU A 14 -7.99 -5.84 0.48
C LEU A 14 -6.80 -5.46 1.37
N LYS A 15 -5.60 -5.83 0.93
CA LYS A 15 -4.39 -5.52 1.68
C LYS A 15 -4.23 -4.02 1.87
N TRP A 16 -4.54 -3.27 0.82
CA TRP A 16 -4.43 -1.81 0.86
C TRP A 16 -4.98 -1.27 2.17
N GLU A 17 -6.20 -1.68 2.52
CA GLU A 17 -6.83 -1.23 3.75
C GLU A 17 -5.91 -1.45 4.95
N LYS A 18 -5.20 -2.56 4.95
CA LYS A 18 -4.28 -2.89 6.03
C LYS A 18 -3.03 -2.02 5.96
N GLU A 19 -2.38 -2.00 4.79
CA GLU A 19 -1.18 -1.21 4.60
C GLU A 19 -1.45 0.27 4.85
N GLU A 20 -2.69 0.69 4.60
CA GLU A 20 -3.07 2.08 4.80
C GLU A 20 -2.84 2.51 6.24
N ALA A 21 -2.87 1.54 7.16
CA ALA A 21 -2.66 1.82 8.57
C ALA A 21 -1.18 1.97 8.89
N LEU A 22 -0.34 1.23 8.17
CA LEU A 22 1.10 1.28 8.36
C LEU A 22 1.67 2.61 7.89
N GLY A 23 0.89 3.34 7.10
CA GLY A 23 1.32 4.62 6.59
C GLY A 23 2.59 4.51 5.77
N GLU A 24 3.64 5.21 6.20
CA GLU A 24 4.91 5.19 5.48
C GLU A 24 5.47 3.77 5.42
N MET A 25 4.95 2.89 6.26
CA MET A 25 5.40 1.50 6.30
C MET A 25 4.65 0.67 5.27
N ALA A 26 3.63 1.26 4.65
CA ALA A 26 2.84 0.58 3.64
C ALA A 26 3.71 -0.32 2.77
N THR A 27 3.29 -1.57 2.61
CA THR A 27 4.03 -2.53 1.81
C THR A 27 3.62 -2.46 0.34
N VAL A 28 2.80 -1.47 0.00
CA VAL A 28 2.34 -1.29 -1.36
C VAL A 28 2.85 0.02 -1.95
N ALA A 29 2.89 0.08 -3.29
CA ALA A 29 3.35 1.28 -3.97
C ALA A 29 2.35 2.42 -3.83
N PRO A 30 1.10 2.16 -4.26
CA PRO A 30 0.03 3.16 -4.19
C PRO A 30 -0.41 3.45 -2.76
N VAL A 31 -0.53 2.39 -1.96
CA VAL A 31 -0.95 2.52 -0.57
C VAL A 31 0.09 3.29 0.23
N LEU A 32 1.32 3.33 -0.27
CA LEU A 32 2.40 4.03 0.40
C LEU A 32 2.44 5.50 -0.02
N TYR A 33 2.41 5.73 -1.32
CA TYR A 33 2.45 7.08 -1.86
C TYR A 33 1.42 7.98 -1.18
N THR A 34 0.16 7.58 -1.26
CA THR A 34 -0.92 8.35 -0.65
C THR A 34 -0.65 8.60 0.84
N ASN A 35 -0.38 7.52 1.57
CA ASN A 35 -0.09 7.63 3.00
C ASN A 35 0.78 8.84 3.30
N ILE A 36 1.74 9.10 2.39
CA ILE A 36 2.64 10.23 2.56
C ILE A 36 2.07 11.50 1.92
N ASN A 37 1.88 11.45 0.61
CA ASN A 37 1.34 12.59 -0.13
C ASN A 37 0.03 13.07 0.51
N PHE A 38 -0.93 12.16 0.62
CA PHE A 38 -2.22 12.50 1.21
C PHE A 38 -2.36 11.89 2.61
N PRO A 39 -1.88 12.61 3.62
CA PRO A 39 -1.93 12.18 5.02
C PRO A 39 -3.35 12.17 5.57
N ASN A 40 -4.11 13.21 5.25
CA ASN A 40 -5.49 13.34 5.72
C ASN A 40 -6.44 12.66 4.75
N LEU A 41 -5.91 11.81 3.88
CA LEU A 41 -6.72 11.09 2.90
C LEU A 41 -7.99 10.56 3.53
N LYS A 42 -7.85 9.72 4.54
CA LYS A 42 -8.98 9.14 5.24
C LYS A 42 -10.12 10.15 5.36
N GLU A 43 -9.77 11.40 5.64
CA GLU A 43 -10.75 12.46 5.77
C GLU A 43 -11.48 12.70 4.45
N GLU A 44 -10.73 13.15 3.44
CA GLU A 44 -11.31 13.42 2.13
C GLU A 44 -12.27 12.32 1.72
N PHE A 45 -11.87 11.07 1.93
CA PHE A 45 -12.71 9.92 1.58
C PHE A 45 -12.71 8.90 2.71
N PRO A 46 -13.72 9.00 3.59
CA PRO A 46 -13.86 8.09 4.73
C PRO A 46 -14.26 6.69 4.30
N ASP A 47 -15.27 6.59 3.44
CA ASP A 47 -15.75 5.30 2.95
C ASP A 47 -14.69 4.63 2.08
N TRP A 48 -14.17 3.51 2.56
CA TRP A 48 -13.15 2.76 1.83
C TRP A 48 -13.49 2.67 0.36
N THR A 49 -14.57 1.96 0.05
CA THR A 49 -15.01 1.79 -1.33
C THR A 49 -14.89 3.10 -2.11
N THR A 50 -14.92 4.22 -1.39
CA THR A 50 -14.81 5.53 -2.01
C THR A 50 -13.36 6.02 -2.02
N ARG A 51 -12.64 5.70 -0.96
CA ARG A 51 -11.24 6.12 -0.85
C ARG A 51 -10.37 5.32 -1.82
N VAL A 52 -10.48 4.00 -1.77
CA VAL A 52 -9.70 3.12 -2.64
C VAL A 52 -9.69 3.65 -4.06
N LYS A 53 -10.85 4.03 -4.57
CA LYS A 53 -10.98 4.55 -5.92
C LYS A 53 -10.00 5.70 -6.15
N GLN A 54 -9.76 6.48 -5.10
CA GLN A 54 -8.84 7.61 -5.19
C GLN A 54 -7.40 7.14 -5.36
N ILE A 55 -6.90 6.43 -4.36
CA ILE A 55 -5.53 5.92 -4.40
C ILE A 55 -5.15 5.48 -5.80
N ALA A 56 -6.13 4.99 -6.57
CA ALA A 56 -5.90 4.55 -7.92
C ALA A 56 -5.68 5.73 -8.86
N LYS A 57 -6.58 6.71 -8.79
CA LYS A 57 -6.48 7.90 -9.63
C LYS A 57 -5.25 8.72 -9.26
N LEU A 58 -4.97 8.80 -7.96
CA LEU A 58 -3.83 9.57 -7.48
C LEU A 58 -2.51 8.85 -7.79
N TRP A 59 -2.56 7.51 -7.77
CA TRP A 59 -1.38 6.70 -8.05
C TRP A 59 -0.99 6.82 -9.52
N ARG A 60 -1.95 6.59 -10.41
CA ARG A 60 -1.70 6.65 -11.84
C ARG A 60 -1.17 8.04 -12.23
N LYS A 61 -1.86 9.08 -11.79
CA LYS A 61 -1.45 10.45 -12.09
C LYS A 61 0.05 10.60 -11.98
N ALA A 62 0.63 10.05 -10.93
CA ALA A 62 2.07 10.12 -10.71
C ALA A 62 2.83 9.39 -11.81
N SER A 63 3.72 10.10 -12.49
CA SER A 63 4.52 9.51 -13.56
C SER A 63 5.36 8.35 -13.05
N SER A 64 5.78 7.48 -13.97
CA SER A 64 6.58 6.33 -13.61
C SER A 64 7.80 6.74 -12.77
N GLN A 65 8.51 7.76 -13.24
CA GLN A 65 9.68 8.26 -12.54
C GLN A 65 9.33 8.66 -11.10
N GLU A 66 8.04 8.86 -10.85
CA GLU A 66 7.57 9.23 -9.52
C GLU A 66 7.36 8.01 -8.64
N ARG A 67 6.83 6.94 -9.23
CA ARG A 67 6.57 5.71 -8.51
C ARG A 67 7.87 4.90 -8.33
N ALA A 68 8.86 5.20 -9.17
CA ALA A 68 10.13 4.51 -9.10
C ALA A 68 10.48 4.13 -7.67
N PRO A 69 10.56 5.13 -6.79
CA PRO A 69 10.89 4.93 -5.38
C PRO A 69 9.76 4.23 -4.62
N TYR A 70 8.56 4.76 -4.75
CA TYR A 70 7.39 4.19 -4.07
C TYR A 70 7.16 2.75 -4.52
N VAL A 71 7.81 2.36 -5.61
CA VAL A 71 7.67 1.01 -6.15
C VAL A 71 8.66 0.07 -5.48
N GLN A 72 9.87 0.56 -5.22
CA GLN A 72 10.90 -0.25 -4.58
C GLN A 72 10.73 -0.26 -3.07
N LYS A 73 10.46 0.91 -2.50
CA LYS A 73 10.27 1.04 -1.06
C LYS A 73 9.24 0.03 -0.55
N ALA A 74 8.10 -0.02 -1.22
CA ALA A 74 7.04 -0.94 -0.83
C ALA A 74 7.58 -2.34 -0.59
N ARG A 75 8.32 -2.87 -1.55
CA ARG A 75 8.90 -4.19 -1.44
C ARG A 75 9.80 -4.29 -0.21
N ASP A 76 10.68 -3.31 -0.05
CA ASP A 76 11.59 -3.27 1.08
C ASP A 76 10.83 -3.31 2.41
N ASN A 77 9.72 -2.59 2.46
CA ASN A 77 8.89 -2.54 3.67
C ASN A 77 8.48 -3.94 4.10
N ARG A 78 8.24 -4.80 3.13
CA ARG A 78 7.84 -6.18 3.41
C ARG A 78 8.93 -6.92 4.18
N ALA A 79 10.19 -6.66 3.82
CA ALA A 79 11.32 -7.30 4.48
C ALA A 79 11.36 -6.94 5.96
N ALA A 80 11.26 -5.64 6.26
CA ALA A 80 11.29 -5.17 7.63
C ALA A 80 10.44 -6.06 8.54
N LEU A 81 9.24 -6.39 8.07
CA LEU A 81 8.33 -7.23 8.84
C LEU A 81 8.94 -8.61 9.09
N ARG A 82 9.37 -9.26 8.02
CA ARG A 82 9.98 -10.58 8.12
C ARG A 82 10.96 -10.64 9.29
N ILE A 83 12.01 -9.83 9.21
CA ILE A 83 13.02 -9.79 10.26
C ILE A 83 12.39 -9.51 11.63
N ASN A 84 11.56 -8.49 11.70
CA ASN A 84 10.89 -8.13 12.94
C ASN A 84 9.52 -8.78 13.03
N LYS A 85 9.49 -10.06 13.41
CA LYS A 85 8.25 -10.79 13.54
C LYS A 85 8.32 -11.80 14.69
N VAL A 86 7.22 -11.94 15.42
CA VAL A 86 7.17 -12.88 16.54
C VAL A 86 6.63 -14.23 16.10
N GLN A 87 7.50 -15.22 16.04
CA GLN A 87 7.10 -16.57 15.64
C GLN A 87 6.01 -17.11 16.55
N MET A 88 4.89 -17.50 15.96
CA MET A 88 3.76 -18.03 16.71
C MET A 88 3.56 -19.51 16.41
N SER A 89 3.45 -20.31 17.46
CA SER A 89 3.25 -21.75 17.30
C SER A 89 1.77 -22.10 17.30
N ASN A 90 1.46 -23.37 17.06
CA ASN A 90 0.08 -23.84 17.03
C ASN A 90 -0.38 -24.23 18.43
#